data_2HMH
# 
_entry.id   2HMH 
# 
_audit_conform.dict_name       mmcif_pdbx.dic 
_audit_conform.dict_version    5.399 
_audit_conform.dict_location   http://mmcif.pdb.org/dictionaries/ascii/mmcif_pdbx.dic 
# 
loop_
_database_2.database_id 
_database_2.database_code 
_database_2.pdbx_database_accession 
_database_2.pdbx_DOI 
PDB   2HMH         pdb_00002hmh 10.2210/pdb2hmh/pdb 
RCSB  RCSB038515   ?            ?                   
WWPDB D_1000038515 ?            ?                   
# 
loop_
_pdbx_audit_revision_history.ordinal 
_pdbx_audit_revision_history.data_content_type 
_pdbx_audit_revision_history.major_revision 
_pdbx_audit_revision_history.minor_revision 
_pdbx_audit_revision_history.revision_date 
1 'Structure model' 1 0 2006-08-15 
2 'Structure model' 1 1 2008-05-01 
3 'Structure model' 1 2 2011-07-13 
4 'Structure model' 1 3 2017-08-16 
5 'Structure model' 1 4 2023-08-30 
6 'Structure model' 1 5 2023-11-15 
7 'Structure model' 1 6 2024-11-20 
# 
_pdbx_audit_revision_details.ordinal             1 
_pdbx_audit_revision_details.revision_ordinal    1 
_pdbx_audit_revision_details.data_content_type   'Structure model' 
_pdbx_audit_revision_details.provider            repository 
_pdbx_audit_revision_details.type                'Initial release' 
_pdbx_audit_revision_details.description         ? 
_pdbx_audit_revision_details.details             ? 
# 
loop_
_pdbx_audit_revision_group.ordinal 
_pdbx_audit_revision_group.revision_ordinal 
_pdbx_audit_revision_group.data_content_type 
_pdbx_audit_revision_group.group 
1 2 'Structure model' 'Version format compliance' 
2 3 'Structure model' 'Version format compliance' 
3 4 'Structure model' 'Source and taxonomy'       
4 5 'Structure model' 'Data collection'           
5 5 'Structure model' 'Database references'       
6 5 'Structure model' 'Derived calculations'      
7 5 'Structure model' 'Refinement description'    
8 6 'Structure model' 'Data collection'           
9 7 'Structure model' 'Structure summary'         
# 
loop_
_pdbx_audit_revision_category.ordinal 
_pdbx_audit_revision_category.revision_ordinal 
_pdbx_audit_revision_category.data_content_type 
_pdbx_audit_revision_category.category 
1  4 'Structure model' entity_src_gen                
2  5 'Structure model' chem_comp_atom                
3  5 'Structure model' chem_comp_bond                
4  5 'Structure model' database_2                    
5  5 'Structure model' pdbx_initial_refinement_model 
6  5 'Structure model' struct_conn                   
7  5 'Structure model' struct_ref_seq_dif            
8  6 'Structure model' chem_comp_atom                
9  6 'Structure model' chem_comp_bond                
10 7 'Structure model' pdbx_entry_details            
11 7 'Structure model' pdbx_modification_feature     
# 
loop_
_pdbx_audit_revision_item.ordinal 
_pdbx_audit_revision_item.revision_ordinal 
_pdbx_audit_revision_item.data_content_type 
_pdbx_audit_revision_item.item 
1 5 'Structure model' '_database_2.pdbx_DOI'                
2 5 'Structure model' '_database_2.pdbx_database_accession' 
3 5 'Structure model' '_struct_conn.pdbx_leaving_atom_flag' 
4 5 'Structure model' '_struct_ref_seq_dif.details'         
5 6 'Structure model' '_chem_comp_atom.atom_id'             
6 6 'Structure model' '_chem_comp_bond.atom_id_2'           
# 
_pdbx_database_status.status_code                     REL 
_pdbx_database_status.entry_id                        2HMH 
_pdbx_database_status.recvd_initial_deposition_date   2006-07-11 
_pdbx_database_status.deposit_site                    RCSB 
_pdbx_database_status.process_site                    RCSB 
_pdbx_database_status.status_code_sf                  REL 
_pdbx_database_status.status_code_mr                  ? 
_pdbx_database_status.SG_entry                        ? 
_pdbx_database_status.pdb_format_compatible           Y 
_pdbx_database_status.status_code_cs                  ? 
_pdbx_database_status.methods_development_category    ? 
_pdbx_database_status.status_code_nmr_data            ? 
# 
loop_
_audit_author.name 
_audit_author.pdbx_ordinal 
'Bergamin, E.'  1 
'Wu, J.'        2 
'Hubbard, S.R.' 3 
# 
_citation.id                        primary 
_citation.title                     'Structural basis for phosphotyrosine recognition by suppressor of cytokine signaling-3.' 
_citation.journal_abbrev            Structure 
_citation.journal_volume            14 
_citation.page_first                1285 
_citation.page_last                 1292 
_citation.year                      2006 
_citation.journal_id_ASTM           STRUE6 
_citation.country                   UK 
_citation.journal_id_ISSN           0969-2126 
_citation.journal_id_CSD            2005 
_citation.book_publisher            ? 
_citation.pdbx_database_id_PubMed   16905102 
_citation.pdbx_database_id_DOI      10.1016/j.str.2006.06.011 
# 
loop_
_citation_author.citation_id 
_citation_author.name 
_citation_author.ordinal 
_citation_author.identifier_ORCID 
primary 'Bergamin, E.'  1 ? 
primary 'Wu, J.'        2 ? 
primary 'Hubbard, S.R.' 3 ? 
# 
loop_
_entity.id 
_entity.type 
_entity.src_method 
_entity.pdbx_description 
_entity.formula_weight 
_entity.pdbx_number_of_molecules 
_entity.pdbx_ec 
_entity.pdbx_mutation 
_entity.pdbx_fragment 
_entity.details 
1 polymer man 'Suppressor of cytokine signaling 3' 17043.008 1  ? ? ? ? 
2 polymer syn 'Interleukin-6 receptor beta chain'  1289.262  1  ? ? ? ? 
3 water   nat water                                18.015    58 ? ? ? ? 
# 
loop_
_entity_name_com.entity_id 
_entity_name_com.name 
1 'SOCS-3, Cytokine-inducible SH2 protein 3, CIS-3, Protein EF-10'                               
2 'IL-6R-beta, Interleukin 6 signal transducer, Membrane glycoprotein 130, gp130, CD130 antigen' 
# 
loop_
_entity_poly.entity_id 
_entity_poly.type 
_entity_poly.nstd_linkage 
_entity_poly.nstd_monomer 
_entity_poly.pdbx_seq_one_letter_code 
_entity_poly.pdbx_seq_one_letter_code_can 
_entity_poly.pdbx_strand_id 
_entity_poly.pdbx_target_identifier 
1 'polypeptide(L)' no yes 
;GSEFPLDTSLRLKTFSSKSEYQLVVNAVRKLQESGFYWSAVTGGEANLLLSAEPAGTFLIRDSSDQRHFFTLSVKTQSGT
KNLRIQ(CAS)EGGSFSLQSDPRSTQPVPRFD(CAS)VLKLVHHYMPPQALPGSTPKRAYYIYSGGEKIPLVLSRPLSSN
;
;GSEFPLDTSLRLKTFSSKSEYQLVVNAVRKLQESGFYWSAVTGGEANLLLSAEPAGTFLIRDSSDQRHFFTLSVKTQSGT
KNLRIQCEGGSFSLQSDPRSTQPVPRFDCVLKLVHHYMPPQALPGSTPKRAYYIYSGGEKIPLVLSRPLSSN
;
A ? 
2 'polypeptide(L)' no yes 'STVE(PTR)STVVHS' STVEYSTVVHS B ? 
# 
_pdbx_entity_nonpoly.entity_id   3 
_pdbx_entity_nonpoly.name        water 
_pdbx_entity_nonpoly.comp_id     HOH 
# 
loop_
_entity_poly_seq.entity_id 
_entity_poly_seq.num 
_entity_poly_seq.mon_id 
_entity_poly_seq.hetero 
1 1   GLY n 
1 2   SER n 
1 3   GLU n 
1 4   PHE n 
1 5   PRO n 
1 6   LEU n 
1 7   ASP n 
1 8   THR n 
1 9   SER n 
1 10  LEU n 
1 11  ARG n 
1 12  LEU n 
1 13  LYS n 
1 14  THR n 
1 15  PHE n 
1 16  SER n 
1 17  SER n 
1 18  LYS n 
1 19  SER n 
1 20  GLU n 
1 21  TYR n 
1 22  GLN n 
1 23  LEU n 
1 24  VAL n 
1 25  VAL n 
1 26  ASN n 
1 27  ALA n 
1 28  VAL n 
1 29  ARG n 
1 30  LYS n 
1 31  LEU n 
1 32  GLN n 
1 33  GLU n 
1 34  SER n 
1 35  GLY n 
1 36  PHE n 
1 37  TYR n 
1 38  TRP n 
1 39  SER n 
1 40  ALA n 
1 41  VAL n 
1 42  THR n 
1 43  GLY n 
1 44  GLY n 
1 45  GLU n 
1 46  ALA n 
1 47  ASN n 
1 48  LEU n 
1 49  LEU n 
1 50  LEU n 
1 51  SER n 
1 52  ALA n 
1 53  GLU n 
1 54  PRO n 
1 55  ALA n 
1 56  GLY n 
1 57  THR n 
1 58  PHE n 
1 59  LEU n 
1 60  ILE n 
1 61  ARG n 
1 62  ASP n 
1 63  SER n 
1 64  SER n 
1 65  ASP n 
1 66  GLN n 
1 67  ARG n 
1 68  HIS n 
1 69  PHE n 
1 70  PHE n 
1 71  THR n 
1 72  LEU n 
1 73  SER n 
1 74  VAL n 
1 75  LYS n 
1 76  THR n 
1 77  GLN n 
1 78  SER n 
1 79  GLY n 
1 80  THR n 
1 81  LYS n 
1 82  ASN n 
1 83  LEU n 
1 84  ARG n 
1 85  ILE n 
1 86  GLN n 
1 87  CAS n 
1 88  GLU n 
1 89  GLY n 
1 90  GLY n 
1 91  SER n 
1 92  PHE n 
1 93  SER n 
1 94  LEU n 
1 95  GLN n 
1 96  SER n 
1 97  ASP n 
1 98  PRO n 
1 99  ARG n 
1 100 SER n 
1 101 THR n 
1 102 GLN n 
1 103 PRO n 
1 104 VAL n 
1 105 PRO n 
1 106 ARG n 
1 107 PHE n 
1 108 ASP n 
1 109 CAS n 
1 110 VAL n 
1 111 LEU n 
1 112 LYS n 
1 113 LEU n 
1 114 VAL n 
1 115 HIS n 
1 116 HIS n 
1 117 TYR n 
1 118 MET n 
1 119 PRO n 
1 120 PRO n 
1 121 GLN n 
1 122 ALA n 
1 123 LEU n 
1 124 PRO n 
1 125 GLY n 
1 126 SER n 
1 127 THR n 
1 128 PRO n 
1 129 LYS n 
1 130 ARG n 
1 131 ALA n 
1 132 TYR n 
1 133 TYR n 
1 134 ILE n 
1 135 TYR n 
1 136 SER n 
1 137 GLY n 
1 138 GLY n 
1 139 GLU n 
1 140 LYS n 
1 141 ILE n 
1 142 PRO n 
1 143 LEU n 
1 144 VAL n 
1 145 LEU n 
1 146 SER n 
1 147 ARG n 
1 148 PRO n 
1 149 LEU n 
1 150 SER n 
1 151 SER n 
1 152 ASN n 
2 1   SER n 
2 2   THR n 
2 3   VAL n 
2 4   GLU n 
2 5   PTR n 
2 6   SER n 
2 7   THR n 
2 8   VAL n 
2 9   VAL n 
2 10  HIS n 
2 11  SER n 
# 
loop_
_entity_src_gen.entity_id 
_entity_src_gen.pdbx_src_id 
_entity_src_gen.pdbx_alt_source_flag 
_entity_src_gen.pdbx_seq_type 
_entity_src_gen.pdbx_beg_seq_num 
_entity_src_gen.pdbx_end_seq_num 
_entity_src_gen.gene_src_common_name 
_entity_src_gen.gene_src_genus 
_entity_src_gen.pdbx_gene_src_gene 
_entity_src_gen.gene_src_species 
_entity_src_gen.gene_src_strain 
_entity_src_gen.gene_src_tissue 
_entity_src_gen.gene_src_tissue_fraction 
_entity_src_gen.gene_src_details 
_entity_src_gen.pdbx_gene_src_fragment 
_entity_src_gen.pdbx_gene_src_scientific_name 
_entity_src_gen.pdbx_gene_src_ncbi_taxonomy_id 
_entity_src_gen.pdbx_gene_src_variant 
_entity_src_gen.pdbx_gene_src_cell_line 
_entity_src_gen.pdbx_gene_src_atcc 
_entity_src_gen.pdbx_gene_src_organ 
_entity_src_gen.pdbx_gene_src_organelle 
_entity_src_gen.pdbx_gene_src_cell 
_entity_src_gen.pdbx_gene_src_cellular_location 
_entity_src_gen.host_org_common_name 
_entity_src_gen.pdbx_host_org_scientific_name 
_entity_src_gen.pdbx_host_org_ncbi_taxonomy_id 
_entity_src_gen.host_org_genus 
_entity_src_gen.pdbx_host_org_gene 
_entity_src_gen.pdbx_host_org_organ 
_entity_src_gen.host_org_species 
_entity_src_gen.pdbx_host_org_tissue 
_entity_src_gen.pdbx_host_org_tissue_fraction 
_entity_src_gen.pdbx_host_org_strain 
_entity_src_gen.pdbx_host_org_variant 
_entity_src_gen.pdbx_host_org_cell_line 
_entity_src_gen.pdbx_host_org_atcc 
_entity_src_gen.pdbx_host_org_culture_collection 
_entity_src_gen.pdbx_host_org_cell 
_entity_src_gen.pdbx_host_org_organelle 
_entity_src_gen.pdbx_host_org_cellular_location 
_entity_src_gen.pdbx_host_org_vector_type 
_entity_src_gen.pdbx_host_org_vector 
_entity_src_gen.host_org_details 
_entity_src_gen.expression_system_id 
_entity_src_gen.plasmid_name 
_entity_src_gen.plasmid_details 
_entity_src_gen.pdbx_description 
1 1 sample ? 5   120 'house mouse' Mus Socs3 ? ? ? ? ? ? 'Mus musculus' 10090 ? ? ? ? ? ? ? ? 'Escherichia coli BL21(DE3)' 469008 
Escherichia ? ? 'Escherichia coli' ? ? 'BL21(DE3)' ? ? ? ? ? ? ? ? ? ? ? ? ? ? 
1 2 sample ? 121 152 'house mouse' Mus Socs3 ? ? ? ? ? ? 'Mus musculus' 10090 ? ? ? ? ? ? ? ? 'Escherichia coli BL21(DE3)' 469008 
Escherichia ? ? 'Escherichia coli' ? ? 'BL21(DE3)' ? ? ? ? ? ? ? ? ? ? ? ? ? ? 
# 
_pdbx_entity_src_syn.entity_id              2 
_pdbx_entity_src_syn.pdbx_src_id            1 
_pdbx_entity_src_syn.pdbx_alt_source_flag   sample 
_pdbx_entity_src_syn.pdbx_beg_seq_num       ? 
_pdbx_entity_src_syn.pdbx_end_seq_num       ? 
_pdbx_entity_src_syn.organism_scientific    ? 
_pdbx_entity_src_syn.organism_common_name   ? 
_pdbx_entity_src_syn.ncbi_taxonomy_id       ? 
_pdbx_entity_src_syn.details                'This sequence occurs naturally in mice.' 
# 
loop_
_chem_comp.id 
_chem_comp.type 
_chem_comp.mon_nstd_flag 
_chem_comp.name 
_chem_comp.pdbx_synonyms 
_chem_comp.formula 
_chem_comp.formula_weight 
ALA 'L-peptide linking' y ALANINE                       ?                 'C3 H7 N O2'       89.093  
ARG 'L-peptide linking' y ARGININE                      ?                 'C6 H15 N4 O2 1'   175.209 
ASN 'L-peptide linking' y ASPARAGINE                    ?                 'C4 H8 N2 O3'      132.118 
ASP 'L-peptide linking' y 'ASPARTIC ACID'               ?                 'C4 H7 N O4'       133.103 
CAS 'L-peptide linking' n 'S-(DIMETHYLARSENIC)CYSTEINE' ?                 'C5 H12 As N O2 S' 225.141 
CYS 'L-peptide linking' y CYSTEINE                      ?                 'C3 H7 N O2 S'     121.158 
GLN 'L-peptide linking' y GLUTAMINE                     ?                 'C5 H10 N2 O3'     146.144 
GLU 'L-peptide linking' y 'GLUTAMIC ACID'               ?                 'C5 H9 N O4'       147.129 
GLY 'peptide linking'   y GLYCINE                       ?                 'C2 H5 N O2'       75.067  
HIS 'L-peptide linking' y HISTIDINE                     ?                 'C6 H10 N3 O2 1'   156.162 
HOH non-polymer         . WATER                         ?                 'H2 O'             18.015  
ILE 'L-peptide linking' y ISOLEUCINE                    ?                 'C6 H13 N O2'      131.173 
LEU 'L-peptide linking' y LEUCINE                       ?                 'C6 H13 N O2'      131.173 
LYS 'L-peptide linking' y LYSINE                        ?                 'C6 H15 N2 O2 1'   147.195 
MET 'L-peptide linking' y METHIONINE                    ?                 'C5 H11 N O2 S'    149.211 
PHE 'L-peptide linking' y PHENYLALANINE                 ?                 'C9 H11 N O2'      165.189 
PRO 'L-peptide linking' y PROLINE                       ?                 'C5 H9 N O2'       115.130 
PTR 'L-peptide linking' n O-PHOSPHOTYROSINE             PHOSPHONOTYROSINE 'C9 H12 N O6 P'    261.168 
SER 'L-peptide linking' y SERINE                        ?                 'C3 H7 N O3'       105.093 
THR 'L-peptide linking' y THREONINE                     ?                 'C4 H9 N O3'       119.119 
TRP 'L-peptide linking' y TRYPTOPHAN                    ?                 'C11 H12 N2 O2'    204.225 
TYR 'L-peptide linking' y TYROSINE                      ?                 'C9 H11 N O3'      181.189 
VAL 'L-peptide linking' y VALINE                        ?                 'C5 H11 N O2'      117.146 
# 
loop_
_pdbx_poly_seq_scheme.asym_id 
_pdbx_poly_seq_scheme.entity_id 
_pdbx_poly_seq_scheme.seq_id 
_pdbx_poly_seq_scheme.mon_id 
_pdbx_poly_seq_scheme.ndb_seq_num 
_pdbx_poly_seq_scheme.pdb_seq_num 
_pdbx_poly_seq_scheme.auth_seq_num 
_pdbx_poly_seq_scheme.pdb_mon_id 
_pdbx_poly_seq_scheme.auth_mon_id 
_pdbx_poly_seq_scheme.pdb_strand_id 
_pdbx_poly_seq_scheme.pdb_ins_code 
_pdbx_poly_seq_scheme.hetero 
A 1 1   GLY 1   11  ?   ?   ?   A . n 
A 1 2   SER 2   12  ?   ?   ?   A . n 
A 1 3   GLU 3   13  ?   ?   ?   A . n 
A 1 4   PHE 4   14  ?   ?   ?   A . n 
A 1 5   PRO 5   15  ?   ?   ?   A . n 
A 1 6   LEU 6   16  ?   ?   ?   A . n 
A 1 7   ASP 7   17  ?   ?   ?   A . n 
A 1 8   THR 8   18  ?   ?   ?   A . n 
A 1 9   SER 9   19  ?   ?   ?   A . n 
A 1 10  LEU 10  20  ?   ?   ?   A . n 
A 1 11  ARG 11  21  ?   ?   ?   A . n 
A 1 12  LEU 12  22  ?   ?   ?   A . n 
A 1 13  LYS 13  23  ?   ?   ?   A . n 
A 1 14  THR 14  24  ?   ?   ?   A . n 
A 1 15  PHE 15  25  ?   ?   ?   A . n 
A 1 16  SER 16  26  ?   ?   ?   A . n 
A 1 17  SER 17  27  ?   ?   ?   A . n 
A 1 18  LYS 18  28  ?   ?   ?   A . n 
A 1 19  SER 19  29  29  SER SER A . n 
A 1 20  GLU 20  30  30  GLU GLU A . n 
A 1 21  TYR 21  31  31  TYR TYR A . n 
A 1 22  GLN 22  32  32  GLN GLN A . n 
A 1 23  LEU 23  33  33  LEU LEU A . n 
A 1 24  VAL 24  34  34  VAL VAL A . n 
A 1 25  VAL 25  35  35  VAL VAL A . n 
A 1 26  ASN 26  36  36  ASN ASN A . n 
A 1 27  ALA 27  37  37  ALA ALA A . n 
A 1 28  VAL 28  38  38  VAL VAL A . n 
A 1 29  ARG 29  39  39  ARG ARG A . n 
A 1 30  LYS 30  40  40  LYS LYS A . n 
A 1 31  LEU 31  41  41  LEU LEU A . n 
A 1 32  GLN 32  42  42  GLN GLN A . n 
A 1 33  GLU 33  43  43  GLU GLU A . n 
A 1 34  SER 34  44  44  SER SER A . n 
A 1 35  GLY 35  45  45  GLY GLY A . n 
A 1 36  PHE 36  46  46  PHE PHE A . n 
A 1 37  TYR 37  47  47  TYR TYR A . n 
A 1 38  TRP 38  48  48  TRP TRP A . n 
A 1 39  SER 39  49  49  SER SER A . n 
A 1 40  ALA 40  50  50  ALA ALA A . n 
A 1 41  VAL 41  51  51  VAL VAL A . n 
A 1 42  THR 42  52  52  THR THR A . n 
A 1 43  GLY 43  53  53  GLY GLY A . n 
A 1 44  GLY 44  54  54  GLY GLY A . n 
A 1 45  GLU 45  55  55  GLU GLU A . n 
A 1 46  ALA 46  56  56  ALA ALA A . n 
A 1 47  ASN 47  57  57  ASN ASN A . n 
A 1 48  LEU 48  58  58  LEU LEU A . n 
A 1 49  LEU 49  59  59  LEU LEU A . n 
A 1 50  LEU 50  60  60  LEU LEU A . n 
A 1 51  SER 51  61  61  SER SER A . n 
A 1 52  ALA 52  62  62  ALA ALA A . n 
A 1 53  GLU 53  63  63  GLU GLU A . n 
A 1 54  PRO 54  64  64  PRO PRO A . n 
A 1 55  ALA 55  65  65  ALA ALA A . n 
A 1 56  GLY 56  66  66  GLY GLY A . n 
A 1 57  THR 57  67  67  THR THR A . n 
A 1 58  PHE 58  68  68  PHE PHE A . n 
A 1 59  LEU 59  69  69  LEU LEU A . n 
A 1 60  ILE 60  70  70  ILE ILE A . n 
A 1 61  ARG 61  71  71  ARG ARG A . n 
A 1 62  ASP 62  72  72  ASP ASP A . n 
A 1 63  SER 63  73  73  SER SER A . n 
A 1 64  SER 64  74  74  SER SER A . n 
A 1 65  ASP 65  75  75  ASP ASP A . n 
A 1 66  GLN 66  76  76  GLN GLN A . n 
A 1 67  ARG 67  77  77  ARG ARG A . n 
A 1 68  HIS 68  78  78  HIS HIS A . n 
A 1 69  PHE 69  79  79  PHE PHE A . n 
A 1 70  PHE 70  80  80  PHE PHE A . n 
A 1 71  THR 71  81  81  THR THR A . n 
A 1 72  LEU 72  82  82  LEU LEU A . n 
A 1 73  SER 73  83  83  SER SER A . n 
A 1 74  VAL 74  84  84  VAL VAL A . n 
A 1 75  LYS 75  85  85  LYS LYS A . n 
A 1 76  THR 76  86  86  THR THR A . n 
A 1 77  GLN 77  87  87  GLN GLN A . n 
A 1 78  SER 78  88  88  SER SER A . n 
A 1 79  GLY 79  89  89  GLY GLY A . n 
A 1 80  THR 80  90  90  THR THR A . n 
A 1 81  LYS 81  91  91  LYS LYS A . n 
A 1 82  ASN 82  92  92  ASN ASN A . n 
A 1 83  LEU 83  93  93  LEU LEU A . n 
A 1 84  ARG 84  94  94  ARG ARG A . n 
A 1 85  ILE 85  95  95  ILE ILE A . n 
A 1 86  GLN 86  96  96  GLN GLN A . n 
A 1 87  CAS 87  97  97  CAS CAS A . n 
A 1 88  GLU 88  98  98  GLU GLU A . n 
A 1 89  GLY 89  99  99  GLY GLY A . n 
A 1 90  GLY 90  100 100 GLY GLY A . n 
A 1 91  SER 91  101 101 SER SER A . n 
A 1 92  PHE 92  102 102 PHE PHE A . n 
A 1 93  SER 93  103 103 SER SER A . n 
A 1 94  LEU 94  104 104 LEU LEU A . n 
A 1 95  GLN 95  105 105 GLN GLN A . n 
A 1 96  SER 96  106 106 SER SER A . n 
A 1 97  ASP 97  107 107 ASP ASP A . n 
A 1 98  PRO 98  108 108 PRO PRO A . n 
A 1 99  ARG 99  109 109 ARG ARG A . n 
A 1 100 SER 100 110 110 SER SER A . n 
A 1 101 THR 101 111 111 THR THR A . n 
A 1 102 GLN 102 112 112 GLN GLN A . n 
A 1 103 PRO 103 113 113 PRO PRO A . n 
A 1 104 VAL 104 114 114 VAL VAL A . n 
A 1 105 PRO 105 115 115 PRO PRO A . n 
A 1 106 ARG 106 116 116 ARG ARG A . n 
A 1 107 PHE 107 117 117 PHE PHE A . n 
A 1 108 ASP 108 118 118 ASP ASP A . n 
A 1 109 CAS 109 119 119 CAS CAS A . n 
A 1 110 VAL 110 120 120 VAL VAL A . n 
A 1 111 LEU 111 121 121 LEU LEU A . n 
A 1 112 LYS 112 122 122 LYS LYS A . n 
A 1 113 LEU 113 123 123 LEU LEU A . n 
A 1 114 VAL 114 124 124 VAL VAL A . n 
A 1 115 HIS 115 125 125 HIS HIS A . n 
A 1 116 HIS 116 126 126 HIS HIS A . n 
A 1 117 TYR 117 127 127 TYR TYR A . n 
A 1 118 MET 118 128 128 MET MET A . n 
A 1 119 PRO 119 129 129 PRO PRO A . n 
A 1 120 PRO 120 130 130 PRO PRO A . n 
A 1 121 GLN 121 131 131 GLN GLN A . n 
A 1 122 ALA 122 132 ?   ?   ?   A . n 
A 1 123 LEU 123 133 ?   ?   ?   A . n 
A 1 124 PRO 124 134 ?   ?   ?   A . n 
A 1 125 GLY 125 135 ?   ?   ?   A . n 
A 1 126 SER 126 136 ?   ?   ?   A . n 
A 1 127 THR 127 137 ?   ?   ?   A . n 
A 1 128 PRO 128 138 ?   ?   ?   A . n 
A 1 129 LYS 129 139 ?   ?   ?   A . n 
A 1 130 ARG 130 140 ?   ?   ?   A . n 
A 1 131 ALA 131 141 141 ALA ALA A . n 
A 1 132 TYR 132 142 142 TYR TYR A . n 
A 1 133 TYR 133 143 143 TYR TYR A . n 
A 1 134 ILE 134 144 144 ILE ILE A . n 
A 1 135 TYR 135 145 145 TYR TYR A . n 
A 1 136 SER 136 146 ?   ?   ?   A . n 
A 1 137 GLY 137 147 ?   ?   ?   A . n 
A 1 138 GLY 138 148 ?   ?   ?   A . n 
A 1 139 GLU 139 149 ?   ?   ?   A . n 
A 1 140 LYS 140 150 150 LYS LYS A . n 
A 1 141 ILE 141 151 151 ILE ILE A . n 
A 1 142 PRO 142 152 152 PRO PRO A . n 
A 1 143 LEU 143 153 153 LEU LEU A . n 
A 1 144 VAL 144 154 154 VAL VAL A . n 
A 1 145 LEU 145 155 155 LEU LEU A . n 
A 1 146 SER 146 156 156 SER SER A . n 
A 1 147 ARG 147 157 157 ARG ARG A . n 
A 1 148 PRO 148 158 158 PRO PRO A . n 
A 1 149 LEU 149 159 159 LEU LEU A . n 
A 1 150 SER 150 160 160 SER SER A . n 
A 1 151 SER 151 161 161 SER SER A . n 
A 1 152 ASN 152 162 162 ASN ASN A . n 
B 2 1   SER 1   753 753 SER SER B . n 
B 2 2   THR 2   754 754 THR THR B . n 
B 2 3   VAL 3   755 755 VAL VAL B . n 
B 2 4   GLU 4   756 756 GLU GLU B . n 
B 2 5   PTR 5   757 757 PTR PTR B . n 
B 2 6   SER 6   758 758 SER SER B . n 
B 2 7   THR 7   759 759 THR THR B . n 
B 2 8   VAL 8   760 760 VAL VAL B . n 
B 2 9   VAL 9   761 761 VAL VAL B . n 
B 2 10  HIS 10  762 762 HIS HIS B . n 
B 2 11  SER 11  763 763 SER SER B . n 
# 
loop_
_pdbx_nonpoly_scheme.asym_id 
_pdbx_nonpoly_scheme.entity_id 
_pdbx_nonpoly_scheme.mon_id 
_pdbx_nonpoly_scheme.ndb_seq_num 
_pdbx_nonpoly_scheme.pdb_seq_num 
_pdbx_nonpoly_scheme.auth_seq_num 
_pdbx_nonpoly_scheme.pdb_mon_id 
_pdbx_nonpoly_scheme.auth_mon_id 
_pdbx_nonpoly_scheme.pdb_strand_id 
_pdbx_nonpoly_scheme.pdb_ins_code 
C 3 HOH 1  1001 1001 HOH HOH A . 
C 3 HOH 2  1002 1002 HOH HOH A . 
C 3 HOH 3  1003 1003 HOH HOH A . 
C 3 HOH 4  1004 1004 HOH HOH A . 
C 3 HOH 5  1005 1005 HOH HOH A . 
C 3 HOH 6  1006 1006 HOH HOH A . 
C 3 HOH 7  1007 1007 HOH HOH A . 
C 3 HOH 8  1008 1008 HOH HOH A . 
C 3 HOH 9  1009 1009 HOH HOH A . 
C 3 HOH 10 1010 1010 HOH HOH A . 
C 3 HOH 11 1011 1011 HOH HOH A . 
C 3 HOH 12 1012 1012 HOH HOH A . 
C 3 HOH 13 1013 1013 HOH HOH A . 
C 3 HOH 14 1014 1014 HOH HOH A . 
C 3 HOH 15 1016 1016 HOH HOH A . 
C 3 HOH 16 1017 1017 HOH HOH A . 
C 3 HOH 17 1018 1018 HOH HOH A . 
C 3 HOH 18 1021 1021 HOH HOH A . 
C 3 HOH 19 1022 1022 HOH HOH A . 
C 3 HOH 20 1023 1023 HOH HOH A . 
C 3 HOH 21 1024 1024 HOH HOH A . 
C 3 HOH 22 1025 1025 HOH HOH A . 
C 3 HOH 23 1026 1026 HOH HOH A . 
C 3 HOH 24 1027 1027 HOH HOH A . 
C 3 HOH 25 1028 1028 HOH HOH A . 
C 3 HOH 26 1030 1030 HOH HOH A . 
C 3 HOH 27 1031 1031 HOH HOH A . 
C 3 HOH 28 1033 1033 HOH HOH A . 
C 3 HOH 29 1034 1034 HOH HOH A . 
C 3 HOH 30 1035 1035 HOH HOH A . 
C 3 HOH 31 1036 1036 HOH HOH A . 
C 3 HOH 32 1037 1037 HOH HOH A . 
C 3 HOH 33 1039 1039 HOH HOH A . 
C 3 HOH 34 1040 1040 HOH HOH A . 
C 3 HOH 35 1041 1041 HOH HOH A . 
C 3 HOH 36 1042 1042 HOH HOH A . 
C 3 HOH 37 1043 1043 HOH HOH A . 
C 3 HOH 38 1044 1044 HOH HOH A . 
C 3 HOH 39 1045 1045 HOH HOH A . 
C 3 HOH 40 1046 1046 HOH HOH A . 
C 3 HOH 41 1047 1047 HOH HOH A . 
C 3 HOH 42 1048 1048 HOH HOH A . 
C 3 HOH 43 1049 1049 HOH HOH A . 
C 3 HOH 44 1050 1050 HOH HOH A . 
C 3 HOH 45 1051 1051 HOH HOH A . 
C 3 HOH 46 1052 1052 HOH HOH A . 
C 3 HOH 47 1053 1053 HOH HOH A . 
C 3 HOH 48 1054 1054 HOH HOH A . 
C 3 HOH 49 1055 1055 HOH HOH A . 
C 3 HOH 50 1056 1056 HOH HOH A . 
C 3 HOH 51 1057 1057 HOH HOH A . 
C 3 HOH 52 1058 1058 HOH HOH A . 
D 3 HOH 1  1015 1015 HOH HOH B . 
D 3 HOH 2  1019 1019 HOH HOH B . 
D 3 HOH 3  1020 1020 HOH HOH B . 
D 3 HOH 4  1029 1029 HOH HOH B . 
D 3 HOH 5  1032 1032 HOH HOH B . 
D 3 HOH 6  1038 1038 HOH HOH B . 
# 
loop_
_pdbx_unobs_or_zero_occ_atoms.id 
_pdbx_unobs_or_zero_occ_atoms.PDB_model_num 
_pdbx_unobs_or_zero_occ_atoms.polymer_flag 
_pdbx_unobs_or_zero_occ_atoms.occupancy_flag 
_pdbx_unobs_or_zero_occ_atoms.auth_asym_id 
_pdbx_unobs_or_zero_occ_atoms.auth_comp_id 
_pdbx_unobs_or_zero_occ_atoms.auth_seq_id 
_pdbx_unobs_or_zero_occ_atoms.PDB_ins_code 
_pdbx_unobs_or_zero_occ_atoms.auth_atom_id 
_pdbx_unobs_or_zero_occ_atoms.label_alt_id 
_pdbx_unobs_or_zero_occ_atoms.label_asym_id 
_pdbx_unobs_or_zero_occ_atoms.label_comp_id 
_pdbx_unobs_or_zero_occ_atoms.label_seq_id 
_pdbx_unobs_or_zero_occ_atoms.label_atom_id 
1 1 Y 1 A CAS 97 ? CE1 ? A CAS 87 CE1 
2 1 Y 1 A CAS 97 ? CE2 ? A CAS 87 CE2 
# 
loop_
_software.name 
_software.classification 
_software.version 
_software.citation_id 
_software.pdbx_ordinal 
REFMAC   refinement       5.2.0019 ? 1 
HKL-2000 'data reduction' .        ? 2 
HKL-2000 'data scaling'   .        ? 3 
AMoRE    phasing          .        ? 4 
# 
_cell.entry_id           2HMH 
_cell.length_a           42.918 
_cell.length_b           94.708 
_cell.length_c           69.922 
_cell.angle_alpha        90.00 
_cell.angle_beta         90.00 
_cell.angle_gamma        90.00 
_cell.Z_PDB              8 
_cell.pdbx_unique_axis   ? 
_cell.length_a_esd       ? 
_cell.length_b_esd       ? 
_cell.length_c_esd       ? 
_cell.angle_alpha_esd    ? 
_cell.angle_beta_esd     ? 
_cell.angle_gamma_esd    ? 
# 
_symmetry.entry_id                         2HMH 
_symmetry.space_group_name_H-M             'C 2 2 21' 
_symmetry.pdbx_full_space_group_name_H-M   ? 
_symmetry.cell_setting                     ? 
_symmetry.Int_Tables_number                20 
_symmetry.space_group_name_Hall            ? 
# 
_exptl.entry_id          2HMH 
_exptl.method            'X-RAY DIFFRACTION' 
_exptl.crystals_number   1 
# 
_exptl_crystal.id                    1 
_exptl_crystal.density_meas          ? 
_exptl_crystal.density_Matthews      1.94 
_exptl_crystal.density_percent_sol   36.49 
_exptl_crystal.description           ? 
_exptl_crystal.F_000                 ? 
_exptl_crystal.preparation           ? 
# 
_exptl_crystal_grow.crystal_id      1 
_exptl_crystal_grow.method          ? 
_exptl_crystal_grow.temp            297 
_exptl_crystal_grow.temp_details    ? 
_exptl_crystal_grow.pH              6.50 
_exptl_crystal_grow.pdbx_details    
'30% PEG8000, 0.1 M Sodium Cacodylate, 0.2 M Sodium Acetate, VAPOR DIFFUSION, HANGING DROP, temperature 297K, pH 6.50' 
_exptl_crystal_grow.pdbx_pH_range   . 
# 
_diffrn.id                     1 
_diffrn.ambient_temp           100.0 
_diffrn.ambient_temp_details   ? 
_diffrn.crystal_id             1 
# 
_diffrn_detector.diffrn_id              1 
_diffrn_detector.detector               ? 
_diffrn_detector.type                   ? 
_diffrn_detector.pdbx_collection_date   2006-03-11 
_diffrn_detector.details                ? 
# 
_diffrn_radiation.diffrn_id                        1 
_diffrn_radiation.wavelength_id                    1 
_diffrn_radiation.pdbx_monochromatic_or_laue_m_l   M 
_diffrn_radiation.monochromator                    ? 
_diffrn_radiation.pdbx_diffrn_protocol             'SINGLE WAVELENGTH' 
_diffrn_radiation.pdbx_scattering_type             x-ray 
# 
_diffrn_radiation_wavelength.id           1 
_diffrn_radiation_wavelength.wavelength   1.00551 
_diffrn_radiation_wavelength.wt           1.0 
# 
_diffrn_source.diffrn_id                   1 
_diffrn_source.source                      SYNCHROTRON 
_diffrn_source.type                        'NSLS BEAMLINE X4A' 
_diffrn_source.pdbx_synchrotron_site       NSLS 
_diffrn_source.pdbx_synchrotron_beamline   X4A 
_diffrn_source.pdbx_wavelength             1.00551 
_diffrn_source.pdbx_wavelength_list        ? 
# 
_reflns.entry_id                     2HMH 
_reflns.observed_criterion_sigma_I   ? 
_reflns.observed_criterion_sigma_F   ? 
_reflns.d_resolution_low             50.000 
_reflns.d_resolution_high            2.000 
_reflns.number_obs                   9956 
_reflns.number_all                   ? 
_reflns.percent_possible_obs         99.500 
_reflns.pdbx_Rmerge_I_obs            0.56 
_reflns.pdbx_Rsym_value              ? 
_reflns.pdbx_netI_over_sigmaI        15.6 
_reflns.B_iso_Wilson_estimate        ? 
_reflns.pdbx_redundancy              3.5 
_reflns.R_free_details               ? 
_reflns.limit_h_max                  ? 
_reflns.limit_h_min                  ? 
_reflns.limit_k_max                  ? 
_reflns.limit_k_min                  ? 
_reflns.limit_l_max                  ? 
_reflns.limit_l_min                  ? 
_reflns.observed_criterion_F_max     ? 
_reflns.observed_criterion_F_min     ? 
_reflns.pdbx_chi_squared             ? 
_reflns.pdbx_scaling_rejects         ? 
_reflns.pdbx_diffrn_id               1 
_reflns.pdbx_ordinal                 1 
# 
_reflns_shell.d_res_high             2.00 
_reflns_shell.d_res_low              2.07 
_reflns_shell.percent_possible_all   99.4 
_reflns_shell.Rmerge_I_obs           0.323 
_reflns_shell.pdbx_Rsym_value        ? 
_reflns_shell.meanI_over_sigI_obs    ? 
_reflns_shell.pdbx_redundancy        3.2 
_reflns_shell.percent_possible_obs   ? 
_reflns_shell.number_unique_all      ? 
_reflns_shell.number_measured_all    ? 
_reflns_shell.number_measured_obs    ? 
_reflns_shell.number_unique_obs      ? 
_reflns_shell.pdbx_chi_squared       ? 
_reflns_shell.pdbx_diffrn_id         ? 
_reflns_shell.pdbx_ordinal           1 
# 
_refine.entry_id                                 2HMH 
_refine.ls_number_reflns_obs                     9442 
_refine.ls_number_reflns_all                     ? 
_refine.pdbx_ls_sigma_I                          ? 
_refine.pdbx_ls_sigma_F                          ? 
_refine.pdbx_data_cutoff_high_absF               ? 
_refine.pdbx_data_cutoff_low_absF                ? 
_refine.pdbx_data_cutoff_high_rms_absF           ? 
_refine.ls_d_res_low                             47.35 
_refine.ls_d_res_high                            2.00 
_refine.ls_percent_reflns_obs                    99.5 
_refine.ls_R_factor_obs                          0.244 
_refine.ls_R_factor_all                          ? 
_refine.ls_R_factor_R_work                       0.242 
_refine.ls_R_factor_R_free                       0.291 
_refine.ls_R_factor_R_free_error                 ? 
_refine.ls_R_factor_R_free_error_details         ? 
_refine.ls_percent_reflns_R_free                 4.700 
_refine.ls_number_reflns_R_free                  470 
_refine.ls_number_parameters                     ? 
_refine.ls_number_restraints                     ? 
_refine.occupancy_min                            ? 
_refine.occupancy_max                            ? 
_refine.correlation_coeff_Fo_to_Fc               0.922 
_refine.correlation_coeff_Fo_to_Fc_free          0.887 
_refine.B_iso_mean                               28.82 
_refine.aniso_B[1][1]                            0.78000 
_refine.aniso_B[2][2]                            -0.41000 
_refine.aniso_B[3][3]                            -0.37000 
_refine.aniso_B[1][2]                            0.00000 
_refine.aniso_B[1][3]                            0.00000 
_refine.aniso_B[2][3]                            0.00000 
_refine.solvent_model_details                    MASK 
_refine.solvent_model_param_ksol                 ? 
_refine.solvent_model_param_bsol                 ? 
_refine.pdbx_solvent_vdw_probe_radii             1.40 
_refine.pdbx_solvent_ion_probe_radii             0.80 
_refine.pdbx_solvent_shrinkage_radii             0.80 
_refine.pdbx_ls_cross_valid_method               THROUGHOUT 
_refine.details                                  'HYDROGENS HAVE BEEN ADDED IN THE RIDING POSITIONS' 
_refine.pdbx_starting_model                      'PDB Entry: 2SHP' 
_refine.pdbx_method_to_determine_struct          'MOLECULAR REPLACEMENT' 
_refine.pdbx_isotropic_thermal_model             ? 
_refine.pdbx_stereochemistry_target_values       'MAXIMUM LIKELIHOOD' 
_refine.pdbx_stereochem_target_val_spec_case     ? 
_refine.pdbx_R_Free_selection_details            RANDOM 
_refine.pdbx_overall_ESU_R                       0.232 
_refine.pdbx_overall_ESU_R_Free                  0.203 
_refine.overall_SU_ML                            0.154 
_refine.overall_SU_B                             5.401 
_refine.ls_redundancy_reflns_obs                 ? 
_refine.B_iso_min                                ? 
_refine.B_iso_max                                ? 
_refine.overall_SU_R_Cruickshank_DPI             ? 
_refine.overall_SU_R_free                        ? 
_refine.ls_wR_factor_R_free                      ? 
_refine.ls_wR_factor_R_work                      ? 
_refine.overall_FOM_free_R_set                   ? 
_refine.overall_FOM_work_R_set                   ? 
_refine.pdbx_refine_id                           'X-RAY DIFFRACTION' 
_refine.pdbx_diffrn_id                           1 
_refine.pdbx_TLS_residual_ADP_flag               ? 
_refine.pdbx_overall_phase_error                 ? 
_refine.pdbx_overall_SU_R_free_Cruickshank_DPI   ? 
_refine.pdbx_overall_SU_R_Blow_DPI               ? 
_refine.pdbx_overall_SU_R_free_Blow_DPI          ? 
# 
_refine_hist.pdbx_refine_id                   'X-RAY DIFFRACTION' 
_refine_hist.cycle_id                         LAST 
_refine_hist.pdbx_number_atoms_protein        1051 
_refine_hist.pdbx_number_atoms_nucleic_acid   0 
_refine_hist.pdbx_number_atoms_ligand         0 
_refine_hist.number_atoms_solvent             58 
_refine_hist.number_atoms_total               1109 
_refine_hist.d_res_high                       2.00 
_refine_hist.d_res_low                        47.35 
# 
loop_
_refine_ls_restr.type 
_refine_ls_restr.dev_ideal 
_refine_ls_restr.dev_ideal_target 
_refine_ls_restr.weight 
_refine_ls_restr.number 
_refine_ls_restr.pdbx_refine_id 
_refine_ls_restr.pdbx_restraint_function 
r_bond_refined_d             0.010  0.022  ? 1074 'X-RAY DIFFRACTION' ? 
r_bond_other_d               ?      ?      ? ?    'X-RAY DIFFRACTION' ? 
r_angle_refined_deg          1.384  1.977  ? 1457 'X-RAY DIFFRACTION' ? 
r_angle_other_deg            ?      ?      ? ?    'X-RAY DIFFRACTION' ? 
r_dihedral_angle_1_deg       5.999  5.000  ? 128  'X-RAY DIFFRACTION' ? 
r_dihedral_angle_2_deg       36.636 23.191 ? 47   'X-RAY DIFFRACTION' ? 
r_dihedral_angle_3_deg       16.517 15.000 ? 172  'X-RAY DIFFRACTION' ? 
r_dihedral_angle_4_deg       19.421 15.000 ? 7    'X-RAY DIFFRACTION' ? 
r_chiral_restr               0.083  0.200  ? 163  'X-RAY DIFFRACTION' ? 
r_gen_planes_refined         0.004  0.020  ? 803  'X-RAY DIFFRACTION' ? 
r_gen_planes_other           ?      ?      ? ?    'X-RAY DIFFRACTION' ? 
r_nbd_refined                0.202  0.200  ? 447  'X-RAY DIFFRACTION' ? 
r_nbd_other                  ?      ?      ? ?    'X-RAY DIFFRACTION' ? 
r_nbtor_refined              0.306  0.200  ? 713  'X-RAY DIFFRACTION' ? 
r_nbtor_other                ?      ?      ? ?    'X-RAY DIFFRACTION' ? 
r_xyhbond_nbd_refined        0.154  0.200  ? 65   'X-RAY DIFFRACTION' ? 
r_xyhbond_nbd_other          ?      ?      ? ?    'X-RAY DIFFRACTION' ? 
r_metal_ion_refined          ?      ?      ? ?    'X-RAY DIFFRACTION' ? 
r_metal_ion_other            ?      ?      ? ?    'X-RAY DIFFRACTION' ? 
r_symmetry_vdw_refined       0.180  0.200  ? 25   'X-RAY DIFFRACTION' ? 
r_symmetry_vdw_other         ?      ?      ? ?    'X-RAY DIFFRACTION' ? 
r_symmetry_hbond_refined     0.220  0.200  ? 6    'X-RAY DIFFRACTION' ? 
r_symmetry_hbond_other       ?      ?      ? ?    'X-RAY DIFFRACTION' ? 
r_symmetry_metal_ion_refined ?      ?      ? ?    'X-RAY DIFFRACTION' ? 
r_symmetry_metal_ion_other   ?      ?      ? ?    'X-RAY DIFFRACTION' ? 
r_mcbond_it                  0.928  1.500  ? 677  'X-RAY DIFFRACTION' ? 
r_mcbond_other               ?      ?      ? ?    'X-RAY DIFFRACTION' ? 
r_mcangle_it                 1.619  2.000  ? 1067 'X-RAY DIFFRACTION' ? 
r_scbond_it                  1.830  3.000  ? 452  'X-RAY DIFFRACTION' ? 
r_scangle_it                 2.769  4.500  ? 390  'X-RAY DIFFRACTION' ? 
r_rigid_bond_restr           ?      ?      ? ?    'X-RAY DIFFRACTION' ? 
r_sphericity_free            ?      ?      ? ?    'X-RAY DIFFRACTION' ? 
r_sphericity_bonded          ?      ?      ? ?    'X-RAY DIFFRACTION' ? 
# 
_refine_ls_shell.pdbx_total_number_of_bins_used   20 
_refine_ls_shell.d_res_high                       2.00 
_refine_ls_shell.d_res_low                        2.05 
_refine_ls_shell.number_reflns_R_work             678 
_refine_ls_shell.R_factor_R_work                  0.272 
_refine_ls_shell.percent_reflns_obs               99.31 
_refine_ls_shell.R_factor_R_free                  0.329 
_refine_ls_shell.R_factor_R_free_error            ? 
_refine_ls_shell.percent_reflns_R_free            ? 
_refine_ls_shell.number_reflns_R_free             37 
_refine_ls_shell.number_reflns_all                ? 
_refine_ls_shell.R_factor_all                     ? 
_refine_ls_shell.redundancy_reflns_obs            ? 
_refine_ls_shell.number_reflns_obs                ? 
_refine_ls_shell.pdbx_refine_id                   'X-RAY DIFFRACTION' 
# 
_struct.entry_id                  2HMH 
_struct.title                     'Crystal structure of SOCS3 in complex with gp130(pTyr757) phosphopeptide.' 
_struct.pdbx_model_details        ? 
_struct.pdbx_CASP_flag            ? 
_struct.pdbx_model_type_details   ? 
# 
_struct_keywords.entry_id        2HMH 
_struct_keywords.pdbx_keywords   'Cytokine Regulator' 
_struct_keywords.text            'Socs3, gp130, pTyr, peptide complex, Cytokine Regulator' 
# 
loop_
_struct_asym.id 
_struct_asym.pdbx_blank_PDB_chainid_flag 
_struct_asym.pdbx_modified 
_struct_asym.entity_id 
_struct_asym.details 
A N N 1 ? 
B N N 2 ? 
C N N 3 ? 
D N N 3 ? 
# 
loop_
_struct_ref.id 
_struct_ref.db_name 
_struct_ref.db_code 
_struct_ref.pdbx_db_accession 
_struct_ref.entity_id 
_struct_ref.pdbx_seq_one_letter_code 
_struct_ref.pdbx_align_begin 
_struct_ref.pdbx_db_isoform 
1 UNP SOCS3_MOUSE O35718 1 
;PLDTSLRLKTFSSKSEYQLVVNAVRKLQESGFYWSAVTGGEANLLLSAEPAGTFLIRDSSDQRHFFTLSVKTQSGTKNLR
IQCEGGSFSLQSDPRSTQPVPRFDCVLKLVHHYMPP
;
15  ? 
2 UNP SOCS3_MOUSE O35718 1 QALPGSTPKRAYYIYSGGEKIPLVLSRPLSSN 154 ? 
3 UNP IL6RB_MOUSE Q00560 2 STVEYSTVVHS 753 ? 
# 
loop_
_struct_ref_seq.align_id 
_struct_ref_seq.ref_id 
_struct_ref_seq.pdbx_PDB_id_code 
_struct_ref_seq.pdbx_strand_id 
_struct_ref_seq.seq_align_beg 
_struct_ref_seq.pdbx_seq_align_beg_ins_code 
_struct_ref_seq.seq_align_end 
_struct_ref_seq.pdbx_seq_align_end_ins_code 
_struct_ref_seq.pdbx_db_accession 
_struct_ref_seq.db_align_beg 
_struct_ref_seq.pdbx_db_align_beg_ins_code 
_struct_ref_seq.db_align_end 
_struct_ref_seq.pdbx_db_align_end_ins_code 
_struct_ref_seq.pdbx_auth_seq_align_beg 
_struct_ref_seq.pdbx_auth_seq_align_end 
1 1 2HMH A 5   ? 120 ? O35718 15  ? 130 ? 15  130 
2 2 2HMH A 121 ? 152 ? O35718 154 ? 185 ? 131 162 
3 3 2HMH B 1   ? 11  ? Q00560 753 ? 763 ? 753 763 
# 
loop_
_struct_ref_seq_dif.align_id 
_struct_ref_seq_dif.pdbx_pdb_id_code 
_struct_ref_seq_dif.mon_id 
_struct_ref_seq_dif.pdbx_pdb_strand_id 
_struct_ref_seq_dif.seq_num 
_struct_ref_seq_dif.pdbx_pdb_ins_code 
_struct_ref_seq_dif.pdbx_seq_db_name 
_struct_ref_seq_dif.pdbx_seq_db_accession_code 
_struct_ref_seq_dif.db_mon_id 
_struct_ref_seq_dif.pdbx_seq_db_seq_num 
_struct_ref_seq_dif.details 
_struct_ref_seq_dif.pdbx_auth_seq_num 
_struct_ref_seq_dif.pdbx_ordinal 
1 2HMH GLY A 1   ? UNP O35718 ?   ?   'cloning artifact' 11  1 
1 2HMH SER A 2   ? UNP O35718 ?   ?   'cloning artifact' 12  2 
1 2HMH GLU A 3   ? UNP O35718 ?   ?   'cloning artifact' 13  3 
1 2HMH PHE A 4   ? UNP O35718 ?   ?   'cloning artifact' 14  4 
1 2HMH CAS A 87  ? UNP O35718 CYS 97  'modified residue' 97  5 
1 2HMH CAS A 109 ? UNP O35718 CYS 119 'modified residue' 119 6 
3 2HMH PTR B 5   ? UNP Q00560 TYR 757 'modified residue' 757 7 
# 
_pdbx_struct_assembly.id                   1 
_pdbx_struct_assembly.details              author_and_software_defined_assembly 
_pdbx_struct_assembly.method_details       PISA 
_pdbx_struct_assembly.oligomeric_details   dimeric 
_pdbx_struct_assembly.oligomeric_count     2 
# 
loop_
_pdbx_struct_assembly_prop.biol_id 
_pdbx_struct_assembly_prop.type 
_pdbx_struct_assembly_prop.value 
_pdbx_struct_assembly_prop.details 
1 'ABSA (A^2)' 1760 ? 
1 MORE         -13  ? 
1 'SSA (A^2)'  7540 ? 
# 
_pdbx_struct_assembly_gen.assembly_id       1 
_pdbx_struct_assembly_gen.oper_expression   1 
_pdbx_struct_assembly_gen.asym_id_list      A,B,C,D 
# 
_pdbx_struct_oper_list.id                   1 
_pdbx_struct_oper_list.type                 'identity operation' 
_pdbx_struct_oper_list.name                 1_555 
_pdbx_struct_oper_list.symmetry_operation   x,y,z 
_pdbx_struct_oper_list.matrix[1][1]         1.0000000000 
_pdbx_struct_oper_list.matrix[1][2]         0.0000000000 
_pdbx_struct_oper_list.matrix[1][3]         0.0000000000 
_pdbx_struct_oper_list.vector[1]            0.0000000000 
_pdbx_struct_oper_list.matrix[2][1]         0.0000000000 
_pdbx_struct_oper_list.matrix[2][2]         1.0000000000 
_pdbx_struct_oper_list.matrix[2][3]         0.0000000000 
_pdbx_struct_oper_list.vector[2]            0.0000000000 
_pdbx_struct_oper_list.matrix[3][1]         0.0000000000 
_pdbx_struct_oper_list.matrix[3][2]         0.0000000000 
_pdbx_struct_oper_list.matrix[3][3]         1.0000000000 
_pdbx_struct_oper_list.vector[3]            0.0000000000 
# 
loop_
_struct_conf.conf_type_id 
_struct_conf.id 
_struct_conf.pdbx_PDB_helix_id 
_struct_conf.beg_label_comp_id 
_struct_conf.beg_label_asym_id 
_struct_conf.beg_label_seq_id 
_struct_conf.pdbx_beg_PDB_ins_code 
_struct_conf.end_label_comp_id 
_struct_conf.end_label_asym_id 
_struct_conf.end_label_seq_id 
_struct_conf.pdbx_end_PDB_ins_code 
_struct_conf.beg_auth_comp_id 
_struct_conf.beg_auth_asym_id 
_struct_conf.beg_auth_seq_id 
_struct_conf.end_auth_comp_id 
_struct_conf.end_auth_asym_id 
_struct_conf.end_auth_seq_id 
_struct_conf.pdbx_PDB_helix_class 
_struct_conf.details 
_struct_conf.pdbx_PDB_helix_length 
HELX_P HELX_P1 1 TYR A 21  ? SER A 34  ? TYR A 31  SER A 44  1 ? 14 
HELX_P HELX_P2 2 THR A 42  ? ALA A 52  ? THR A 52  ALA A 62  1 ? 11 
HELX_P HELX_P3 3 CAS A 87  ? SER A 91  ? CAS A 97  SER A 101 5 ? 5  
HELX_P HELX_P4 4 CAS A 109 ? TYR A 117 ? CAS A 119 TYR A 127 1 ? 9  
# 
_struct_conf_type.id          HELX_P 
_struct_conf_type.criteria    ? 
_struct_conf_type.reference   ? 
# 
loop_
_struct_conn.id 
_struct_conn.conn_type_id 
_struct_conn.pdbx_leaving_atom_flag 
_struct_conn.pdbx_PDB_id 
_struct_conn.ptnr1_label_asym_id 
_struct_conn.ptnr1_label_comp_id 
_struct_conn.ptnr1_label_seq_id 
_struct_conn.ptnr1_label_atom_id 
_struct_conn.pdbx_ptnr1_label_alt_id 
_struct_conn.pdbx_ptnr1_PDB_ins_code 
_struct_conn.pdbx_ptnr1_standard_comp_id 
_struct_conn.ptnr1_symmetry 
_struct_conn.ptnr2_label_asym_id 
_struct_conn.ptnr2_label_comp_id 
_struct_conn.ptnr2_label_seq_id 
_struct_conn.ptnr2_label_atom_id 
_struct_conn.pdbx_ptnr2_label_alt_id 
_struct_conn.pdbx_ptnr2_PDB_ins_code 
_struct_conn.ptnr1_auth_asym_id 
_struct_conn.ptnr1_auth_comp_id 
_struct_conn.ptnr1_auth_seq_id 
_struct_conn.ptnr2_auth_asym_id 
_struct_conn.ptnr2_auth_comp_id 
_struct_conn.ptnr2_auth_seq_id 
_struct_conn.ptnr2_symmetry 
_struct_conn.pdbx_ptnr3_label_atom_id 
_struct_conn.pdbx_ptnr3_label_seq_id 
_struct_conn.pdbx_ptnr3_label_comp_id 
_struct_conn.pdbx_ptnr3_label_asym_id 
_struct_conn.pdbx_ptnr3_label_alt_id 
_struct_conn.pdbx_ptnr3_PDB_ins_code 
_struct_conn.details 
_struct_conn.pdbx_dist_value 
_struct_conn.pdbx_value_order 
_struct_conn.pdbx_role 
covale1 covale both ? A GLN 86  C ? ? ? 1_555 A CAS 87  N ? ? A GLN 96  A CAS 97  1_555 ? ? ? ? ? ? ? 1.332 ? ? 
covale2 covale both ? A CAS 87  C ? ? ? 1_555 A GLU 88  N ? ? A CAS 97  A GLU 98  1_555 ? ? ? ? ? ? ? 1.332 ? ? 
covale3 covale both ? A ASP 108 C ? ? ? 1_555 A CAS 109 N ? ? A ASP 118 A CAS 119 1_555 ? ? ? ? ? ? ? 1.331 ? ? 
covale4 covale both ? A CAS 109 C ? ? ? 1_555 A VAL 110 N ? ? A CAS 119 A VAL 120 1_555 ? ? ? ? ? ? ? 1.331 ? ? 
covale5 covale both ? B GLU 4   C ? ? ? 1_555 B PTR 5   N ? ? B GLU 756 B PTR 757 1_555 ? ? ? ? ? ? ? 1.329 ? ? 
covale6 covale both ? B PTR 5   C ? ? ? 1_555 B SER 6   N ? ? B PTR 757 B SER 758 1_555 ? ? ? ? ? ? ? 1.333 ? ? 
# 
_struct_conn_type.id          covale 
_struct_conn_type.criteria    ? 
_struct_conn_type.reference   ? 
# 
loop_
_pdbx_modification_feature.ordinal 
_pdbx_modification_feature.label_comp_id 
_pdbx_modification_feature.label_asym_id 
_pdbx_modification_feature.label_seq_id 
_pdbx_modification_feature.label_alt_id 
_pdbx_modification_feature.modified_residue_label_comp_id 
_pdbx_modification_feature.modified_residue_label_asym_id 
_pdbx_modification_feature.modified_residue_label_seq_id 
_pdbx_modification_feature.modified_residue_label_alt_id 
_pdbx_modification_feature.auth_comp_id 
_pdbx_modification_feature.auth_asym_id 
_pdbx_modification_feature.auth_seq_id 
_pdbx_modification_feature.PDB_ins_code 
_pdbx_modification_feature.symmetry 
_pdbx_modification_feature.modified_residue_auth_comp_id 
_pdbx_modification_feature.modified_residue_auth_asym_id 
_pdbx_modification_feature.modified_residue_auth_seq_id 
_pdbx_modification_feature.modified_residue_PDB_ins_code 
_pdbx_modification_feature.modified_residue_symmetry 
_pdbx_modification_feature.comp_id_linking_atom 
_pdbx_modification_feature.modified_residue_id_linking_atom 
_pdbx_modification_feature.modified_residue_id 
_pdbx_modification_feature.ref_pcm_id 
_pdbx_modification_feature.ref_comp_id 
_pdbx_modification_feature.type 
_pdbx_modification_feature.category 
1 PTR B 5   ? . . . . PTR B 757 ? 1_555 . . . . . . . TYR 1 PTR Phosphorylation 'Named protein modification' 
2 CAS A 87  ? . . . . CAS A 97  ? 1_555 . . . . . . . CYS 1 CAS None            'Non-standard residue'       
3 CAS A 109 ? . . . . CAS A 119 ? 1_555 . . . . . . . CYS 1 CAS None            'Non-standard residue'       
# 
loop_
_struct_sheet.id 
_struct_sheet.type 
_struct_sheet.number_strands 
_struct_sheet.details 
A ? 5 ? 
B ? 3 ? 
C ? 3 ? 
# 
loop_
_struct_sheet_order.sheet_id 
_struct_sheet_order.range_id_1 
_struct_sheet_order.range_id_2 
_struct_sheet_order.offset 
_struct_sheet_order.sense 
A 1 2 ? parallel      
A 2 3 ? anti-parallel 
A 3 4 ? anti-parallel 
A 4 5 ? anti-parallel 
B 1 2 ? parallel      
B 2 3 ? parallel      
C 1 2 ? anti-parallel 
C 2 3 ? anti-parallel 
# 
loop_
_struct_sheet_range.sheet_id 
_struct_sheet_range.id 
_struct_sheet_range.beg_label_comp_id 
_struct_sheet_range.beg_label_asym_id 
_struct_sheet_range.beg_label_seq_id 
_struct_sheet_range.pdbx_beg_PDB_ins_code 
_struct_sheet_range.end_label_comp_id 
_struct_sheet_range.end_label_asym_id 
_struct_sheet_range.end_label_seq_id 
_struct_sheet_range.pdbx_end_PDB_ins_code 
_struct_sheet_range.beg_auth_comp_id 
_struct_sheet_range.beg_auth_asym_id 
_struct_sheet_range.beg_auth_seq_id 
_struct_sheet_range.end_auth_comp_id 
_struct_sheet_range.end_auth_asym_id 
_struct_sheet_range.end_auth_seq_id 
A 1 TYR A 37  ? TRP A 38  ? TYR A 47  TRP A 48  
A 2 THR A 57  ? ASP A 62  ? THR A 67  ASP A 72  
A 3 PHE A 70  ? THR A 76  ? PHE A 80  THR A 86  
A 4 GLY A 79  ? GLN A 86  ? GLY A 89  GLN A 96  
A 5 SER A 93  ? LEU A 94  ? SER A 103 LEU A 104 
B 1 TYR A 37  ? TRP A 38  ? TYR A 47  TRP A 48  
B 2 THR A 57  ? ASP A 62  ? THR A 67  ASP A 72  
B 3 ARG A 147 ? PRO A 148 ? ARG A 157 PRO A 158 
C 1 ILE A 141 ? LEU A 143 ? ILE A 151 LEU A 153 
C 2 TYR A 132 ? ILE A 134 ? TYR A 142 ILE A 144 
C 3 VAL B 8   ? VAL B 9   ? VAL B 760 VAL B 761 
# 
loop_
_pdbx_struct_sheet_hbond.sheet_id 
_pdbx_struct_sheet_hbond.range_id_1 
_pdbx_struct_sheet_hbond.range_id_2 
_pdbx_struct_sheet_hbond.range_1_label_atom_id 
_pdbx_struct_sheet_hbond.range_1_label_comp_id 
_pdbx_struct_sheet_hbond.range_1_label_asym_id 
_pdbx_struct_sheet_hbond.range_1_label_seq_id 
_pdbx_struct_sheet_hbond.range_1_PDB_ins_code 
_pdbx_struct_sheet_hbond.range_1_auth_atom_id 
_pdbx_struct_sheet_hbond.range_1_auth_comp_id 
_pdbx_struct_sheet_hbond.range_1_auth_asym_id 
_pdbx_struct_sheet_hbond.range_1_auth_seq_id 
_pdbx_struct_sheet_hbond.range_2_label_atom_id 
_pdbx_struct_sheet_hbond.range_2_label_comp_id 
_pdbx_struct_sheet_hbond.range_2_label_asym_id 
_pdbx_struct_sheet_hbond.range_2_label_seq_id 
_pdbx_struct_sheet_hbond.range_2_PDB_ins_code 
_pdbx_struct_sheet_hbond.range_2_auth_atom_id 
_pdbx_struct_sheet_hbond.range_2_auth_comp_id 
_pdbx_struct_sheet_hbond.range_2_auth_asym_id 
_pdbx_struct_sheet_hbond.range_2_auth_seq_id 
A 1 2 N TRP A 38  ? N TRP A 48  O ILE A 60  ? O ILE A 70  
A 2 3 N THR A 57  ? N THR A 67  O LYS A 75  ? O LYS A 85  
A 3 4 N LEU A 72  ? N LEU A 82  O LEU A 83  ? O LEU A 93  
A 4 5 N GLN A 86  ? N GLN A 96  O SER A 93  ? O SER A 103 
B 1 2 N TRP A 38  ? N TRP A 48  O ILE A 60  ? O ILE A 70  
B 2 3 N PHE A 58  ? N PHE A 68  O ARG A 147 ? O ARG A 157 
C 1 2 O ILE A 141 ? O ILE A 151 N ILE A 134 ? N ILE A 144 
C 2 3 N TYR A 133 ? N TYR A 143 O VAL B 9   ? O VAL B 761 
# 
_pdbx_entry_details.entry_id                   2HMH 
_pdbx_entry_details.compound_details           ? 
_pdbx_entry_details.source_details             ? 
_pdbx_entry_details.nonpolymer_details         ? 
_pdbx_entry_details.sequence_details           ? 
_pdbx_entry_details.has_ligand_of_interest     ? 
_pdbx_entry_details.has_protein_modification   Y 
# 
loop_
_pdbx_validate_torsion.id 
_pdbx_validate_torsion.PDB_model_num 
_pdbx_validate_torsion.auth_comp_id 
_pdbx_validate_torsion.auth_asym_id 
_pdbx_validate_torsion.auth_seq_id 
_pdbx_validate_torsion.PDB_ins_code 
_pdbx_validate_torsion.label_alt_id 
_pdbx_validate_torsion.phi 
_pdbx_validate_torsion.psi 
1 1 GLU A 30  ? ? 71.44   -18.48 
2 1 TYR A 31  ? ? -156.15 -37.86 
3 1 MET A 128 ? ? -112.62 76.68  
4 1 SER A 156 ? ? -133.24 -47.22 
# 
loop_
_pdbx_struct_mod_residue.id 
_pdbx_struct_mod_residue.label_asym_id 
_pdbx_struct_mod_residue.label_comp_id 
_pdbx_struct_mod_residue.label_seq_id 
_pdbx_struct_mod_residue.auth_asym_id 
_pdbx_struct_mod_residue.auth_comp_id 
_pdbx_struct_mod_residue.auth_seq_id 
_pdbx_struct_mod_residue.PDB_ins_code 
_pdbx_struct_mod_residue.parent_comp_id 
_pdbx_struct_mod_residue.details 
1 A CAS 87  A CAS 97  ? CYS 'S-(DIMETHYLARSENIC)CYSTEINE' 
2 A CAS 109 A CAS 119 ? CYS 'S-(DIMETHYLARSENIC)CYSTEINE' 
3 B PTR 5   B PTR 757 ? TYR O-PHOSPHOTYROSINE             
# 
loop_
_pdbx_unobs_or_zero_occ_residues.id 
_pdbx_unobs_or_zero_occ_residues.PDB_model_num 
_pdbx_unobs_or_zero_occ_residues.polymer_flag 
_pdbx_unobs_or_zero_occ_residues.occupancy_flag 
_pdbx_unobs_or_zero_occ_residues.auth_asym_id 
_pdbx_unobs_or_zero_occ_residues.auth_comp_id 
_pdbx_unobs_or_zero_occ_residues.auth_seq_id 
_pdbx_unobs_or_zero_occ_residues.PDB_ins_code 
_pdbx_unobs_or_zero_occ_residues.label_asym_id 
_pdbx_unobs_or_zero_occ_residues.label_comp_id 
_pdbx_unobs_or_zero_occ_residues.label_seq_id 
1  1 Y 1 A GLY 11  ? A GLY 1   
2  1 Y 1 A SER 12  ? A SER 2   
3  1 Y 1 A GLU 13  ? A GLU 3   
4  1 Y 1 A PHE 14  ? A PHE 4   
5  1 Y 1 A PRO 15  ? A PRO 5   
6  1 Y 1 A LEU 16  ? A LEU 6   
7  1 Y 1 A ASP 17  ? A ASP 7   
8  1 Y 1 A THR 18  ? A THR 8   
9  1 Y 1 A SER 19  ? A SER 9   
10 1 Y 1 A LEU 20  ? A LEU 10  
11 1 Y 1 A ARG 21  ? A ARG 11  
12 1 Y 1 A LEU 22  ? A LEU 12  
13 1 Y 1 A LYS 23  ? A LYS 13  
14 1 Y 1 A THR 24  ? A THR 14  
15 1 Y 1 A PHE 25  ? A PHE 15  
16 1 Y 1 A SER 26  ? A SER 16  
17 1 Y 1 A SER 27  ? A SER 17  
18 1 Y 1 A LYS 28  ? A LYS 18  
19 1 Y 1 A ALA 132 ? A ALA 122 
20 1 Y 1 A LEU 133 ? A LEU 123 
21 1 Y 1 A PRO 134 ? A PRO 124 
22 1 Y 1 A GLY 135 ? A GLY 125 
23 1 Y 1 A SER 136 ? A SER 126 
24 1 Y 1 A THR 137 ? A THR 127 
25 1 Y 1 A PRO 138 ? A PRO 128 
26 1 Y 1 A LYS 139 ? A LYS 129 
27 1 Y 1 A ARG 140 ? A ARG 130 
28 1 Y 1 A SER 146 ? A SER 136 
29 1 Y 1 A GLY 147 ? A GLY 137 
30 1 Y 1 A GLY 148 ? A GLY 138 
31 1 Y 1 A GLU 149 ? A GLU 139 
# 
loop_
_chem_comp_atom.comp_id 
_chem_comp_atom.atom_id 
_chem_comp_atom.type_symbol 
_chem_comp_atom.pdbx_aromatic_flag 
_chem_comp_atom.pdbx_stereo_config 
_chem_comp_atom.pdbx_ordinal 
ALA N    N  N N 1   
ALA CA   C  N S 2   
ALA C    C  N N 3   
ALA O    O  N N 4   
ALA CB   C  N N 5   
ALA OXT  O  N N 6   
ALA H    H  N N 7   
ALA H2   H  N N 8   
ALA HA   H  N N 9   
ALA HB1  H  N N 10  
ALA HB2  H  N N 11  
ALA HB3  H  N N 12  
ALA HXT  H  N N 13  
ARG N    N  N N 14  
ARG CA   C  N S 15  
ARG C    C  N N 16  
ARG O    O  N N 17  
ARG CB   C  N N 18  
ARG CG   C  N N 19  
ARG CD   C  N N 20  
ARG NE   N  N N 21  
ARG CZ   C  N N 22  
ARG NH1  N  N N 23  
ARG NH2  N  N N 24  
ARG OXT  O  N N 25  
ARG H    H  N N 26  
ARG H2   H  N N 27  
ARG HA   H  N N 28  
ARG HB2  H  N N 29  
ARG HB3  H  N N 30  
ARG HG2  H  N N 31  
ARG HG3  H  N N 32  
ARG HD2  H  N N 33  
ARG HD3  H  N N 34  
ARG HE   H  N N 35  
ARG HH11 H  N N 36  
ARG HH12 H  N N 37  
ARG HH21 H  N N 38  
ARG HH22 H  N N 39  
ARG HXT  H  N N 40  
ASN N    N  N N 41  
ASN CA   C  N S 42  
ASN C    C  N N 43  
ASN O    O  N N 44  
ASN CB   C  N N 45  
ASN CG   C  N N 46  
ASN OD1  O  N N 47  
ASN ND2  N  N N 48  
ASN OXT  O  N N 49  
ASN H    H  N N 50  
ASN H2   H  N N 51  
ASN HA   H  N N 52  
ASN HB2  H  N N 53  
ASN HB3  H  N N 54  
ASN HD21 H  N N 55  
ASN HD22 H  N N 56  
ASN HXT  H  N N 57  
ASP N    N  N N 58  
ASP CA   C  N S 59  
ASP C    C  N N 60  
ASP O    O  N N 61  
ASP CB   C  N N 62  
ASP CG   C  N N 63  
ASP OD1  O  N N 64  
ASP OD2  O  N N 65  
ASP OXT  O  N N 66  
ASP H    H  N N 67  
ASP H2   H  N N 68  
ASP HA   H  N N 69  
ASP HB2  H  N N 70  
ASP HB3  H  N N 71  
ASP HD2  H  N N 72  
ASP HXT  H  N N 73  
CAS N    N  N N 74  
CAS CA   C  N R 75  
CAS CB   C  N N 76  
CAS C    C  N N 77  
CAS O    O  N N 78  
CAS OXT  O  N N 79  
CAS SG   S  N N 80  
CAS AS   AS N N 81  
CAS CE1  C  N N 82  
CAS CE2  C  N N 83  
CAS H    H  N N 84  
CAS H2   H  N N 85  
CAS HA   H  N N 86  
CAS HB2  H  N N 87  
CAS HB3  H  N N 88  
CAS HXT  H  N N 89  
CAS HE11 H  N N 90  
CAS HE12 H  N N 91  
CAS HE13 H  N N 92  
CAS HE21 H  N N 93  
CAS HE22 H  N N 94  
CAS HE23 H  N N 95  
CYS N    N  N N 96  
CYS CA   C  N R 97  
CYS C    C  N N 98  
CYS O    O  N N 99  
CYS CB   C  N N 100 
CYS SG   S  N N 101 
CYS OXT  O  N N 102 
CYS H    H  N N 103 
CYS H2   H  N N 104 
CYS HA   H  N N 105 
CYS HB2  H  N N 106 
CYS HB3  H  N N 107 
CYS HG   H  N N 108 
CYS HXT  H  N N 109 
GLN N    N  N N 110 
GLN CA   C  N S 111 
GLN C    C  N N 112 
GLN O    O  N N 113 
GLN CB   C  N N 114 
GLN CG   C  N N 115 
GLN CD   C  N N 116 
GLN OE1  O  N N 117 
GLN NE2  N  N N 118 
GLN OXT  O  N N 119 
GLN H    H  N N 120 
GLN H2   H  N N 121 
GLN HA   H  N N 122 
GLN HB2  H  N N 123 
GLN HB3  H  N N 124 
GLN HG2  H  N N 125 
GLN HG3  H  N N 126 
GLN HE21 H  N N 127 
GLN HE22 H  N N 128 
GLN HXT  H  N N 129 
GLU N    N  N N 130 
GLU CA   C  N S 131 
GLU C    C  N N 132 
GLU O    O  N N 133 
GLU CB   C  N N 134 
GLU CG   C  N N 135 
GLU CD   C  N N 136 
GLU OE1  O  N N 137 
GLU OE2  O  N N 138 
GLU OXT  O  N N 139 
GLU H    H  N N 140 
GLU H2   H  N N 141 
GLU HA   H  N N 142 
GLU HB2  H  N N 143 
GLU HB3  H  N N 144 
GLU HG2  H  N N 145 
GLU HG3  H  N N 146 
GLU HE2  H  N N 147 
GLU HXT  H  N N 148 
GLY N    N  N N 149 
GLY CA   C  N N 150 
GLY C    C  N N 151 
GLY O    O  N N 152 
GLY OXT  O  N N 153 
GLY H    H  N N 154 
GLY H2   H  N N 155 
GLY HA2  H  N N 156 
GLY HA3  H  N N 157 
GLY HXT  H  N N 158 
HIS N    N  N N 159 
HIS CA   C  N S 160 
HIS C    C  N N 161 
HIS O    O  N N 162 
HIS CB   C  N N 163 
HIS CG   C  Y N 164 
HIS ND1  N  Y N 165 
HIS CD2  C  Y N 166 
HIS CE1  C  Y N 167 
HIS NE2  N  Y N 168 
HIS OXT  O  N N 169 
HIS H    H  N N 170 
HIS H2   H  N N 171 
HIS HA   H  N N 172 
HIS HB2  H  N N 173 
HIS HB3  H  N N 174 
HIS HD1  H  N N 175 
HIS HD2  H  N N 176 
HIS HE1  H  N N 177 
HIS HE2  H  N N 178 
HIS HXT  H  N N 179 
HOH O    O  N N 180 
HOH H1   H  N N 181 
HOH H2   H  N N 182 
ILE N    N  N N 183 
ILE CA   C  N S 184 
ILE C    C  N N 185 
ILE O    O  N N 186 
ILE CB   C  N S 187 
ILE CG1  C  N N 188 
ILE CG2  C  N N 189 
ILE CD1  C  N N 190 
ILE OXT  O  N N 191 
ILE H    H  N N 192 
ILE H2   H  N N 193 
ILE HA   H  N N 194 
ILE HB   H  N N 195 
ILE HG12 H  N N 196 
ILE HG13 H  N N 197 
ILE HG21 H  N N 198 
ILE HG22 H  N N 199 
ILE HG23 H  N N 200 
ILE HD11 H  N N 201 
ILE HD12 H  N N 202 
ILE HD13 H  N N 203 
ILE HXT  H  N N 204 
LEU N    N  N N 205 
LEU CA   C  N S 206 
LEU C    C  N N 207 
LEU O    O  N N 208 
LEU CB   C  N N 209 
LEU CG   C  N N 210 
LEU CD1  C  N N 211 
LEU CD2  C  N N 212 
LEU OXT  O  N N 213 
LEU H    H  N N 214 
LEU H2   H  N N 215 
LEU HA   H  N N 216 
LEU HB2  H  N N 217 
LEU HB3  H  N N 218 
LEU HG   H  N N 219 
LEU HD11 H  N N 220 
LEU HD12 H  N N 221 
LEU HD13 H  N N 222 
LEU HD21 H  N N 223 
LEU HD22 H  N N 224 
LEU HD23 H  N N 225 
LEU HXT  H  N N 226 
LYS N    N  N N 227 
LYS CA   C  N S 228 
LYS C    C  N N 229 
LYS O    O  N N 230 
LYS CB   C  N N 231 
LYS CG   C  N N 232 
LYS CD   C  N N 233 
LYS CE   C  N N 234 
LYS NZ   N  N N 235 
LYS OXT  O  N N 236 
LYS H    H  N N 237 
LYS H2   H  N N 238 
LYS HA   H  N N 239 
LYS HB2  H  N N 240 
LYS HB3  H  N N 241 
LYS HG2  H  N N 242 
LYS HG3  H  N N 243 
LYS HD2  H  N N 244 
LYS HD3  H  N N 245 
LYS HE2  H  N N 246 
LYS HE3  H  N N 247 
LYS HZ1  H  N N 248 
LYS HZ2  H  N N 249 
LYS HZ3  H  N N 250 
LYS HXT  H  N N 251 
MET N    N  N N 252 
MET CA   C  N S 253 
MET C    C  N N 254 
MET O    O  N N 255 
MET CB   C  N N 256 
MET CG   C  N N 257 
MET SD   S  N N 258 
MET CE   C  N N 259 
MET OXT  O  N N 260 
MET H    H  N N 261 
MET H2   H  N N 262 
MET HA   H  N N 263 
MET HB2  H  N N 264 
MET HB3  H  N N 265 
MET HG2  H  N N 266 
MET HG3  H  N N 267 
MET HE1  H  N N 268 
MET HE2  H  N N 269 
MET HE3  H  N N 270 
MET HXT  H  N N 271 
PHE N    N  N N 272 
PHE CA   C  N S 273 
PHE C    C  N N 274 
PHE O    O  N N 275 
PHE CB   C  N N 276 
PHE CG   C  Y N 277 
PHE CD1  C  Y N 278 
PHE CD2  C  Y N 279 
PHE CE1  C  Y N 280 
PHE CE2  C  Y N 281 
PHE CZ   C  Y N 282 
PHE OXT  O  N N 283 
PHE H    H  N N 284 
PHE H2   H  N N 285 
PHE HA   H  N N 286 
PHE HB2  H  N N 287 
PHE HB3  H  N N 288 
PHE HD1  H  N N 289 
PHE HD2  H  N N 290 
PHE HE1  H  N N 291 
PHE HE2  H  N N 292 
PHE HZ   H  N N 293 
PHE HXT  H  N N 294 
PRO N    N  N N 295 
PRO CA   C  N S 296 
PRO C    C  N N 297 
PRO O    O  N N 298 
PRO CB   C  N N 299 
PRO CG   C  N N 300 
PRO CD   C  N N 301 
PRO OXT  O  N N 302 
PRO H    H  N N 303 
PRO HA   H  N N 304 
PRO HB2  H  N N 305 
PRO HB3  H  N N 306 
PRO HG2  H  N N 307 
PRO HG3  H  N N 308 
PRO HD2  H  N N 309 
PRO HD3  H  N N 310 
PRO HXT  H  N N 311 
PTR N    N  N N 312 
PTR CA   C  N S 313 
PTR C    C  N N 314 
PTR O    O  N N 315 
PTR OXT  O  N N 316 
PTR CB   C  N N 317 
PTR CG   C  Y N 318 
PTR CD1  C  Y N 319 
PTR CD2  C  Y N 320 
PTR CE1  C  Y N 321 
PTR CE2  C  Y N 322 
PTR CZ   C  Y N 323 
PTR OH   O  N N 324 
PTR P    P  N N 325 
PTR O1P  O  N N 326 
PTR O2P  O  N N 327 
PTR O3P  O  N N 328 
PTR H    H  N N 329 
PTR H2   H  N N 330 
PTR HA   H  N N 331 
PTR HXT  H  N N 332 
PTR HB2  H  N N 333 
PTR HB3  H  N N 334 
PTR HD1  H  N N 335 
PTR HD2  H  N N 336 
PTR HE1  H  N N 337 
PTR HE2  H  N N 338 
PTR HO2P H  N N 339 
PTR HO3P H  N N 340 
SER N    N  N N 341 
SER CA   C  N S 342 
SER C    C  N N 343 
SER O    O  N N 344 
SER CB   C  N N 345 
SER OG   O  N N 346 
SER OXT  O  N N 347 
SER H    H  N N 348 
SER H2   H  N N 349 
SER HA   H  N N 350 
SER HB2  H  N N 351 
SER HB3  H  N N 352 
SER HG   H  N N 353 
SER HXT  H  N N 354 
THR N    N  N N 355 
THR CA   C  N S 356 
THR C    C  N N 357 
THR O    O  N N 358 
THR CB   C  N R 359 
THR OG1  O  N N 360 
THR CG2  C  N N 361 
THR OXT  O  N N 362 
THR H    H  N N 363 
THR H2   H  N N 364 
THR HA   H  N N 365 
THR HB   H  N N 366 
THR HG1  H  N N 367 
THR HG21 H  N N 368 
THR HG22 H  N N 369 
THR HG23 H  N N 370 
THR HXT  H  N N 371 
TRP N    N  N N 372 
TRP CA   C  N S 373 
TRP C    C  N N 374 
TRP O    O  N N 375 
TRP CB   C  N N 376 
TRP CG   C  Y N 377 
TRP CD1  C  Y N 378 
TRP CD2  C  Y N 379 
TRP NE1  N  Y N 380 
TRP CE2  C  Y N 381 
TRP CE3  C  Y N 382 
TRP CZ2  C  Y N 383 
TRP CZ3  C  Y N 384 
TRP CH2  C  Y N 385 
TRP OXT  O  N N 386 
TRP H    H  N N 387 
TRP H2   H  N N 388 
TRP HA   H  N N 389 
TRP HB2  H  N N 390 
TRP HB3  H  N N 391 
TRP HD1  H  N N 392 
TRP HE1  H  N N 393 
TRP HE3  H  N N 394 
TRP HZ2  H  N N 395 
TRP HZ3  H  N N 396 
TRP HH2  H  N N 397 
TRP HXT  H  N N 398 
TYR N    N  N N 399 
TYR CA   C  N S 400 
TYR C    C  N N 401 
TYR O    O  N N 402 
TYR CB   C  N N 403 
TYR CG   C  Y N 404 
TYR CD1  C  Y N 405 
TYR CD2  C  Y N 406 
TYR CE1  C  Y N 407 
TYR CE2  C  Y N 408 
TYR CZ   C  Y N 409 
TYR OH   O  N N 410 
TYR OXT  O  N N 411 
TYR H    H  N N 412 
TYR H2   H  N N 413 
TYR HA   H  N N 414 
TYR HB2  H  N N 415 
TYR HB3  H  N N 416 
TYR HD1  H  N N 417 
TYR HD2  H  N N 418 
TYR HE1  H  N N 419 
TYR HE2  H  N N 420 
TYR HH   H  N N 421 
TYR HXT  H  N N 422 
VAL N    N  N N 423 
VAL CA   C  N S 424 
VAL C    C  N N 425 
VAL O    O  N N 426 
VAL CB   C  N N 427 
VAL CG1  C  N N 428 
VAL CG2  C  N N 429 
VAL OXT  O  N N 430 
VAL H    H  N N 431 
VAL H2   H  N N 432 
VAL HA   H  N N 433 
VAL HB   H  N N 434 
VAL HG11 H  N N 435 
VAL HG12 H  N N 436 
VAL HG13 H  N N 437 
VAL HG21 H  N N 438 
VAL HG22 H  N N 439 
VAL HG23 H  N N 440 
VAL HXT  H  N N 441 
# 
loop_
_chem_comp_bond.comp_id 
_chem_comp_bond.atom_id_1 
_chem_comp_bond.atom_id_2 
_chem_comp_bond.value_order 
_chem_comp_bond.pdbx_aromatic_flag 
_chem_comp_bond.pdbx_stereo_config 
_chem_comp_bond.pdbx_ordinal 
ALA N   CA   sing N N 1   
ALA N   H    sing N N 2   
ALA N   H2   sing N N 3   
ALA CA  C    sing N N 4   
ALA CA  CB   sing N N 5   
ALA CA  HA   sing N N 6   
ALA C   O    doub N N 7   
ALA C   OXT  sing N N 8   
ALA CB  HB1  sing N N 9   
ALA CB  HB2  sing N N 10  
ALA CB  HB3  sing N N 11  
ALA OXT HXT  sing N N 12  
ARG N   CA   sing N N 13  
ARG N   H    sing N N 14  
ARG N   H2   sing N N 15  
ARG CA  C    sing N N 16  
ARG CA  CB   sing N N 17  
ARG CA  HA   sing N N 18  
ARG C   O    doub N N 19  
ARG C   OXT  sing N N 20  
ARG CB  CG   sing N N 21  
ARG CB  HB2  sing N N 22  
ARG CB  HB3  sing N N 23  
ARG CG  CD   sing N N 24  
ARG CG  HG2  sing N N 25  
ARG CG  HG3  sing N N 26  
ARG CD  NE   sing N N 27  
ARG CD  HD2  sing N N 28  
ARG CD  HD3  sing N N 29  
ARG NE  CZ   sing N N 30  
ARG NE  HE   sing N N 31  
ARG CZ  NH1  sing N N 32  
ARG CZ  NH2  doub N N 33  
ARG NH1 HH11 sing N N 34  
ARG NH1 HH12 sing N N 35  
ARG NH2 HH21 sing N N 36  
ARG NH2 HH22 sing N N 37  
ARG OXT HXT  sing N N 38  
ASN N   CA   sing N N 39  
ASN N   H    sing N N 40  
ASN N   H2   sing N N 41  
ASN CA  C    sing N N 42  
ASN CA  CB   sing N N 43  
ASN CA  HA   sing N N 44  
ASN C   O    doub N N 45  
ASN C   OXT  sing N N 46  
ASN CB  CG   sing N N 47  
ASN CB  HB2  sing N N 48  
ASN CB  HB3  sing N N 49  
ASN CG  OD1  doub N N 50  
ASN CG  ND2  sing N N 51  
ASN ND2 HD21 sing N N 52  
ASN ND2 HD22 sing N N 53  
ASN OXT HXT  sing N N 54  
ASP N   CA   sing N N 55  
ASP N   H    sing N N 56  
ASP N   H2   sing N N 57  
ASP CA  C    sing N N 58  
ASP CA  CB   sing N N 59  
ASP CA  HA   sing N N 60  
ASP C   O    doub N N 61  
ASP C   OXT  sing N N 62  
ASP CB  CG   sing N N 63  
ASP CB  HB2  sing N N 64  
ASP CB  HB3  sing N N 65  
ASP CG  OD1  doub N N 66  
ASP CG  OD2  sing N N 67  
ASP OD2 HD2  sing N N 68  
ASP OXT HXT  sing N N 69  
CAS N   CA   sing N N 70  
CAS N   H    sing N N 71  
CAS N   H2   sing N N 72  
CAS CA  CB   sing N N 73  
CAS CA  C    sing N N 74  
CAS CA  HA   sing N N 75  
CAS CB  SG   sing N N 76  
CAS CB  HB2  sing N N 77  
CAS CB  HB3  sing N N 78  
CAS C   O    doub N N 79  
CAS C   OXT  sing N N 80  
CAS OXT HXT  sing N N 81  
CAS SG  AS   sing N N 82  
CAS AS  CE1  sing N N 83  
CAS AS  CE2  sing N N 84  
CAS CE1 HE11 sing N N 85  
CAS CE1 HE12 sing N N 86  
CAS CE1 HE13 sing N N 87  
CAS CE2 HE21 sing N N 88  
CAS CE2 HE22 sing N N 89  
CAS CE2 HE23 sing N N 90  
CYS N   CA   sing N N 91  
CYS N   H    sing N N 92  
CYS N   H2   sing N N 93  
CYS CA  C    sing N N 94  
CYS CA  CB   sing N N 95  
CYS CA  HA   sing N N 96  
CYS C   O    doub N N 97  
CYS C   OXT  sing N N 98  
CYS CB  SG   sing N N 99  
CYS CB  HB2  sing N N 100 
CYS CB  HB3  sing N N 101 
CYS SG  HG   sing N N 102 
CYS OXT HXT  sing N N 103 
GLN N   CA   sing N N 104 
GLN N   H    sing N N 105 
GLN N   H2   sing N N 106 
GLN CA  C    sing N N 107 
GLN CA  CB   sing N N 108 
GLN CA  HA   sing N N 109 
GLN C   O    doub N N 110 
GLN C   OXT  sing N N 111 
GLN CB  CG   sing N N 112 
GLN CB  HB2  sing N N 113 
GLN CB  HB3  sing N N 114 
GLN CG  CD   sing N N 115 
GLN CG  HG2  sing N N 116 
GLN CG  HG3  sing N N 117 
GLN CD  OE1  doub N N 118 
GLN CD  NE2  sing N N 119 
GLN NE2 HE21 sing N N 120 
GLN NE2 HE22 sing N N 121 
GLN OXT HXT  sing N N 122 
GLU N   CA   sing N N 123 
GLU N   H    sing N N 124 
GLU N   H2   sing N N 125 
GLU CA  C    sing N N 126 
GLU CA  CB   sing N N 127 
GLU CA  HA   sing N N 128 
GLU C   O    doub N N 129 
GLU C   OXT  sing N N 130 
GLU CB  CG   sing N N 131 
GLU CB  HB2  sing N N 132 
GLU CB  HB3  sing N N 133 
GLU CG  CD   sing N N 134 
GLU CG  HG2  sing N N 135 
GLU CG  HG3  sing N N 136 
GLU CD  OE1  doub N N 137 
GLU CD  OE2  sing N N 138 
GLU OE2 HE2  sing N N 139 
GLU OXT HXT  sing N N 140 
GLY N   CA   sing N N 141 
GLY N   H    sing N N 142 
GLY N   H2   sing N N 143 
GLY CA  C    sing N N 144 
GLY CA  HA2  sing N N 145 
GLY CA  HA3  sing N N 146 
GLY C   O    doub N N 147 
GLY C   OXT  sing N N 148 
GLY OXT HXT  sing N N 149 
HIS N   CA   sing N N 150 
HIS N   H    sing N N 151 
HIS N   H2   sing N N 152 
HIS CA  C    sing N N 153 
HIS CA  CB   sing N N 154 
HIS CA  HA   sing N N 155 
HIS C   O    doub N N 156 
HIS C   OXT  sing N N 157 
HIS CB  CG   sing N N 158 
HIS CB  HB2  sing N N 159 
HIS CB  HB3  sing N N 160 
HIS CG  ND1  sing Y N 161 
HIS CG  CD2  doub Y N 162 
HIS ND1 CE1  doub Y N 163 
HIS ND1 HD1  sing N N 164 
HIS CD2 NE2  sing Y N 165 
HIS CD2 HD2  sing N N 166 
HIS CE1 NE2  sing Y N 167 
HIS CE1 HE1  sing N N 168 
HIS NE2 HE2  sing N N 169 
HIS OXT HXT  sing N N 170 
HOH O   H1   sing N N 171 
HOH O   H2   sing N N 172 
ILE N   CA   sing N N 173 
ILE N   H    sing N N 174 
ILE N   H2   sing N N 175 
ILE CA  C    sing N N 176 
ILE CA  CB   sing N N 177 
ILE CA  HA   sing N N 178 
ILE C   O    doub N N 179 
ILE C   OXT  sing N N 180 
ILE CB  CG1  sing N N 181 
ILE CB  CG2  sing N N 182 
ILE CB  HB   sing N N 183 
ILE CG1 CD1  sing N N 184 
ILE CG1 HG12 sing N N 185 
ILE CG1 HG13 sing N N 186 
ILE CG2 HG21 sing N N 187 
ILE CG2 HG22 sing N N 188 
ILE CG2 HG23 sing N N 189 
ILE CD1 HD11 sing N N 190 
ILE CD1 HD12 sing N N 191 
ILE CD1 HD13 sing N N 192 
ILE OXT HXT  sing N N 193 
LEU N   CA   sing N N 194 
LEU N   H    sing N N 195 
LEU N   H2   sing N N 196 
LEU CA  C    sing N N 197 
LEU CA  CB   sing N N 198 
LEU CA  HA   sing N N 199 
LEU C   O    doub N N 200 
LEU C   OXT  sing N N 201 
LEU CB  CG   sing N N 202 
LEU CB  HB2  sing N N 203 
LEU CB  HB3  sing N N 204 
LEU CG  CD1  sing N N 205 
LEU CG  CD2  sing N N 206 
LEU CG  HG   sing N N 207 
LEU CD1 HD11 sing N N 208 
LEU CD1 HD12 sing N N 209 
LEU CD1 HD13 sing N N 210 
LEU CD2 HD21 sing N N 211 
LEU CD2 HD22 sing N N 212 
LEU CD2 HD23 sing N N 213 
LEU OXT HXT  sing N N 214 
LYS N   CA   sing N N 215 
LYS N   H    sing N N 216 
LYS N   H2   sing N N 217 
LYS CA  C    sing N N 218 
LYS CA  CB   sing N N 219 
LYS CA  HA   sing N N 220 
LYS C   O    doub N N 221 
LYS C   OXT  sing N N 222 
LYS CB  CG   sing N N 223 
LYS CB  HB2  sing N N 224 
LYS CB  HB3  sing N N 225 
LYS CG  CD   sing N N 226 
LYS CG  HG2  sing N N 227 
LYS CG  HG3  sing N N 228 
LYS CD  CE   sing N N 229 
LYS CD  HD2  sing N N 230 
LYS CD  HD3  sing N N 231 
LYS CE  NZ   sing N N 232 
LYS CE  HE2  sing N N 233 
LYS CE  HE3  sing N N 234 
LYS NZ  HZ1  sing N N 235 
LYS NZ  HZ2  sing N N 236 
LYS NZ  HZ3  sing N N 237 
LYS OXT HXT  sing N N 238 
MET N   CA   sing N N 239 
MET N   H    sing N N 240 
MET N   H2   sing N N 241 
MET CA  C    sing N N 242 
MET CA  CB   sing N N 243 
MET CA  HA   sing N N 244 
MET C   O    doub N N 245 
MET C   OXT  sing N N 246 
MET CB  CG   sing N N 247 
MET CB  HB2  sing N N 248 
MET CB  HB3  sing N N 249 
MET CG  SD   sing N N 250 
MET CG  HG2  sing N N 251 
MET CG  HG3  sing N N 252 
MET SD  CE   sing N N 253 
MET CE  HE1  sing N N 254 
MET CE  HE2  sing N N 255 
MET CE  HE3  sing N N 256 
MET OXT HXT  sing N N 257 
PHE N   CA   sing N N 258 
PHE N   H    sing N N 259 
PHE N   H2   sing N N 260 
PHE CA  C    sing N N 261 
PHE CA  CB   sing N N 262 
PHE CA  HA   sing N N 263 
PHE C   O    doub N N 264 
PHE C   OXT  sing N N 265 
PHE CB  CG   sing N N 266 
PHE CB  HB2  sing N N 267 
PHE CB  HB3  sing N N 268 
PHE CG  CD1  doub Y N 269 
PHE CG  CD2  sing Y N 270 
PHE CD1 CE1  sing Y N 271 
PHE CD1 HD1  sing N N 272 
PHE CD2 CE2  doub Y N 273 
PHE CD2 HD2  sing N N 274 
PHE CE1 CZ   doub Y N 275 
PHE CE1 HE1  sing N N 276 
PHE CE2 CZ   sing Y N 277 
PHE CE2 HE2  sing N N 278 
PHE CZ  HZ   sing N N 279 
PHE OXT HXT  sing N N 280 
PRO N   CA   sing N N 281 
PRO N   CD   sing N N 282 
PRO N   H    sing N N 283 
PRO CA  C    sing N N 284 
PRO CA  CB   sing N N 285 
PRO CA  HA   sing N N 286 
PRO C   O    doub N N 287 
PRO C   OXT  sing N N 288 
PRO CB  CG   sing N N 289 
PRO CB  HB2  sing N N 290 
PRO CB  HB3  sing N N 291 
PRO CG  CD   sing N N 292 
PRO CG  HG2  sing N N 293 
PRO CG  HG3  sing N N 294 
PRO CD  HD2  sing N N 295 
PRO CD  HD3  sing N N 296 
PRO OXT HXT  sing N N 297 
PTR N   CA   sing N N 298 
PTR N   H    sing N N 299 
PTR N   H2   sing N N 300 
PTR CA  C    sing N N 301 
PTR CA  CB   sing N N 302 
PTR CA  HA   sing N N 303 
PTR C   O    doub N N 304 
PTR C   OXT  sing N N 305 
PTR OXT HXT  sing N N 306 
PTR CB  CG   sing N N 307 
PTR CB  HB2  sing N N 308 
PTR CB  HB3  sing N N 309 
PTR CG  CD1  doub Y N 310 
PTR CG  CD2  sing Y N 311 
PTR CD1 CE1  sing Y N 312 
PTR CD1 HD1  sing N N 313 
PTR CD2 CE2  doub Y N 314 
PTR CD2 HD2  sing N N 315 
PTR CE1 CZ   doub Y N 316 
PTR CE1 HE1  sing N N 317 
PTR CE2 CZ   sing Y N 318 
PTR CE2 HE2  sing N N 319 
PTR CZ  OH   sing N N 320 
PTR OH  P    sing N N 321 
PTR P   O1P  doub N N 322 
PTR P   O2P  sing N N 323 
PTR P   O3P  sing N N 324 
PTR O2P HO2P sing N N 325 
PTR O3P HO3P sing N N 326 
SER N   CA   sing N N 327 
SER N   H    sing N N 328 
SER N   H2   sing N N 329 
SER CA  C    sing N N 330 
SER CA  CB   sing N N 331 
SER CA  HA   sing N N 332 
SER C   O    doub N N 333 
SER C   OXT  sing N N 334 
SER CB  OG   sing N N 335 
SER CB  HB2  sing N N 336 
SER CB  HB3  sing N N 337 
SER OG  HG   sing N N 338 
SER OXT HXT  sing N N 339 
THR N   CA   sing N N 340 
THR N   H    sing N N 341 
THR N   H2   sing N N 342 
THR CA  C    sing N N 343 
THR CA  CB   sing N N 344 
THR CA  HA   sing N N 345 
THR C   O    doub N N 346 
THR C   OXT  sing N N 347 
THR CB  OG1  sing N N 348 
THR CB  CG2  sing N N 349 
THR CB  HB   sing N N 350 
THR OG1 HG1  sing N N 351 
THR CG2 HG21 sing N N 352 
THR CG2 HG22 sing N N 353 
THR CG2 HG23 sing N N 354 
THR OXT HXT  sing N N 355 
TRP N   CA   sing N N 356 
TRP N   H    sing N N 357 
TRP N   H2   sing N N 358 
TRP CA  C    sing N N 359 
TRP CA  CB   sing N N 360 
TRP CA  HA   sing N N 361 
TRP C   O    doub N N 362 
TRP C   OXT  sing N N 363 
TRP CB  CG   sing N N 364 
TRP CB  HB2  sing N N 365 
TRP CB  HB3  sing N N 366 
TRP CG  CD1  doub Y N 367 
TRP CG  CD2  sing Y N 368 
TRP CD1 NE1  sing Y N 369 
TRP CD1 HD1  sing N N 370 
TRP CD2 CE2  doub Y N 371 
TRP CD2 CE3  sing Y N 372 
TRP NE1 CE2  sing Y N 373 
TRP NE1 HE1  sing N N 374 
TRP CE2 CZ2  sing Y N 375 
TRP CE3 CZ3  doub Y N 376 
TRP CE3 HE3  sing N N 377 
TRP CZ2 CH2  doub Y N 378 
TRP CZ2 HZ2  sing N N 379 
TRP CZ3 CH2  sing Y N 380 
TRP CZ3 HZ3  sing N N 381 
TRP CH2 HH2  sing N N 382 
TRP OXT HXT  sing N N 383 
TYR N   CA   sing N N 384 
TYR N   H    sing N N 385 
TYR N   H2   sing N N 386 
TYR CA  C    sing N N 387 
TYR CA  CB   sing N N 388 
TYR CA  HA   sing N N 389 
TYR C   O    doub N N 390 
TYR C   OXT  sing N N 391 
TYR CB  CG   sing N N 392 
TYR CB  HB2  sing N N 393 
TYR CB  HB3  sing N N 394 
TYR CG  CD1  doub Y N 395 
TYR CG  CD2  sing Y N 396 
TYR CD1 CE1  sing Y N 397 
TYR CD1 HD1  sing N N 398 
TYR CD2 CE2  doub Y N 399 
TYR CD2 HD2  sing N N 400 
TYR CE1 CZ   doub Y N 401 
TYR CE1 HE1  sing N N 402 
TYR CE2 CZ   sing Y N 403 
TYR CE2 HE2  sing N N 404 
TYR CZ  OH   sing N N 405 
TYR OH  HH   sing N N 406 
TYR OXT HXT  sing N N 407 
VAL N   CA   sing N N 408 
VAL N   H    sing N N 409 
VAL N   H2   sing N N 410 
VAL CA  C    sing N N 411 
VAL CA  CB   sing N N 412 
VAL CA  HA   sing N N 413 
VAL C   O    doub N N 414 
VAL C   OXT  sing N N 415 
VAL CB  CG1  sing N N 416 
VAL CB  CG2  sing N N 417 
VAL CB  HB   sing N N 418 
VAL CG1 HG11 sing N N 419 
VAL CG1 HG12 sing N N 420 
VAL CG1 HG13 sing N N 421 
VAL CG2 HG21 sing N N 422 
VAL CG2 HG22 sing N N 423 
VAL CG2 HG23 sing N N 424 
VAL OXT HXT  sing N N 425 
# 
_pdbx_initial_refinement_model.id               1 
_pdbx_initial_refinement_model.entity_id_list   ? 
_pdbx_initial_refinement_model.type             'experimental model' 
_pdbx_initial_refinement_model.source_name      PDB 
_pdbx_initial_refinement_model.accession_code   2SHP 
_pdbx_initial_refinement_model.details          'PDB Entry: 2SHP' 
# 
_atom_sites.entry_id                    2HMH 
_atom_sites.fract_transf_matrix[1][1]   0.01987171 
_atom_sites.fract_transf_matrix[1][2]   0.00291873 
_atom_sites.fract_transf_matrix[1][3]   0.01181043 
_atom_sites.fract_transf_matrix[2][1]   0.00237828 
_atom_sites.fract_transf_matrix[2][2]   0.00831581 
_atom_sites.fract_transf_matrix[2][3]   -0.00605669 
_atom_sites.fract_transf_matrix[3][1]   -0.00673703 
_atom_sites.fract_transf_matrix[3][2]   0.00862948 
_atom_sites.fract_transf_matrix[3][3]   0.00920281 
_atom_sites.fract_transf_vector[1]      0.350184 
_atom_sites.fract_transf_vector[2]      0.148249 
_atom_sites.fract_transf_vector[3]      0.530083 
# 
loop_
_atom_type.symbol 
AS 
C  
N  
O  
P  
S  
# 
loop_
_atom_site.group_PDB 
_atom_site.id 
_atom_site.type_symbol 
_atom_site.label_atom_id 
_atom_site.label_alt_id 
_atom_site.label_comp_id 
_atom_site.label_asym_id 
_atom_site.label_entity_id 
_atom_site.label_seq_id 
_atom_site.pdbx_PDB_ins_code 
_atom_site.Cartn_x 
_atom_site.Cartn_y 
_atom_site.Cartn_z 
_atom_site.occupancy 
_atom_site.B_iso_or_equiv 
_atom_site.pdbx_formal_charge 
_atom_site.auth_seq_id 
_atom_site.auth_comp_id 
_atom_site.auth_asym_id 
_atom_site.auth_atom_id 
_atom_site.pdbx_PDB_model_num 
ATOM   1    N  N   . SER A 1 19  ? 7.700   -16.917 -15.789 1.00 59.60 ? 29   SER A N   1 
ATOM   2    C  CA  . SER A 1 19  ? 6.946   -17.461 -14.619 1.00 59.58 ? 29   SER A CA  1 
ATOM   3    C  C   . SER A 1 19  ? 7.873   -18.034 -13.543 1.00 59.44 ? 29   SER A C   1 
ATOM   4    O  O   . SER A 1 19  ? 9.028   -18.380 -13.831 1.00 59.61 ? 29   SER A O   1 
ATOM   5    C  CB  . SER A 1 19  ? 5.942   -18.528 -15.077 1.00 59.73 ? 29   SER A CB  1 
ATOM   6    O  OG  . SER A 1 19  ? 6.597   -19.613 -15.712 1.00 59.91 ? 29   SER A OG  1 
ATOM   7    N  N   . GLU A 1 20  ? 7.340   -18.119 -12.317 1.00 58.96 ? 30   GLU A N   1 
ATOM   8    C  CA  . GLU A 1 20  ? 7.998   -18.672 -11.108 1.00 58.44 ? 30   GLU A CA  1 
ATOM   9    C  C   . GLU A 1 20  ? 9.130   -17.820 -10.507 1.00 57.84 ? 30   GLU A C   1 
ATOM   10   O  O   . GLU A 1 20  ? 9.513   -18.010 -9.346  1.00 57.93 ? 30   GLU A O   1 
ATOM   11   C  CB  . GLU A 1 20  ? 8.434   -20.142 -11.291 1.00 58.78 ? 30   GLU A CB  1 
ATOM   12   C  CG  . GLU A 1 20  ? 9.880   -20.357 -11.754 1.00 59.23 ? 30   GLU A CG  1 
ATOM   13   C  CD  . GLU A 1 20  ? 10.543  -21.552 -11.092 1.00 60.47 ? 30   GLU A CD  1 
ATOM   14   O  OE1 . GLU A 1 20  ? 9.818   -22.447 -10.596 1.00 60.44 ? 30   GLU A OE1 1 
ATOM   15   O  OE2 . GLU A 1 20  ? 11.797  -21.588 -11.063 1.00 60.91 ? 30   GLU A OE2 1 
ATOM   16   N  N   . TYR A 1 21  ? 9.657   -16.900 -11.310 1.00 56.85 ? 31   TYR A N   1 
ATOM   17   C  CA  . TYR A 1 21  ? 10.708  -15.970 -10.909 1.00 55.90 ? 31   TYR A CA  1 
ATOM   18   C  C   . TYR A 1 21  ? 10.612  -14.763 -11.826 1.00 55.22 ? 31   TYR A C   1 
ATOM   19   O  O   . TYR A 1 21  ? 10.811  -13.631 -11.393 1.00 55.44 ? 31   TYR A O   1 
ATOM   20   C  CB  . TYR A 1 21  ? 12.100  -16.622 -10.999 1.00 55.71 ? 31   TYR A CB  1 
ATOM   21   C  CG  . TYR A 1 21  ? 13.268  -15.650 -11.148 1.00 55.75 ? 31   TYR A CG  1 
ATOM   22   C  CD1 . TYR A 1 21  ? 14.041  -15.274 -10.046 1.00 56.02 ? 31   TYR A CD1 1 
ATOM   23   C  CD2 . TYR A 1 21  ? 13.612  -15.120 -12.399 1.00 55.79 ? 31   TYR A CD2 1 
ATOM   24   C  CE1 . TYR A 1 21  ? 15.121  -14.384 -10.183 1.00 55.54 ? 31   TYR A CE1 1 
ATOM   25   C  CE2 . TYR A 1 21  ? 14.682  -14.229 -12.544 1.00 55.63 ? 31   TYR A CE2 1 
ATOM   26   C  CZ  . TYR A 1 21  ? 15.431  -13.869 -11.434 1.00 55.65 ? 31   TYR A CZ  1 
ATOM   27   O  OH  . TYR A 1 21  ? 16.484  -12.991 -11.583 1.00 55.19 ? 31   TYR A OH  1 
ATOM   28   N  N   . GLN A 1 22  ? 10.308  -15.015 -13.098 1.00 54.30 ? 32   GLN A N   1 
ATOM   29   C  CA  . GLN A 1 22  ? 10.196  -13.947 -14.086 1.00 53.39 ? 32   GLN A CA  1 
ATOM   30   C  C   . GLN A 1 22  ? 8.990   -13.060 -13.789 1.00 52.29 ? 32   GLN A C   1 
ATOM   31   O  O   . GLN A 1 22  ? 9.064   -11.844 -13.955 1.00 51.92 ? 32   GLN A O   1 
ATOM   32   C  CB  . GLN A 1 22  ? 10.112  -14.508 -15.507 1.00 53.51 ? 32   GLN A CB  1 
ATOM   33   C  CG  . GLN A 1 22  ? 10.352  -13.463 -16.589 1.00 54.38 ? 32   GLN A CG  1 
ATOM   34   C  CD  . GLN A 1 22  ? 9.817   -13.878 -17.945 1.00 55.70 ? 32   GLN A CD  1 
ATOM   35   O  OE1 . GLN A 1 22  ? 9.881   -15.051 -18.322 1.00 56.61 ? 32   GLN A OE1 1 
ATOM   36   N  NE2 . GLN A 1 22  ? 9.294   -12.909 -18.693 1.00 55.83 ? 32   GLN A NE2 1 
ATOM   37   N  N   . LEU A 1 23  ? 7.894   -13.676 -13.347 1.00 51.12 ? 33   LEU A N   1 
ATOM   38   C  CA  . LEU A 1 23  ? 6.686   -12.947 -12.982 1.00 49.95 ? 33   LEU A CA  1 
ATOM   39   C  C   . LEU A 1 23  ? 6.922   -12.060 -11.761 1.00 48.99 ? 33   LEU A C   1 
ATOM   40   O  O   . LEU A 1 23  ? 6.477   -10.910 -11.739 1.00 48.80 ? 33   LEU A O   1 
ATOM   41   C  CB  . LEU A 1 23  ? 5.515   -13.905 -12.733 1.00 50.18 ? 33   LEU A CB  1 
ATOM   42   C  CG  . LEU A 1 23  ? 4.623   -14.303 -13.916 1.00 50.23 ? 33   LEU A CG  1 
ATOM   43   C  CD1 . LEU A 1 23  ? 3.820   -15.537 -13.549 1.00 50.79 ? 33   LEU A CD1 1 
ATOM   44   C  CD2 . LEU A 1 23  ? 3.689   -13.171 -14.352 1.00 50.51 ? 33   LEU A CD2 1 
ATOM   45   N  N   . VAL A 1 24  ? 7.625   -12.608 -10.763 1.00 47.67 ? 34   VAL A N   1 
ATOM   46   C  CA  . VAL A 1 24  ? 7.995   -11.888 -9.541  1.00 46.59 ? 34   VAL A CA  1 
ATOM   47   C  C   . VAL A 1 24  ? 8.900   -10.693 -9.864  1.00 45.84 ? 34   VAL A C   1 
ATOM   48   O  O   . VAL A 1 24  ? 8.581   -9.557  -9.517  1.00 45.18 ? 34   VAL A O   1 
ATOM   49   C  CB  . VAL A 1 24  ? 8.677   -12.829 -8.494  1.00 46.72 ? 34   VAL A CB  1 
ATOM   50   C  CG1 . VAL A 1 24  ? 9.347   -12.029 -7.373  1.00 46.54 ? 34   VAL A CG1 1 
ATOM   51   C  CG2 . VAL A 1 24  ? 7.665   -13.814 -7.910  1.00 46.54 ? 34   VAL A CG2 1 
ATOM   52   N  N   . VAL A 1 25  ? 10.012  -10.964 -10.552 1.00 44.93 ? 35   VAL A N   1 
ATOM   53   C  CA  . VAL A 1 25  ? 10.987  -9.936  -10.916 1.00 43.99 ? 35   VAL A CA  1 
ATOM   54   C  C   . VAL A 1 25  ? 10.398  -8.880  -11.864 1.00 43.33 ? 35   VAL A C   1 
ATOM   55   O  O   . VAL A 1 25  ? 10.786  -7.714  -11.816 1.00 42.94 ? 35   VAL A O   1 
ATOM   56   C  CB  . VAL A 1 25  ? 12.294  -10.577 -11.479 1.00 44.12 ? 35   VAL A CB  1 
ATOM   57   C  CG1 . VAL A 1 25  ? 13.202  -9.538  -12.129 1.00 44.57 ? 35   VAL A CG1 1 
ATOM   58   C  CG2 . VAL A 1 25  ? 13.043  -11.291 -10.369 1.00 43.98 ? 35   VAL A CG2 1 
ATOM   59   N  N   . ASN A 1 26  ? 9.457   -9.281  -12.712 1.00 42.61 ? 36   ASN A N   1 
ATOM   60   C  CA  . ASN A 1 26  ? 8.759   -8.315  -13.562 1.00 42.50 ? 36   ASN A CA  1 
ATOM   61   C  C   . ASN A 1 26  ? 7.772   -7.449  -12.781 1.00 41.77 ? 36   ASN A C   1 
ATOM   62   O  O   . ASN A 1 26  ? 7.557   -6.288  -13.122 1.00 41.67 ? 36   ASN A O   1 
ATOM   63   C  CB  . ASN A 1 26  ? 8.055   -9.006  -14.735 1.00 42.67 ? 36   ASN A CB  1 
ATOM   64   C  CG  . ASN A 1 26  ? 9.032   -9.557  -15.762 1.00 43.86 ? 36   ASN A CG  1 
ATOM   65   O  OD1 . ASN A 1 26  ? 10.243  -9.642  -15.515 1.00 45.35 ? 36   ASN A OD1 1 
ATOM   66   N  ND2 . ASN A 1 26  ? 8.508   -9.941  -16.926 1.00 44.50 ? 36   ASN A ND2 1 
ATOM   67   N  N   . ALA A 1 27  ? 7.179   -8.023  -11.732 1.00 41.07 ? 37   ALA A N   1 
ATOM   68   C  CA  . ALA A 1 27  ? 6.257   -7.294  -10.855 1.00 40.07 ? 37   ALA A CA  1 
ATOM   69   C  C   . ALA A 1 27  ? 7.031   -6.293  -10.001 1.00 39.41 ? 37   ALA A C   1 
ATOM   70   O  O   . ALA A 1 27  ? 6.668   -5.122  -9.940  1.00 39.48 ? 37   ALA A O   1 
ATOM   71   C  CB  . ALA A 1 27  ? 5.471   -8.257  -9.982  1.00 39.90 ? 37   ALA A CB  1 
ATOM   72   N  N   . VAL A 1 28  ? 8.100   -6.763  -9.360  1.00 38.87 ? 38   VAL A N   1 
ATOM   73   C  CA  . VAL A 1 28  ? 9.042   -5.898  -8.640  1.00 38.32 ? 38   VAL A CA  1 
ATOM   74   C  C   . VAL A 1 28  ? 9.590   -4.780  -9.540  1.00 38.23 ? 38   VAL A C   1 
ATOM   75   O  O   . VAL A 1 28  ? 9.588   -3.613  -9.144  1.00 38.03 ? 38   VAL A O   1 
ATOM   76   C  CB  . VAL A 1 28  ? 10.202  -6.715  -8.004  1.00 38.18 ? 38   VAL A CB  1 
ATOM   77   C  CG1 . VAL A 1 28  ? 11.281  -5.798  -7.410  1.00 38.12 ? 38   VAL A CG1 1 
ATOM   78   C  CG2 . VAL A 1 28  ? 9.674   -7.651  -6.950  1.00 37.52 ? 38   VAL A CG2 1 
ATOM   79   N  N   . ARG A 1 29  ? 10.044  -5.134  -10.747 1.00 38.14 ? 39   ARG A N   1 
ATOM   80   C  CA  . ARG A 1 29  ? 10.585  -4.151  -11.689 1.00 38.21 ? 39   ARG A CA  1 
ATOM   81   C  C   . ARG A 1 29  ? 9.578   -3.042  -11.944 1.00 37.49 ? 39   ARG A C   1 
ATOM   82   O  O   . ARG A 1 29  ? 9.876   -1.860  -11.743 1.00 37.47 ? 39   ARG A O   1 
ATOM   83   C  CB  . ARG A 1 29  ? 10.988  -4.800  -13.022 1.00 38.32 ? 39   ARG A CB  1 
ATOM   84   C  CG  . ARG A 1 29  ? 12.482  -5.113  -13.180 1.00 39.74 ? 39   ARG A CG  1 
ATOM   85   C  CD  . ARG A 1 29  ? 12.835  -5.587  -14.614 1.00 40.02 ? 39   ARG A CD  1 
ATOM   86   N  NE  . ARG A 1 29  ? 12.342  -4.668  -15.646 1.00 44.14 ? 39   ARG A NE  1 
ATOM   87   C  CZ  . ARG A 1 29  ? 12.514  -4.814  -16.962 1.00 46.33 ? 39   ARG A CZ  1 
ATOM   88   N  NH1 . ARG A 1 29  ? 13.178  -5.855  -17.463 1.00 47.14 ? 39   ARG A NH1 1 
ATOM   89   N  NH2 . ARG A 1 29  ? 12.011  -3.905  -17.793 1.00 46.47 ? 39   ARG A NH2 1 
ATOM   90   N  N   . LYS A 1 30  ? 8.380   -3.428  -12.370 1.00 36.33 ? 40   LYS A N   1 
ATOM   91   C  CA  . LYS A 1 30  ? 7.341   -2.467  -12.712 1.00 35.54 ? 40   LYS A CA  1 
ATOM   92   C  C   . LYS A 1 30  ? 6.938   -1.626  -11.494 1.00 34.62 ? 40   LYS A C   1 
ATOM   93   O  O   . LYS A 1 30  ? 6.690   -0.427  -11.629 1.00 34.13 ? 40   LYS A O   1 
ATOM   94   C  CB  . LYS A 1 30  ? 6.133   -3.175  -13.342 1.00 35.77 ? 40   LYS A CB  1 
ATOM   95   C  CG  . LYS A 1 30  ? 6.308   -3.609  -14.828 1.00 36.78 ? 40   LYS A CG  1 
ATOM   96   C  CD  . LYS A 1 30  ? 7.687   -4.231  -15.130 1.00 39.12 ? 40   LYS A CD  1 
ATOM   97   C  CE  . LYS A 1 30  ? 7.624   -5.279  -16.239 1.00 40.18 ? 40   LYS A CE  1 
ATOM   98   N  NZ  . LYS A 1 30  ? 8.913   -6.006  -16.352 1.00 42.06 ? 40   LYS A NZ  1 
ATOM   99   N  N   . LEU A 1 31  ? 6.903   -2.252  -10.317 1.00 33.90 ? 41   LEU A N   1 
ATOM   100  C  CA  . LEU A 1 31  ? 6.640   -1.540  -9.056  1.00 33.72 ? 41   LEU A CA  1 
ATOM   101  C  C   . LEU A 1 31  ? 7.719   -0.488  -8.774  1.00 33.65 ? 41   LEU A C   1 
ATOM   102  O  O   . LEU A 1 31  ? 7.399   0.661   -8.468  1.00 33.36 ? 41   LEU A O   1 
ATOM   103  C  CB  . LEU A 1 31  ? 6.490   -2.521  -7.877  1.00 33.62 ? 41   LEU A CB  1 
ATOM   104  C  CG  . LEU A 1 31  ? 6.103   -1.931  -6.500  1.00 34.17 ? 41   LEU A CG  1 
ATOM   105  C  CD1 . LEU A 1 31  ? 5.090   -2.791  -5.735  1.00 34.14 ? 41   LEU A CD1 1 
ATOM   106  C  CD2 . LEU A 1 31  ? 7.326   -1.665  -5.638  1.00 33.13 ? 41   LEU A CD2 1 
ATOM   107  N  N   . GLN A 1 32  ? 8.989   -0.886  -8.890  1.00 33.81 ? 42   GLN A N   1 
ATOM   108  C  CA  . GLN A 1 32  ? 10.129  0.024   -8.728  1.00 33.91 ? 42   GLN A CA  1 
ATOM   109  C  C   . GLN A 1 32  ? 10.080  1.200   -9.695  1.00 34.13 ? 42   GLN A C   1 
ATOM   110  O  O   . GLN A 1 32  ? 10.436  2.330   -9.336  1.00 33.97 ? 42   GLN A O   1 
ATOM   111  C  CB  . GLN A 1 32  ? 11.443  -0.711  -8.955  1.00 34.06 ? 42   GLN A CB  1 
ATOM   112  C  CG  . GLN A 1 32  ? 11.858  -1.661  -7.859  1.00 34.47 ? 42   GLN A CG  1 
ATOM   113  C  CD  . GLN A 1 32  ? 13.089  -2.471  -8.256  1.00 36.84 ? 42   GLN A CD  1 
ATOM   114  O  OE1 . GLN A 1 32  ? 13.429  -2.583  -9.444  1.00 36.97 ? 42   GLN A OE1 1 
ATOM   115  N  NE2 . GLN A 1 32  ? 13.756  -3.047  -7.264  1.00 36.97 ? 42   GLN A NE2 1 
ATOM   116  N  N   . GLU A 1 33  ? 9.624   0.924   -10.915 1.00 33.93 ? 43   GLU A N   1 
ATOM   117  C  CA  . GLU A 1 33  ? 9.533   1.920   -11.980 1.00 34.29 ? 43   GLU A CA  1 
ATOM   118  C  C   . GLU A 1 33  ? 8.350   2.889   -11.868 1.00 33.29 ? 43   GLU A C   1 
ATOM   119  O  O   . GLU A 1 33  ? 8.327   3.907   -12.556 1.00 33.34 ? 43   GLU A O   1 
ATOM   120  C  CB  . GLU A 1 33  ? 9.466   1.214   -13.338 1.00 34.36 ? 43   GLU A CB  1 
ATOM   121  C  CG  . GLU A 1 33  ? 10.707  0.397   -13.686 1.00 35.94 ? 43   GLU A CG  1 
ATOM   122  C  CD  . GLU A 1 33  ? 10.573  -0.333  -15.017 1.00 36.33 ? 43   GLU A CD  1 
ATOM   123  O  OE1 . GLU A 1 33  ? 9.559   -0.126  -15.724 1.00 39.20 ? 43   GLU A OE1 1 
ATOM   124  O  OE2 . GLU A 1 33  ? 11.486  -1.120  -15.355 1.00 40.93 ? 43   GLU A OE2 1 
ATOM   125  N  N   . SER A 1 34  ? 7.387   2.584   -10.997 1.00 32.71 ? 44   SER A N   1 
ATOM   126  C  CA  . SER A 1 34  ? 6.087   3.267   -10.992 1.00 31.91 ? 44   SER A CA  1 
ATOM   127  C  C   . SER A 1 34  ? 6.098   4.727   -10.537 1.00 31.85 ? 44   SER A C   1 
ATOM   128  O  O   . SER A 1 34  ? 5.185   5.488   -10.853 1.00 32.47 ? 44   SER A O   1 
ATOM   129  C  CB  . SER A 1 34  ? 5.088   2.490   -10.139 1.00 32.16 ? 44   SER A CB  1 
ATOM   130  O  OG  . SER A 1 34  ? 5.442   2.538   -8.767  1.00 30.49 ? 44   SER A OG  1 
ATOM   131  N  N   . GLY A 1 35  ? 7.107   5.125   -9.780  1.00 30.98 ? 45   GLY A N   1 
ATOM   132  C  CA  . GLY A 1 35  ? 7.094   6.479   -9.246  1.00 30.22 ? 45   GLY A CA  1 
ATOM   133  C  C   . GLY A 1 35  ? 6.344   6.575   -7.925  1.00 28.75 ? 45   GLY A C   1 
ATOM   134  O  O   . GLY A 1 35  ? 6.432   7.594   -7.263  1.00 29.83 ? 45   GLY A O   1 
ATOM   135  N  N   . PHE A 1 36  ? 5.593   5.525   -7.568  1.00 27.69 ? 46   PHE A N   1 
ATOM   136  C  CA  . PHE A 1 36  ? 4.959   5.379   -6.239  1.00 26.03 ? 46   PHE A CA  1 
ATOM   137  C  C   . PHE A 1 36  ? 5.965   4.903   -5.210  1.00 23.84 ? 46   PHE A C   1 
ATOM   138  O  O   . PHE A 1 36  ? 5.738   5.048   -4.016  1.00 22.14 ? 46   PHE A O   1 
ATOM   139  C  CB  . PHE A 1 36  ? 3.886   4.279   -6.235  1.00 26.99 ? 46   PHE A CB  1 
ATOM   140  C  CG  . PHE A 1 36  ? 2.696   4.551   -7.081  1.00 28.70 ? 46   PHE A CG  1 
ATOM   141  C  CD1 . PHE A 1 36  ? 1.941   5.691   -6.912  1.00 31.76 ? 46   PHE A CD1 1 
ATOM   142  C  CD2 . PHE A 1 36  ? 2.293   3.613   -8.021  1.00 30.33 ? 46   PHE A CD2 1 
ATOM   143  C  CE1 . PHE A 1 36  ? 0.813   5.911   -7.698  1.00 33.81 ? 46   PHE A CE1 1 
ATOM   144  C  CE2 . PHE A 1 36  ? 1.193   3.818   -8.811  1.00 31.68 ? 46   PHE A CE2 1 
ATOM   145  C  CZ  . PHE A 1 36  ? 0.442   4.969   -8.659  1.00 32.10 ? 46   PHE A CZ  1 
ATOM   146  N  N   . TYR A 1 37  ? 7.026   4.253   -5.691  1.00 22.05 ? 47   TYR A N   1 
ATOM   147  C  CA  . TYR A 1 37  ? 7.939   3.488   -4.859  1.00 20.92 ? 47   TYR A CA  1 
ATOM   148  C  C   . TYR A 1 37  ? 9.103   4.325   -4.348  1.00 20.92 ? 47   TYR A C   1 
ATOM   149  O  O   . TYR A 1 37  ? 9.767   5.010   -5.127  1.00 20.98 ? 47   TYR A O   1 
ATOM   150  C  CB  . TYR A 1 37  ? 8.472   2.285   -5.652  1.00 20.40 ? 47   TYR A CB  1 
ATOM   151  C  CG  . TYR A 1 37  ? 9.550   1.493   -4.942  1.00 20.53 ? 47   TYR A CG  1 
ATOM   152  C  CD1 . TYR A 1 37  ? 9.265   0.775   -3.774  1.00 18.23 ? 47   TYR A CD1 1 
ATOM   153  C  CD2 . TYR A 1 37  ? 10.859  1.461   -5.437  1.00 17.85 ? 47   TYR A CD2 1 
ATOM   154  C  CE1 . TYR A 1 37  ? 10.261  0.046   -3.113  1.00 18.87 ? 47   TYR A CE1 1 
ATOM   155  C  CE2 . TYR A 1 37  ? 11.857  0.734   -4.789  1.00 19.31 ? 47   TYR A CE2 1 
ATOM   156  C  CZ  . TYR A 1 37  ? 11.557  0.026   -3.632  1.00 20.13 ? 47   TYR A CZ  1 
ATOM   157  O  OH  . TYR A 1 37  ? 12.553  -0.702  -2.992  1.00 19.93 ? 47   TYR A OH  1 
ATOM   158  N  N   . TRP A 1 38  ? 9.346   4.248   -3.044  1.00 20.36 ? 48   TRP A N   1 
ATOM   159  C  CA  . TRP A 1 38  ? 10.424  4.981   -2.391  1.00 20.55 ? 48   TRP A CA  1 
ATOM   160  C  C   . TRP A 1 38  ? 11.398  4.003   -1.748  1.00 22.17 ? 48   TRP A C   1 
ATOM   161  O  O   . TRP A 1 38  ? 11.164  3.471   -0.657  1.00 21.65 ? 48   TRP A O   1 
ATOM   162  C  CB  . TRP A 1 38  ? 9.873   5.948   -1.338  1.00 19.35 ? 48   TRP A CB  1 
ATOM   163  C  CG  . TRP A 1 38  ? 9.087   7.064   -1.921  1.00 17.55 ? 48   TRP A CG  1 
ATOM   164  C  CD1 . TRP A 1 38  ? 7.938   6.964   -2.649  1.00 17.90 ? 48   TRP A CD1 1 
ATOM   165  C  CD2 . TRP A 1 38  ? 9.397   8.455   -1.840  1.00 16.94 ? 48   TRP A CD2 1 
ATOM   166  N  NE1 . TRP A 1 38  ? 7.504   8.217   -3.027  1.00 16.71 ? 48   TRP A NE1 1 
ATOM   167  C  CE2 . TRP A 1 38  ? 8.394   9.148   -2.545  1.00 16.77 ? 48   TRP A CE2 1 
ATOM   168  C  CE3 . TRP A 1 38  ? 10.437  9.192   -1.232  1.00 18.24 ? 48   TRP A CE3 1 
ATOM   169  C  CZ2 . TRP A 1 38  ? 8.384   10.542  -2.651  1.00 18.40 ? 48   TRP A CZ2 1 
ATOM   170  C  CZ3 . TRP A 1 38  ? 10.437  10.584  -1.363  1.00 16.94 ? 48   TRP A CZ3 1 
ATOM   171  C  CH2 . TRP A 1 38  ? 9.419   11.239  -2.048  1.00 18.13 ? 48   TRP A CH2 1 
ATOM   172  N  N   . SER A 1 39  ? 12.500  3.780   -2.451  1.00 24.22 ? 49   SER A N   1 
ATOM   173  C  CA  . SER A 1 39  ? 13.569  2.930   -1.974  1.00 26.20 ? 49   SER A CA  1 
ATOM   174  C  C   . SER A 1 39  ? 14.274  3.663   -0.841  1.00 27.34 ? 49   SER A C   1 
ATOM   175  O  O   . SER A 1 39  ? 14.279  4.895   -0.811  1.00 28.73 ? 49   SER A O   1 
ATOM   176  C  CB  . SER A 1 39  ? 14.544  2.675   -3.120  1.00 26.01 ? 49   SER A CB  1 
ATOM   177  O  OG  . SER A 1 39  ? 15.711  2.032   -2.651  1.00 27.65 ? 49   SER A OG  1 
ATOM   178  N  N   . ALA A 1 40  ? 14.864  2.918   0.083   1.00 28.07 ? 50   ALA A N   1 
ATOM   179  C  CA  . ALA A 1 40  ? 15.572  3.528   1.209   1.00 29.25 ? 50   ALA A CA  1 
ATOM   180  C  C   . ALA A 1 40  ? 14.705  4.544   1.979   1.00 29.12 ? 50   ALA A C   1 
ATOM   181  O  O   . ALA A 1 40  ? 15.147  5.657   2.297   1.00 30.18 ? 50   ALA A O   1 
ATOM   182  C  CB  . ALA A 1 40  ? 16.913  4.168   0.729   1.00 29.38 ? 50   ALA A CB  1 
ATOM   183  N  N   . VAL A 1 41  ? 13.459  4.151   2.245   1.00 28.56 ? 51   VAL A N   1 
ATOM   184  C  CA  . VAL A 1 41  ? 12.575  4.861   3.167   1.00 27.41 ? 51   VAL A CA  1 
ATOM   185  C  C   . VAL A 1 41  ? 12.026  3.843   4.183   1.00 27.11 ? 51   VAL A C   1 
ATOM   186  O  O   . VAL A 1 41  ? 11.450  2.823   3.806   1.00 27.25 ? 51   VAL A O   1 
ATOM   187  C  CB  . VAL A 1 41  ? 11.409  5.567   2.409   1.00 27.32 ? 51   VAL A CB  1 
ATOM   188  C  CG1 . VAL A 1 41  ? 10.284  5.924   3.349   1.00 26.06 ? 51   VAL A CG1 1 
ATOM   189  C  CG2 . VAL A 1 41  ? 11.916  6.813   1.670   1.00 26.48 ? 51   VAL A CG2 1 
ATOM   190  N  N   . THR A 1 42  ? 12.223  4.124   5.467   1.00 27.16 ? 52   THR A N   1 
ATOM   191  C  CA  . THR A 1 42  ? 11.701  3.274   6.541   1.00 26.45 ? 52   THR A CA  1 
ATOM   192  C  C   . THR A 1 42  ? 10.278  3.677   6.915   1.00 25.76 ? 52   THR A C   1 
ATOM   193  O  O   . THR A 1 42  ? 9.735   4.657   6.387   1.00 25.01 ? 52   THR A O   1 
ATOM   194  C  CB  . THR A 1 42  ? 12.559  3.375   7.810   1.00 26.75 ? 52   THR A CB  1 
ATOM   195  O  OG1 . THR A 1 42  ? 12.484  4.712   8.325   1.00 26.95 ? 52   THR A OG1 1 
ATOM   196  C  CG2 . THR A 1 42  ? 14.019  3.004   7.518   1.00 27.32 ? 52   THR A CG2 1 
ATOM   197  N  N   . GLY A 1 43  ? 9.681   2.920   7.833   1.00 24.82 ? 53   GLY A N   1 
ATOM   198  C  CA  . GLY A 1 43  ? 8.380   3.270   8.370   1.00 23.71 ? 53   GLY A CA  1 
ATOM   199  C  C   . GLY A 1 43  ? 8.382   4.637   9.012   1.00 23.34 ? 53   GLY A C   1 
ATOM   200  O  O   . GLY A 1 43  ? 7.469   5.428   8.786   1.00 23.70 ? 53   GLY A O   1 
ATOM   201  N  N   . GLY A 1 44  ? 9.417   4.920   9.806   1.00 22.77 ? 54   GLY A N   1 
ATOM   202  C  CA  . GLY A 1 44  ? 9.553   6.205   10.487  1.00 22.01 ? 54   GLY A CA  1 
ATOM   203  C  C   . GLY A 1 44  ? 9.690   7.354   9.512   1.00 21.69 ? 54   GLY A C   1 
ATOM   204  O  O   . GLY A 1 44  ? 9.097   8.404   9.700   1.00 21.41 ? 54   GLY A O   1 
ATOM   205  N  N   . GLU A 1 45  ? 10.460  7.137   8.450   1.00 21.66 ? 55   GLU A N   1 
ATOM   206  C  CA  . GLU A 1 45  ? 10.643  8.154   7.416   1.00 21.08 ? 55   GLU A CA  1 
ATOM   207  C  C   . GLU A 1 45  ? 9.377   8.400   6.607   1.00 20.37 ? 55   GLU A C   1 
ATOM   208  O  O   . GLU A 1 45  ? 9.106   9.525   6.210   1.00 20.27 ? 55   GLU A O   1 
ATOM   209  C  CB  . GLU A 1 45  ? 11.821  7.787   6.519   1.00 21.12 ? 55   GLU A CB  1 
ATOM   210  C  CG  . GLU A 1 45  ? 13.164  7.998   7.204   1.00 23.70 ? 55   GLU A CG  1 
ATOM   211  C  CD  . GLU A 1 45  ? 14.313  7.257   6.548   1.00 27.77 ? 55   GLU A CD  1 
ATOM   212  O  OE1 . GLU A 1 45  ? 15.463  7.715   6.698   1.00 33.31 ? 55   GLU A OE1 1 
ATOM   213  O  OE2 . GLU A 1 45  ? 14.094  6.209   5.909   1.00 29.25 ? 55   GLU A OE2 1 
ATOM   214  N  N   . ALA A 1 46  ? 8.595   7.348   6.380   1.00 20.13 ? 56   ALA A N   1 
ATOM   215  C  CA  . ALA A 1 46  ? 7.271   7.497   5.765   1.00 19.64 ? 56   ALA A CA  1 
ATOM   216  C  C   . ALA A 1 46  ? 6.350   8.423   6.573   1.00 19.46 ? 56   ALA A C   1 
ATOM   217  O  O   . ALA A 1 46  ? 5.706   9.307   6.004   1.00 18.97 ? 56   ALA A O   1 
ATOM   218  C  CB  . ALA A 1 46  ? 6.627   6.120   5.540   1.00 19.51 ? 56   ALA A CB  1 
ATOM   219  N  N   . ASN A 1 47  ? 6.282   8.223   7.893   1.00 19.50 ? 57   ASN A N   1 
ATOM   220  C  CA  . ASN A 1 47  ? 5.589   9.140   8.803   1.00 20.20 ? 57   ASN A CA  1 
ATOM   221  C  C   . ASN A 1 47  ? 5.990   10.606  8.570   1.00 20.10 ? 57   ASN A C   1 
ATOM   222  O  O   . ASN A 1 47  ? 5.125   11.471  8.363   1.00 20.05 ? 57   ASN A O   1 
ATOM   223  C  CB  . ASN A 1 47  ? 5.858   8.764   10.274  1.00 20.99 ? 57   ASN A CB  1 
ATOM   224  C  CG  . ASN A 1 47  ? 4.927   7.668   10.800  1.00 22.70 ? 57   ASN A CG  1 
ATOM   225  O  OD1 . ASN A 1 47  ? 3.962   7.272   10.148  1.00 24.74 ? 57   ASN A OD1 1 
ATOM   226  N  ND2 . ASN A 1 47  ? 5.237   7.165   11.981  1.00 23.36 ? 57   ASN A ND2 1 
ATOM   227  N  N   . LEU A 1 48  ? 7.302   10.872  8.594   1.00 20.36 ? 58   LEU A N   1 
ATOM   228  C  CA  . LEU A 1 48  ? 7.846   12.217  8.299   1.00 20.82 ? 58   LEU A CA  1 
ATOM   229  C  C   . LEU A 1 48  ? 7.418   12.729  6.934   1.00 20.00 ? 58   LEU A C   1 
ATOM   230  O  O   . LEU A 1 48  ? 6.911   13.844  6.819   1.00 20.35 ? 58   LEU A O   1 
ATOM   231  C  CB  . LEU A 1 48  ? 9.389   12.239  8.345   1.00 21.49 ? 58   LEU A CB  1 
ATOM   232  C  CG  . LEU A 1 48  ? 10.285  12.514  9.559   1.00 24.37 ? 58   LEU A CG  1 
ATOM   233  C  CD1 . LEU A 1 48  ? 9.668   13.497  10.574  1.00 26.90 ? 58   LEU A CD1 1 
ATOM   234  C  CD2 . LEU A 1 48  ? 10.707  11.222  10.222  1.00 27.74 ? 58   LEU A CD2 1 
ATOM   235  N  N   . LEU A 1 49  ? 7.622   11.920  5.895   1.00 19.49 ? 59   LEU A N   1 
ATOM   236  C  CA  . LEU A 1 49  ? 7.272   12.336  4.524   1.00 19.60 ? 59   LEU A CA  1 
ATOM   237  C  C   . LEU A 1 49  ? 5.784   12.656  4.350   1.00 20.02 ? 59   LEU A C   1 
ATOM   238  O  O   . LEU A 1 49  ? 5.431   13.527  3.552   1.00 20.50 ? 59   LEU A O   1 
ATOM   239  C  CB  . LEU A 1 49  ? 7.723   11.286  3.486   1.00 19.31 ? 59   LEU A CB  1 
ATOM   240  C  CG  . LEU A 1 49  ? 9.226   11.156  3.186   1.00 18.78 ? 59   LEU A CG  1 
ATOM   241  C  CD1 . LEU A 1 49  ? 9.556   9.763   2.663   1.00 19.04 ? 59   LEU A CD1 1 
ATOM   242  C  CD2 . LEU A 1 49  ? 9.705   12.239  2.198   1.00 19.08 ? 59   LEU A CD2 1 
ATOM   243  N  N   . LEU A 1 50  ? 4.928   11.956  5.102   1.00 19.99 ? 60   LEU A N   1 
ATOM   244  C  CA  . LEU A 1 50  ? 3.471   12.077  4.993   1.00 20.98 ? 60   LEU A CA  1 
ATOM   245  C  C   . LEU A 1 50  ? 2.826   12.991  6.057   1.00 22.65 ? 60   LEU A C   1 
ATOM   246  O  O   . LEU A 1 50  ? 1.664   13.353  5.938   1.00 22.75 ? 60   LEU A O   1 
ATOM   247  C  CB  . LEU A 1 50  ? 2.817   10.677  5.028   1.00 20.22 ? 60   LEU A CB  1 
ATOM   248  C  CG  . LEU A 1 50  ? 3.154   9.732   3.859   1.00 17.34 ? 60   LEU A CG  1 
ATOM   249  C  CD1 . LEU A 1 50  ? 2.674   8.308   4.162   1.00 17.83 ? 60   LEU A CD1 1 
ATOM   250  C  CD2 . LEU A 1 50  ? 2.574   10.259  2.530   1.00 14.79 ? 60   LEU A CD2 1 
ATOM   251  N  N   . SER A 1 51  ? 3.608   13.370  7.065   1.00 24.60 ? 61   SER A N   1 
ATOM   252  C  CA  . SER A 1 51  ? 3.169   14.204  8.188   1.00 26.66 ? 61   SER A CA  1 
ATOM   253  C  C   . SER A 1 51  ? 2.374   15.439  7.783   1.00 27.16 ? 61   SER A C   1 
ATOM   254  O  O   . SER A 1 51  ? 1.288   15.668  8.294   1.00 29.06 ? 61   SER A O   1 
ATOM   255  C  CB  . SER A 1 51  ? 4.386   14.604  9.049   1.00 26.32 ? 61   SER A CB  1 
ATOM   256  O  OG  . SER A 1 51  ? 4.177   15.839  9.715   1.00 29.69 ? 61   SER A OG  1 
ATOM   257  N  N   . ALA A 1 52  ? 2.912   16.213  6.850   1.00 28.20 ? 62   ALA A N   1 
ATOM   258  C  CA  . ALA A 1 52  ? 2.313   17.484  6.433   1.00 28.35 ? 62   ALA A CA  1 
ATOM   259  C  C   . ALA A 1 52  ? 1.484   17.386  5.140   1.00 28.37 ? 62   ALA A C   1 
ATOM   260  O  O   . ALA A 1 52  ? 1.097   18.407  4.556   1.00 28.46 ? 62   ALA A O   1 
ATOM   261  C  CB  . ALA A 1 52  ? 3.401   18.527  6.287   1.00 28.47 ? 62   ALA A CB  1 
ATOM   262  N  N   . GLU A 1 53  ? 1.208   16.155  4.701   1.00 27.48 ? 63   GLU A N   1 
ATOM   263  C  CA  . GLU A 1 53  ? 0.451   15.924  3.476   1.00 26.45 ? 63   GLU A CA  1 
ATOM   264  C  C   . GLU A 1 53  ? -1.034  15.692  3.771   1.00 25.57 ? 63   GLU A C   1 
ATOM   265  O  O   . GLU A 1 53  ? -1.378  15.216  4.837   1.00 25.51 ? 63   GLU A O   1 
ATOM   266  C  CB  . GLU A 1 53  ? 1.051   14.743  2.705   1.00 26.43 ? 63   GLU A CB  1 
ATOM   267  C  CG  . GLU A 1 53  ? 2.502   14.970  2.260   1.00 27.28 ? 63   GLU A CG  1 
ATOM   268  C  CD  . GLU A 1 53  ? 2.652   15.991  1.137   1.00 28.46 ? 63   GLU A CD  1 
ATOM   269  O  OE1 . GLU A 1 53  ? 3.727   16.627  1.041   1.00 31.52 ? 63   GLU A OE1 1 
ATOM   270  O  OE2 . GLU A 1 53  ? 1.711   16.160  0.338   1.00 30.11 ? 63   GLU A OE2 1 
ATOM   271  N  N   . PRO A 1 54  ? -1.921  16.047  2.824   1.00 25.12 ? 64   PRO A N   1 
ATOM   272  C  CA  . PRO A 1 54  ? -3.352  15.800  3.012   1.00 24.76 ? 64   PRO A CA  1 
ATOM   273  C  C   . PRO A 1 54  ? -3.711  14.325  3.035   1.00 24.69 ? 64   PRO A C   1 
ATOM   274  O  O   . PRO A 1 54  ? -2.970  13.478  2.491   1.00 23.97 ? 64   PRO A O   1 
ATOM   275  C  CB  . PRO A 1 54  ? -3.980  16.464  1.793   1.00 24.86 ? 64   PRO A CB  1 
ATOM   276  C  CG  . PRO A 1 54  ? -2.913  16.477  0.785   1.00 25.58 ? 64   PRO A CG  1 
ATOM   277  C  CD  . PRO A 1 54  ? -1.650  16.716  1.545   1.00 24.86 ? 64   PRO A CD  1 
ATOM   278  N  N   . ALA A 1 55  ? -4.851  14.032  3.658   1.00 24.03 ? 65   ALA A N   1 
ATOM   279  C  CA  . ALA A 1 55  ? -5.330  12.678  3.817   1.00 23.62 ? 65   ALA A CA  1 
ATOM   280  C  C   . ALA A 1 55  ? -5.456  12.057  2.440   1.00 22.90 ? 65   ALA A C   1 
ATOM   281  O  O   . ALA A 1 55  ? -5.861  12.725  1.490   1.00 23.66 ? 65   ALA A O   1 
ATOM   282  C  CB  . ALA A 1 55  ? -6.681  12.665  4.553   1.00 23.82 ? 65   ALA A CB  1 
ATOM   283  N  N   . GLY A 1 56  ? -5.072  10.788  2.329   1.00 22.07 ? 66   GLY A N   1 
ATOM   284  C  CA  . GLY A 1 56  ? -5.112  10.077  1.059   1.00 20.18 ? 66   GLY A CA  1 
ATOM   285  C  C   . GLY A 1 56  ? -3.811  10.139  0.280   1.00 19.81 ? 66   GLY A C   1 
ATOM   286  O  O   . GLY A 1 56  ? -3.705  9.530   -0.779  1.00 19.35 ? 66   GLY A O   1 
ATOM   287  N  N   . THR A 1 57  ? -2.833  10.904  0.770   1.00 18.16 ? 67   THR A N   1 
ATOM   288  C  CA  . THR A 1 57  ? -1.507  10.899  0.164   1.00 17.23 ? 67   THR A CA  1 
ATOM   289  C  C   . THR A 1 57  ? -0.806  9.602   0.576   1.00 16.27 ? 67   THR A C   1 
ATOM   290  O  O   . THR A 1 57  ? -0.874  9.187   1.739   1.00 15.75 ? 67   THR A O   1 
ATOM   291  C  CB  . THR A 1 57  ? -0.659  12.109  0.589   1.00 17.70 ? 67   THR A CB  1 
ATOM   292  O  OG1 . THR A 1 57  ? -1.396  13.320  0.347   1.00 18.23 ? 67   THR A OG1 1 
ATOM   293  C  CG2 . THR A 1 57  ? 0.662   12.147  -0.177  1.00 16.90 ? 67   THR A CG2 1 
ATOM   294  N  N   . PHE A 1 58  ? -0.140  8.959   -0.381  1.00 15.65 ? 68   PHE A N   1 
ATOM   295  C  CA  . PHE A 1 58  ? 0.423   7.636   -0.116  1.00 14.74 ? 68   PHE A CA  1 
ATOM   296  C  C   . PHE A 1 58  ? 1.774   7.419   -0.807  1.00 15.07 ? 68   PHE A C   1 
ATOM   297  O  O   . PHE A 1 58  ? 2.167   8.174   -1.718  1.00 15.01 ? 68   PHE A O   1 
ATOM   298  C  CB  . PHE A 1 58  ? -0.602  6.563   -0.495  1.00 14.36 ? 68   PHE A CB  1 
ATOM   299  C  CG  . PHE A 1 58  ? -0.790  6.403   -1.980  1.00 14.69 ? 68   PHE A CG  1 
ATOM   300  C  CD1 . PHE A 1 58  ? 0.018   5.519   -2.708  1.00 17.40 ? 68   PHE A CD1 1 
ATOM   301  C  CD2 . PHE A 1 58  ? -1.745  7.160   -2.653  1.00 16.78 ? 68   PHE A CD2 1 
ATOM   302  C  CE1 . PHE A 1 58  ? -0.145  5.383   -4.095  1.00 17.03 ? 68   PHE A CE1 1 
ATOM   303  C  CE2 . PHE A 1 58  ? -1.924  7.040   -4.038  1.00 16.75 ? 68   PHE A CE2 1 
ATOM   304  C  CZ  . PHE A 1 58  ? -1.121  6.147   -4.753  1.00 16.07 ? 68   PHE A CZ  1 
ATOM   305  N  N   . LEU A 1 59  ? 2.499   6.399   -0.360  1.00 14.81 ? 69   LEU A N   1 
ATOM   306  C  CA  . LEU A 1 59  ? 3.713   5.941   -1.058  1.00 14.83 ? 69   LEU A CA  1 
ATOM   307  C  C   . LEU A 1 59  ? 3.863   4.457   -0.796  1.00 14.82 ? 69   LEU A C   1 
ATOM   308  O  O   . LEU A 1 59  ? 3.314   3.939   0.178   1.00 14.66 ? 69   LEU A O   1 
ATOM   309  C  CB  . LEU A 1 59  ? 4.969   6.694   -0.546  1.00 13.91 ? 69   LEU A CB  1 
ATOM   310  C  CG  . LEU A 1 59  ? 5.311   6.618   0.954   1.00 14.50 ? 69   LEU A CG  1 
ATOM   311  C  CD1 . LEU A 1 59  ? 6.132   5.371   1.301   1.00 16.57 ? 69   LEU A CD1 1 
ATOM   312  C  CD2 . LEU A 1 59  ? 6.083   7.836   1.443   1.00 15.26 ? 69   LEU A CD2 1 
ATOM   313  N  N   . ILE A 1 60  ? 4.635   3.780   -1.640  1.00 15.30 ? 70   ILE A N   1 
ATOM   314  C  CA  . ILE A 1 60  ? 5.011   2.384   -1.407  1.00 14.94 ? 70   ILE A CA  1 
ATOM   315  C  C   . ILE A 1 60  ? 6.509   2.347   -1.120  1.00 16.22 ? 70   ILE A C   1 
ATOM   316  O  O   . ILE A 1 60  ? 7.277   3.114   -1.700  1.00 16.05 ? 70   ILE A O   1 
ATOM   317  C  CB  . ILE A 1 60  ? 4.619   1.458   -2.612  1.00 14.63 ? 70   ILE A CB  1 
ATOM   318  C  CG1 . ILE A 1 60  ? 3.102   1.459   -2.792  1.00 14.69 ? 70   ILE A CG1 1 
ATOM   319  C  CG2 . ILE A 1 60  ? 5.097   0.031   -2.370  1.00 14.43 ? 70   ILE A CG2 1 
ATOM   320  C  CD1 . ILE A 1 60  ? 2.625   0.901   -4.087  1.00 14.12 ? 70   ILE A CD1 1 
ATOM   321  N  N   . ARG A 1 61  ? 6.911   1.502   -0.177  1.00 16.54 ? 71   ARG A N   1 
ATOM   322  C  CA  . ARG A 1 61  ? 8.285   1.472   0.299   1.00 18.30 ? 71   ARG A CA  1 
ATOM   323  C  C   . ARG A 1 61  ? 8.634   0.021   0.620   1.00 18.97 ? 71   ARG A C   1 
ATOM   324  O  O   . ARG A 1 61  ? 7.767   -0.849  0.556   1.00 18.66 ? 71   ARG A O   1 
ATOM   325  C  CB  . ARG A 1 61  ? 8.424   2.323   1.569   1.00 17.95 ? 71   ARG A CB  1 
ATOM   326  C  CG  . ARG A 1 61  ? 7.533   1.815   2.734   1.00 18.77 ? 71   ARG A CG  1 
ATOM   327  C  CD  . ARG A 1 61  ? 7.715   2.651   3.993   1.00 18.79 ? 71   ARG A CD  1 
ATOM   328  N  NE  . ARG A 1 61  ? 6.832   2.285   5.112   1.00 19.37 ? 71   ARG A NE  1 
ATOM   329  C  CZ  . ARG A 1 61  ? 6.940   1.202   5.878   1.00 18.33 ? 71   ARG A CZ  1 
ATOM   330  N  NH1 . ARG A 1 61  ? 7.881   0.287   5.669   1.00 17.91 ? 71   ARG A NH1 1 
ATOM   331  N  NH2 . ARG A 1 61  ? 6.082   1.027   6.872   1.00 19.12 ? 71   ARG A NH2 1 
ATOM   332  N  N   . ASP A 1 62  ? 9.891   -0.230  0.977   1.00 20.74 ? 72   ASP A N   1 
ATOM   333  C  CA  . ASP A 1 62  ? 10.311  -1.560  1.447   1.00 22.21 ? 72   ASP A CA  1 
ATOM   334  C  C   . ASP A 1 62  ? 9.765   -1.863  2.841   1.00 23.00 ? 72   ASP A C   1 
ATOM   335  O  O   . ASP A 1 62  ? 9.746   -0.993  3.715   1.00 21.78 ? 72   ASP A O   1 
ATOM   336  C  CB  . ASP A 1 62  ? 11.843  -1.677  1.473   1.00 22.70 ? 72   ASP A CB  1 
ATOM   337  C  CG  . ASP A 1 62  ? 12.482  -1.500  0.099   1.00 24.32 ? 72   ASP A CG  1 
ATOM   338  O  OD1 . ASP A 1 62  ? 13.569  -0.891  0.029   1.00 29.75 ? 72   ASP A OD1 1 
ATOM   339  O  OD2 . ASP A 1 62  ? 11.912  -1.960  -0.909  1.00 25.46 ? 72   ASP A OD2 1 
ATOM   340  N  N   . SER A 1 63  ? 9.316   -3.107  3.042   1.00 24.76 ? 73   SER A N   1 
ATOM   341  C  CA  . SER A 1 63  ? 8.891   -3.570  4.354   1.00 26.35 ? 73   SER A CA  1 
ATOM   342  C  C   . SER A 1 63  ? 10.134  -3.938  5.147   1.00 28.31 ? 73   SER A C   1 
ATOM   343  O  O   . SER A 1 63  ? 11.096  -4.474  4.590   1.00 28.49 ? 73   SER A O   1 
ATOM   344  C  CB  . SER A 1 63  ? 7.980   -4.791  4.228   1.00 26.22 ? 73   SER A CB  1 
ATOM   345  O  OG  . SER A 1 63  ? 7.569   -5.248  5.510   1.00 25.67 ? 73   SER A OG  1 
ATOM   346  N  N   . SER A 1 64  ? 10.120  -3.658  6.443   1.00 30.65 ? 74   SER A N   1 
ATOM   347  C  CA  . SER A 1 64  ? 11.172  -4.147  7.316   1.00 33.33 ? 74   SER A CA  1 
ATOM   348  C  C   . SER A 1 64  ? 10.842  -5.542  7.862   1.00 34.82 ? 74   SER A C   1 
ATOM   349  O  O   . SER A 1 64  ? 11.651  -6.142  8.576   1.00 35.06 ? 74   SER A O   1 
ATOM   350  C  CB  . SER A 1 64  ? 11.434  -3.160  8.453   1.00 33.37 ? 74   SER A CB  1 
ATOM   351  O  OG  . SER A 1 64  ? 10.412  -3.239  9.429   1.00 35.08 ? 74   SER A OG  1 
ATOM   352  N  N   . ASP A 1 65  ? 9.660   -6.057  7.522   1.00 36.54 ? 75   ASP A N   1 
ATOM   353  C  CA  . ASP A 1 65  ? 9.253   -7.403  7.936   1.00 38.30 ? 75   ASP A CA  1 
ATOM   354  C  C   . ASP A 1 65  ? 9.927   -8.480  7.087   1.00 39.08 ? 75   ASP A C   1 
ATOM   355  O  O   . ASP A 1 65  ? 10.163  -8.293  5.888   1.00 39.70 ? 75   ASP A O   1 
ATOM   356  C  CB  . ASP A 1 65  ? 7.725   -7.562  7.898   1.00 38.36 ? 75   ASP A CB  1 
ATOM   357  C  CG  . ASP A 1 65  ? 7.244   -8.894  8.494   1.00 39.61 ? 75   ASP A CG  1 
ATOM   358  O  OD1 . ASP A 1 65  ? 6.993   -9.844  7.717   1.00 40.66 ? 75   ASP A OD1 1 
ATOM   359  O  OD2 . ASP A 1 65  ? 7.106   -8.989  9.736   1.00 40.00 ? 75   ASP A OD2 1 
ATOM   360  N  N   . GLN A 1 66  ? 10.219  -9.609  7.736   1.00 40.06 ? 76   GLN A N   1 
ATOM   361  C  CA  . GLN A 1 66  ? 10.918  -10.752 7.147   1.00 40.75 ? 76   GLN A CA  1 
ATOM   362  C  C   . GLN A 1 66  ? 10.212  -11.342 5.929   1.00 40.23 ? 76   GLN A C   1 
ATOM   363  O  O   . GLN A 1 66  ? 10.857  -11.704 4.946   1.00 40.54 ? 76   GLN A O   1 
ATOM   364  C  CB  . GLN A 1 66  ? 11.091  -11.839 8.222   1.00 40.80 ? 76   GLN A CB  1 
ATOM   365  C  CG  . GLN A 1 66  ? 11.601  -13.203 7.723   1.00 42.38 ? 76   GLN A CG  1 
ATOM   366  C  CD  . GLN A 1 66  ? 11.749  -14.227 8.843   1.00 42.54 ? 76   GLN A CD  1 
ATOM   367  O  OE1 . GLN A 1 66  ? 11.758  -13.872 10.026  1.00 45.96 ? 76   GLN A OE1 1 
ATOM   368  N  NE2 . GLN A 1 66  ? 11.869  -15.504 8.475   1.00 44.61 ? 76   GLN A NE2 1 
ATOM   369  N  N   . ARG A 1 67  ? 8.890   -11.441 6.003   1.00 39.72 ? 77   ARG A N   1 
ATOM   370  C  CA  . ARG A 1 67  ? 8.132   -12.172 4.989   1.00 39.27 ? 77   ARG A CA  1 
ATOM   371  C  C   . ARG A 1 67  ? 7.392   -11.273 3.993   1.00 37.54 ? 77   ARG A C   1 
ATOM   372  O  O   . ARG A 1 67  ? 6.465   -11.727 3.314   1.00 37.81 ? 77   ARG A O   1 
ATOM   373  C  CB  . ARG A 1 67  ? 7.180   -13.168 5.658   1.00 39.65 ? 77   ARG A CB  1 
ATOM   374  C  CG  . ARG A 1 67  ? 7.885   -14.135 6.626   1.00 40.94 ? 77   ARG A CG  1 
ATOM   375  C  CD  . ARG A 1 67  ? 6.980   -15.302 7.019   1.00 41.35 ? 77   ARG A CD  1 
ATOM   376  N  NE  . ARG A 1 67  ? 7.243   -15.768 8.385   1.00 45.15 ? 77   ARG A NE  1 
ATOM   377  C  CZ  . ARG A 1 67  ? 7.783   -16.943 8.699   1.00 47.05 ? 77   ARG A CZ  1 
ATOM   378  N  NH1 . ARG A 1 67  ? 8.126   -17.806 7.744   1.00 48.21 ? 77   ARG A NH1 1 
ATOM   379  N  NH2 . ARG A 1 67  ? 7.974   -17.263 9.976   1.00 47.13 ? 77   ARG A NH2 1 
ATOM   380  N  N   . HIS A 1 68  ? 7.820   -10.013 3.900   1.00 35.24 ? 78   HIS A N   1 
ATOM   381  C  CA  . HIS A 1 68  ? 7.250   -9.055  2.951   1.00 33.15 ? 78   HIS A CA  1 
ATOM   382  C  C   . HIS A 1 68  ? 8.321   -8.238  2.244   1.00 31.30 ? 78   HIS A C   1 
ATOM   383  O  O   . HIS A 1 68  ? 9.298   -7.801  2.855   1.00 30.98 ? 78   HIS A O   1 
ATOM   384  C  CB  . HIS A 1 68  ? 6.294   -8.098  3.656   1.00 33.22 ? 78   HIS A CB  1 
ATOM   385  C  CG  . HIS A 1 68  ? 5.039   -8.745  4.136   1.00 33.52 ? 78   HIS A CG  1 
ATOM   386  N  ND1 . HIS A 1 68  ? 3.909   -8.842  3.355   1.00 33.72 ? 78   HIS A ND1 1 
ATOM   387  C  CD2 . HIS A 1 68  ? 4.731   -9.324  5.323   1.00 33.39 ? 78   HIS A CD2 1 
ATOM   388  C  CE1 . HIS A 1 68  ? 2.956   -9.452  4.040   1.00 34.44 ? 78   HIS A CE1 1 
ATOM   389  N  NE2 . HIS A 1 68  ? 3.426   -9.748  5.239   1.00 34.00 ? 78   HIS A NE2 1 
ATOM   390  N  N   . PHE A 1 69  ? 8.116   -8.018  0.954   1.00 29.19 ? 79   PHE A N   1 
ATOM   391  C  CA  . PHE A 1 69  ? 8.970   -7.122  0.193   1.00 27.29 ? 79   PHE A CA  1 
ATOM   392  C  C   . PHE A 1 69  ? 8.576   -5.656  0.430   1.00 25.32 ? 79   PHE A C   1 
ATOM   393  O  O   . PHE A 1 69  ? 9.435   -4.830  0.741   1.00 24.54 ? 79   PHE A O   1 
ATOM   394  C  CB  . PHE A 1 69  ? 8.923   -7.477  -1.300  1.00 27.89 ? 79   PHE A CB  1 
ATOM   395  C  CG  . PHE A 1 69  ? 9.814   -8.636  -1.682  1.00 29.98 ? 79   PHE A CG  1 
ATOM   396  C  CD1 . PHE A 1 69  ? 10.266  -9.548  -0.722  1.00 31.44 ? 79   PHE A CD1 1 
ATOM   397  C  CD2 . PHE A 1 69  ? 10.186  -8.831  -3.004  1.00 32.51 ? 79   PHE A CD2 1 
ATOM   398  C  CE1 . PHE A 1 69  ? 11.104  -10.627 -1.079  1.00 32.52 ? 79   PHE A CE1 1 
ATOM   399  C  CE2 . PHE A 1 69  ? 11.026  -9.913  -3.370  1.00 31.55 ? 79   PHE A CE2 1 
ATOM   400  C  CZ  . PHE A 1 69  ? 11.476  -10.801 -2.408  1.00 31.05 ? 79   PHE A CZ  1 
ATOM   401  N  N   . PHE A 1 70  ? 7.275   -5.361  0.316   1.00 22.99 ? 80   PHE A N   1 
ATOM   402  C  CA  . PHE A 1 70  ? 6.781   -3.981  0.211   1.00 20.56 ? 80   PHE A CA  1 
ATOM   403  C  C   . PHE A 1 70  ? 5.649   -3.634  1.174   1.00 18.89 ? 80   PHE A C   1 
ATOM   404  O  O   . PHE A 1 70  ? 4.848   -4.497  1.539   1.00 17.27 ? 80   PHE A O   1 
ATOM   405  C  CB  . PHE A 1 70  ? 6.291   -3.699  -1.212  1.00 21.01 ? 80   PHE A CB  1 
ATOM   406  C  CG  . PHE A 1 70  ? 7.326   -3.952  -2.281  1.00 21.94 ? 80   PHE A CG  1 
ATOM   407  C  CD1 . PHE A 1 70  ? 7.108   -4.921  -3.254  1.00 23.35 ? 80   PHE A CD1 1 
ATOM   408  C  CD2 . PHE A 1 70  ? 8.519   -3.224  -2.307  1.00 22.42 ? 80   PHE A CD2 1 
ATOM   409  C  CE1 . PHE A 1 70  ? 8.069   -5.165  -4.243  1.00 23.77 ? 80   PHE A CE1 1 
ATOM   410  C  CE2 . PHE A 1 70  ? 9.479   -3.458  -3.276  1.00 22.96 ? 80   PHE A CE2 1 
ATOM   411  C  CZ  . PHE A 1 70  ? 9.253   -4.431  -4.253  1.00 24.08 ? 80   PHE A CZ  1 
ATOM   412  N  N   . THR A 1 71  ? 5.567   -2.349  1.526   1.00 16.75 ? 81   THR A N   1 
ATOM   413  C  CA  . THR A 1 71  ? 4.514   -1.841  2.381   1.00 15.51 ? 81   THR A CA  1 
ATOM   414  C  C   . THR A 1 71  ? 3.946   -0.552  1.799   1.00 14.87 ? 81   THR A C   1 
ATOM   415  O  O   . THR A 1 71  ? 4.695   0.287   1.298   1.00 14.52 ? 81   THR A O   1 
ATOM   416  C  CB  . THR A 1 71  ? 5.047   -1.633  3.814   1.00 15.49 ? 81   THR A CB  1 
ATOM   417  O  OG1 . THR A 1 71  ? 5.209   -2.915  4.409   1.00 17.09 ? 81   THR A OG1 1 
ATOM   418  C  CG2 . THR A 1 71  ? 4.098   -0.828  4.675   1.00 15.74 ? 81   THR A CG2 1 
ATOM   419  N  N   . LEU A 1 72  ? 2.623   -0.414  1.855   1.00 13.87 ? 82   LEU A N   1 
ATOM   420  C  CA  . LEU A 1 72  ? 1.950   0.833   1.474   1.00 14.00 ? 82   LEU A CA  1 
ATOM   421  C  C   . LEU A 1 72  ? 1.782   1.717   2.717   1.00 13.95 ? 82   LEU A C   1 
ATOM   422  O  O   . LEU A 1 72  ? 1.239   1.265   3.728   1.00 13.28 ? 82   LEU A O   1 
ATOM   423  C  CB  . LEU A 1 72  ? 0.578   0.520   0.847   1.00 13.84 ? 82   LEU A CB  1 
ATOM   424  C  CG  . LEU A 1 72  ? -0.403  1.694   0.623   1.00 15.72 ? 82   LEU A CG  1 
ATOM   425  C  CD1 . LEU A 1 72  ? 0.049   2.494   -0.569  1.00 16.51 ? 82   LEU A CD1 1 
ATOM   426  C  CD2 . LEU A 1 72  ? -1.842  1.184   0.425   1.00 15.66 ? 82   LEU A CD2 1 
ATOM   427  N  N   . SER A 1 73  ? 2.230   2.973   2.637   1.00 13.84 ? 83   SER A N   1 
ATOM   428  C  CA  . SER A 1 73  ? 2.025   3.947   3.728   1.00 14.14 ? 83   SER A CA  1 
ATOM   429  C  C   . SER A 1 73  ? 1.063   5.027   3.226   1.00 14.74 ? 83   SER A C   1 
ATOM   430  O  O   . SER A 1 73  ? 1.298   5.625   2.171   1.00 13.68 ? 83   SER A O   1 
ATOM   431  C  CB  . SER A 1 73  ? 3.353   4.593   4.178   1.00 13.72 ? 83   SER A CB  1 
ATOM   432  O  OG  . SER A 1 73  ? 4.227   3.669   4.828   1.00 14.30 ? 83   SER A OG  1 
ATOM   433  N  N   . VAL A 1 74  ? -0.011  5.255   3.979   1.00 15.58 ? 84   VAL A N   1 
ATOM   434  C  CA  . VAL A 1 74  ? -1.075  6.181   3.596   1.00 17.05 ? 84   VAL A CA  1 
ATOM   435  C  C   . VAL A 1 74  ? -1.470  7.150   4.728   1.00 18.53 ? 84   VAL A C   1 
ATOM   436  O  O   . VAL A 1 74  ? -1.723  6.735   5.861   1.00 18.55 ? 84   VAL A O   1 
ATOM   437  C  CB  . VAL A 1 74  ? -2.328  5.421   3.027   1.00 17.06 ? 84   VAL A CB  1 
ATOM   438  C  CG1 . VAL A 1 74  ? -2.842  4.364   3.998   1.00 18.31 ? 84   VAL A CG1 1 
ATOM   439  C  CG2 . VAL A 1 74  ? -3.425  6.393   2.621   1.00 16.81 ? 84   VAL A CG2 1 
ATOM   440  N  N   . LYS A 1 75  ? -1.503  8.438   4.409   1.00 20.70 ? 85   LYS A N   1 
ATOM   441  C  CA  . LYS A 1 75  ? -2.022  9.451   5.329   1.00 23.30 ? 85   LYS A CA  1 
ATOM   442  C  C   . LYS A 1 75  ? -3.543  9.311   5.358   1.00 25.19 ? 85   LYS A C   1 
ATOM   443  O  O   . LYS A 1 75  ? -4.215  9.601   4.379   1.00 25.12 ? 85   LYS A O   1 
ATOM   444  C  CB  . LYS A 1 75  ? -1.603  10.850  4.861   1.00 23.17 ? 85   LYS A CB  1 
ATOM   445  C  CG  . LYS A 1 75  ? -1.958  12.013  5.818   1.00 23.05 ? 85   LYS A CG  1 
ATOM   446  C  CD  . LYS A 1 75  ? -1.069  12.041  7.069   1.00 25.31 ? 85   LYS A CD  1 
ATOM   447  C  CE  . LYS A 1 75  ? -1.320  13.321  7.913   1.00 25.55 ? 85   LYS A CE  1 
ATOM   448  N  NZ  . LYS A 1 75  ? -0.885  14.609  7.232   1.00 25.26 ? 85   LYS A NZ  1 
ATOM   449  N  N   . THR A 1 76  ? -4.092  8.809   6.454   1.00 28.79 ? 86   THR A N   1 
ATOM   450  C  CA  . THR A 1 76  ? -5.556  8.731   6.549   1.00 32.11 ? 86   THR A CA  1 
ATOM   451  C  C   . THR A 1 76  ? -6.131  9.879   7.385   1.00 33.92 ? 86   THR A C   1 
ATOM   452  O  O   . THR A 1 76  ? -5.381  10.665  7.989   1.00 34.44 ? 86   THR A O   1 
ATOM   453  C  CB  . THR A 1 76  ? -6.060  7.376   7.109   1.00 31.82 ? 86   THR A CB  1 
ATOM   454  O  OG1 . THR A 1 76  ? -5.726  7.270   8.496   1.00 33.01 ? 86   THR A OG1 1 
ATOM   455  C  CG2 . THR A 1 76  ? -5.466  6.194   6.346   1.00 31.90 ? 86   THR A CG2 1 
ATOM   456  N  N   . GLN A 1 77  ? -7.467  9.971   7.391   1.00 36.13 ? 87   GLN A N   1 
ATOM   457  C  CA  . GLN A 1 77  ? -8.210  10.865  8.280   1.00 37.61 ? 87   GLN A CA  1 
ATOM   458  C  C   . GLN A 1 77  ? -7.786  10.687  9.740   1.00 37.72 ? 87   GLN A C   1 
ATOM   459  O  O   . GLN A 1 77  ? -7.875  11.626  10.541  1.00 38.34 ? 87   GLN A O   1 
ATOM   460  C  CB  . GLN A 1 77  ? -9.725  10.613  8.147   1.00 37.84 ? 87   GLN A CB  1 
ATOM   461  C  CG  . GLN A 1 77  ? -10.173 9.172   8.495   1.00 38.78 ? 87   GLN A CG  1 
ATOM   462  C  CD  . GLN A 1 77  ? -11.655 9.063   8.805   1.00 39.31 ? 87   GLN A CD  1 
ATOM   463  O  OE1 . GLN A 1 77  ? -12.506 9.470   8.003   1.00 42.33 ? 87   GLN A OE1 1 
ATOM   464  N  NE2 . GLN A 1 77  ? -11.975 8.504   9.971   1.00 40.79 ? 87   GLN A NE2 1 
ATOM   465  N  N   . SER A 1 78  ? -7.332  9.479   10.074  1.00 37.71 ? 88   SER A N   1 
ATOM   466  C  CA  . SER A 1 78  ? -6.937  9.139   11.433  1.00 37.05 ? 88   SER A CA  1 
ATOM   467  C  C   . SER A 1 78  ? -5.423  8.918   11.589  1.00 36.54 ? 88   SER A C   1 
ATOM   468  O  O   . SER A 1 78  ? -4.974  8.214   12.505  1.00 36.71 ? 88   SER A O   1 
ATOM   469  C  CB  . SER A 1 78  ? -7.730  7.926   11.912  1.00 37.41 ? 88   SER A CB  1 
ATOM   470  O  OG  . SER A 1 78  ? -9.123  8.158   11.753  1.00 38.06 ? 88   SER A OG  1 
ATOM   471  N  N   . GLY A 1 79  ? -4.642  9.542   10.705  1.00 35.01 ? 89   GLY A N   1 
ATOM   472  C  CA  . GLY A 1 79  ? -3.177  9.507   10.783  1.00 33.18 ? 89   GLY A CA  1 
ATOM   473  C  C   . GLY A 1 79  ? -2.581  8.549   9.762   1.00 31.40 ? 89   GLY A C   1 
ATOM   474  O  O   . GLY A 1 79  ? -3.316  7.901   9.020   1.00 32.10 ? 89   GLY A O   1 
ATOM   475  N  N   . THR A 1 80  ? -1.259  8.434   9.739   1.00 29.44 ? 90   THR A N   1 
ATOM   476  C  CA  . THR A 1 80  ? -0.578  7.522   8.800   1.00 27.90 ? 90   THR A CA  1 
ATOM   477  C  C   . THR A 1 80  ? -0.728  6.038   9.145   1.00 25.89 ? 90   THR A C   1 
ATOM   478  O  O   . THR A 1 80  ? -0.391  5.593   10.253  1.00 25.68 ? 90   THR A O   1 
ATOM   479  C  CB  . THR A 1 80  ? 0.908   7.889   8.602   1.00 27.90 ? 90   THR A CB  1 
ATOM   480  O  OG1 . THR A 1 80  ? 0.988   9.214   8.069   1.00 29.90 ? 90   THR A OG1 1 
ATOM   481  C  CG2 . THR A 1 80  ? 1.580   6.937   7.605   1.00 28.72 ? 90   THR A CG2 1 
ATOM   482  N  N   . LYS A 1 81  ? -1.236  5.281   8.180   1.00 23.65 ? 91   LYS A N   1 
ATOM   483  C  CA  . LYS A 1 81  ? -1.409  3.843   8.344   1.00 22.08 ? 91   LYS A CA  1 
ATOM   484  C  C   . LYS A 1 81  ? -0.484  3.110   7.399   1.00 20.65 ? 91   LYS A C   1 
ATOM   485  O  O   . LYS A 1 81  ? -0.060  3.661   6.382   1.00 19.78 ? 91   LYS A O   1 
ATOM   486  C  CB  . LYS A 1 81  ? -2.859  3.417   8.093   1.00 22.19 ? 91   LYS A CB  1 
ATOM   487  C  CG  . LYS A 1 81  ? -3.895  4.228   8.870   1.00 23.61 ? 91   LYS A CG  1 
ATOM   488  C  CD  . LYS A 1 81  ? -3.734  4.054   10.340  1.00 25.37 ? 91   LYS A CD  1 
ATOM   489  C  CE  . LYS A 1 81  ? -4.531  5.125   11.079  1.00 28.87 ? 91   LYS A CE  1 
ATOM   490  N  NZ  . LYS A 1 81  ? -4.440  4.902   12.544  1.00 29.84 ? 91   LYS A NZ  1 
ATOM   491  N  N   . ASN A 1 82  ? -0.163  1.872   7.761   1.00 19.51 ? 92   ASN A N   1 
ATOM   492  C  CA  . ASN A 1 82  ? 0.727   1.043   6.970   1.00 18.72 ? 92   ASN A CA  1 
ATOM   493  C  C   . ASN A 1 82  ? 0.066   -0.277  6.680   1.00 18.55 ? 92   ASN A C   1 
ATOM   494  O  O   . ASN A 1 82  ? -0.426  -0.943  7.593   1.00 17.98 ? 92   ASN A O   1 
ATOM   495  C  CB  . ASN A 1 82  ? 2.048   0.828   7.692   1.00 19.14 ? 92   ASN A CB  1 
ATOM   496  C  CG  . ASN A 1 82  ? 2.834   2.118   7.847   1.00 19.81 ? 92   ASN A CG  1 
ATOM   497  O  OD1 . ASN A 1 82  ? 3.620   2.488   6.973   1.00 19.56 ? 92   ASN A OD1 1 
ATOM   498  N  ND2 . ASN A 1 82  ? 2.633   2.798   8.967   1.00 19.69 ? 92   ASN A ND2 1 
ATOM   499  N  N   . LEU A 1 83  ? 0.080   -0.644  5.403   1.00 17.41 ? 93   LEU A N   1 
ATOM   500  C  CA  . LEU A 1 83  ? -0.613  -1.814  4.903   1.00 18.66 ? 93   LEU A CA  1 
ATOM   501  C  C   . LEU A 1 83  ? 0.389   -2.645  4.130   1.00 17.84 ? 93   LEU A C   1 
ATOM   502  O  O   . LEU A 1 83  ? 0.863   -2.228  3.075   1.00 16.77 ? 93   LEU A O   1 
ATOM   503  C  CB  . LEU A 1 83  ? -1.776  -1.383  3.987   1.00 18.85 ? 93   LEU A CB  1 
ATOM   504  C  CG  . LEU A 1 83  ? -2.883  -0.592  4.706   1.00 21.05 ? 93   LEU A CG  1 
ATOM   505  C  CD1 . LEU A 1 83  ? -3.301  0.600   3.919   1.00 22.86 ? 93   LEU A CD1 1 
ATOM   506  C  CD2 . LEU A 1 83  ? -4.059  -1.478  4.963   1.00 23.77 ? 93   LEU A CD2 1 
ATOM   507  N  N   . ARG A 1 84  ? 0.769   -3.786  4.692   1.00 17.99 ? 94   ARG A N   1 
ATOM   508  C  CA  . ARG A 1 84  ? 1.696   -4.678  3.991   1.00 18.48 ? 94   ARG A CA  1 
ATOM   509  C  C   . ARG A 1 84  ? 1.124   -5.150  2.654   1.00 18.52 ? 94   ARG A C   1 
ATOM   510  O  O   . ARG A 1 84  ? -0.073  -5.412  2.525   1.00 18.59 ? 94   ARG A O   1 
ATOM   511  C  CB  . ARG A 1 84  ? 2.145   -5.849  4.879   1.00 18.70 ? 94   ARG A CB  1 
ATOM   512  C  CG  . ARG A 1 84  ? 2.951   -5.369  6.093   1.00 21.95 ? 94   ARG A CG  1 
ATOM   513  C  CD  . ARG A 1 84  ? 3.952   -6.389  6.605   1.00 25.30 ? 94   ARG A CD  1 
ATOM   514  N  NE  . ARG A 1 84  ? 4.793   -5.812  7.656   1.00 28.31 ? 94   ARG A NE  1 
ATOM   515  C  CZ  . ARG A 1 84  ? 4.763   -6.175  8.941   1.00 32.14 ? 94   ARG A CZ  1 
ATOM   516  N  NH1 . ARG A 1 84  ? 3.946   -7.140  9.351   1.00 32.35 ? 94   ARG A NH1 1 
ATOM   517  N  NH2 . ARG A 1 84  ? 5.563   -5.580  9.821   1.00 32.32 ? 94   ARG A NH2 1 
ATOM   518  N  N   . ILE A 1 85  ? 1.991   -5.217  1.656   1.00 18.81 ? 95   ILE A N   1 
ATOM   519  C  CA  . ILE A 1 85  ? 1.615   -5.690  0.335   1.00 19.43 ? 95   ILE A CA  1 
ATOM   520  C  C   . ILE A 1 85  ? 1.999   -7.168  0.215   1.00 20.63 ? 95   ILE A C   1 
ATOM   521  O  O   . ILE A 1 85  ? 3.108   -7.561  0.585   1.00 20.48 ? 95   ILE A O   1 
ATOM   522  C  CB  . ILE A 1 85  ? 2.289   -4.841  -0.787  1.00 19.49 ? 95   ILE A CB  1 
ATOM   523  C  CG1 . ILE A 1 85  ? 1.840   -3.379  -0.673  1.00 18.88 ? 95   ILE A CG1 1 
ATOM   524  C  CG2 . ILE A 1 85  ? 1.976   -5.421  -2.193  1.00 18.73 ? 95   ILE A CG2 1 
ATOM   525  C  CD1 . ILE A 1 85  ? 2.612   -2.393  -1.540  1.00 19.64 ? 95   ILE A CD1 1 
ATOM   526  N  N   . GLN A 1 86  ? 1.067   -7.979  -0.273  1.00 21.24 ? 96   GLN A N   1 
ATOM   527  C  CA  . GLN A 1 86  ? 1.330   -9.390  -0.479  1.00 22.95 ? 96   GLN A CA  1 
ATOM   528  C  C   . GLN A 1 86  ? 1.562   -9.631  -1.965  1.00 24.01 ? 96   GLN A C   1 
ATOM   529  O  O   . GLN A 1 86  ? 0.899   -9.027  -2.796  1.00 23.30 ? 96   GLN A O   1 
ATOM   530  C  CB  . GLN A 1 86  ? 0.180   -10.242 0.064   1.00 22.55 ? 96   GLN A CB  1 
ATOM   531  C  CG  . GLN A 1 86  ? 0.018   -10.114 1.573   1.00 24.18 ? 96   GLN A CG  1 
ATOM   532  C  CD  . GLN A 1 86  ? -1.003  -11.083 2.116   1.00 27.39 ? 96   GLN A CD  1 
ATOM   533  O  OE1 . GLN A 1 86  ? -2.210  -10.837 2.046   1.00 27.99 ? 96   GLN A OE1 1 
ATOM   534  N  NE2 . GLN A 1 86  ? -0.531  -12.205 2.642   1.00 28.67 ? 96   GLN A NE2 1 
HETATM 535  N  N   . CAS A 1 87  ? 2.514   -10.510 -2.268  1.00 25.87 ? 97   CAS A N   1 
HETATM 536  C  CA  . CAS A 1 87  ? 3.000   -10.729 -3.625  1.00 28.34 ? 97   CAS A CA  1 
HETATM 537  C  CB  . CAS A 1 87  ? 4.512   -10.501 -3.624  1.00 29.25 ? 97   CAS A CB  1 
HETATM 538  C  C   . CAS A 1 87  ? 2.773   -12.098 -4.204  1.00 28.72 ? 97   CAS A C   1 
HETATM 539  O  O   . CAS A 1 87  ? 3.308   -12.403 -5.273  1.00 29.36 ? 97   CAS A O   1 
HETATM 540  S  SG  . CAS A 1 87  ? 4.895   -8.783  -3.655  1.00 33.47 ? 97   CAS A SG  1 
HETATM 541  AS AS  . CAS A 1 87  ? 5.613   -8.187  -5.700  1.00 49.82 ? 97   CAS A AS  1 
ATOM   542  N  N   . GLU A 1 88  ? 1.980   -12.930 -3.531  1.00 29.35 ? 98   GLU A N   1 
ATOM   543  C  CA  . GLU A 1 88  ? 1.718   -14.314 -3.978  1.00 29.87 ? 98   GLU A CA  1 
ATOM   544  C  C   . GLU A 1 88  ? 1.487   -14.444 -5.481  1.00 29.95 ? 98   GLU A C   1 
ATOM   545  O  O   . GLU A 1 88  ? 0.676   -13.717 -6.065  1.00 29.52 ? 98   GLU A O   1 
ATOM   546  C  CB  . GLU A 1 88  ? 0.541   -14.930 -3.217  1.00 29.75 ? 98   GLU A CB  1 
ATOM   547  C  CG  . GLU A 1 88  ? 0.913   -15.478 -1.844  1.00 31.74 ? 98   GLU A CG  1 
ATOM   548  C  CD  . GLU A 1 88  ? 0.835   -14.439 -0.739  1.00 33.89 ? 98   GLU A CD  1 
ATOM   549  O  OE1 . GLU A 1 88  ? 0.760   -13.223 -1.035  1.00 34.05 ? 98   GLU A OE1 1 
ATOM   550  O  OE2 . GLU A 1 88  ? 0.840   -14.845 0.441   1.00 36.42 ? 98   GLU A OE2 1 
ATOM   551  N  N   . GLY A 1 89  ? 2.229   -15.366 -6.097  1.00 30.27 ? 99   GLY A N   1 
ATOM   552  C  CA  . GLY A 1 89  ? 2.102   -15.649 -7.524  1.00 29.99 ? 99   GLY A CA  1 
ATOM   553  C  C   . GLY A 1 89  ? 2.525   -14.521 -8.449  1.00 29.79 ? 99   GLY A C   1 
ATOM   554  O  O   . GLY A 1 89  ? 2.212   -14.544 -9.640  1.00 30.42 ? 99   GLY A O   1 
ATOM   555  N  N   . GLY A 1 90  ? 3.231   -13.528 -7.915  1.00 29.22 ? 100  GLY A N   1 
ATOM   556  C  CA  . GLY A 1 90  ? 3.655   -12.371 -8.724  1.00 28.55 ? 100  GLY A CA  1 
ATOM   557  C  C   . GLY A 1 90  ? 2.577   -11.322 -8.981  1.00 27.53 ? 100  GLY A C   1 
ATOM   558  O  O   . GLY A 1 90  ? 2.748   -10.438 -9.832  1.00 27.99 ? 100  GLY A O   1 
ATOM   559  N  N   . SER A 1 91  ? 1.459   -11.443 -8.271  1.00 26.32 ? 101  SER A N   1 
ATOM   560  C  CA  . SER A 1 91  ? 0.384   -10.451 -8.301  1.00 25.24 ? 101  SER A CA  1 
ATOM   561  C  C   . SER A 1 91  ? 0.239   -9.780  -6.934  1.00 24.30 ? 101  SER A C   1 
ATOM   562  O  O   . SER A 1 91  ? 0.515   -10.403 -5.905  1.00 23.98 ? 101  SER A O   1 
ATOM   563  C  CB  . SER A 1 91  ? -0.931  -11.101 -8.696  1.00 24.84 ? 101  SER A CB  1 
ATOM   564  O  OG  . SER A 1 91  ? -0.928  -11.381 -10.080 1.00 27.14 ? 101  SER A OG  1 
ATOM   565  N  N   . PHE A 1 92  ? -0.212  -8.526  -6.933  1.00 22.35 ? 102  PHE A N   1 
ATOM   566  C  CA  . PHE A 1 92  ? -0.191  -7.705  -5.718  1.00 21.37 ? 102  PHE A CA  1 
ATOM   567  C  C   . PHE A 1 92  ? -1.531  -7.681  -5.023  1.00 19.42 ? 102  PHE A C   1 
ATOM   568  O  O   . PHE A 1 92  ? -2.550  -7.674  -5.672  1.00 18.86 ? 102  PHE A O   1 
ATOM   569  C  CB  . PHE A 1 92  ? 0.170   -6.250  -6.037  1.00 22.06 ? 102  PHE A CB  1 
ATOM   570  C  CG  . PHE A 1 92  ? 1.493   -6.068  -6.709  1.00 22.86 ? 102  PHE A CG  1 
ATOM   571  C  CD1 . PHE A 1 92  ? 1.577   -5.999  -8.094  1.00 24.27 ? 102  PHE A CD1 1 
ATOM   572  C  CD2 . PHE A 1 92  ? 2.652   -5.901  -5.959  1.00 25.28 ? 102  PHE A CD2 1 
ATOM   573  C  CE1 . PHE A 1 92  ? 2.801   -5.807  -8.720  1.00 23.25 ? 102  PHE A CE1 1 
ATOM   574  C  CE2 . PHE A 1 92  ? 3.892   -5.696  -6.592  1.00 25.47 ? 102  PHE A CE2 1 
ATOM   575  C  CZ  . PHE A 1 92  ? 3.956   -5.651  -7.967  1.00 23.92 ? 102  PHE A CZ  1 
ATOM   576  N  N   . SER A 1 93  ? -1.518  -7.650  -3.692  1.00 18.00 ? 103  SER A N   1 
ATOM   577  C  CA  . SER A 1 93  ? -2.723  -7.318  -2.929  1.00 16.62 ? 103  SER A CA  1 
ATOM   578  C  C   . SER A 1 93  ? -2.335  -6.709  -1.589  1.00 15.78 ? 103  SER A C   1 
ATOM   579  O  O   . SER A 1 93  ? -1.214  -6.907  -1.111  1.00 15.91 ? 103  SER A O   1 
ATOM   580  C  CB  . SER A 1 93  ? -3.632  -8.553  -2.725  1.00 16.35 ? 103  SER A CB  1 
ATOM   581  O  OG  . SER A 1 93  ? -2.920  -9.610  -2.092  1.00 17.25 ? 103  SER A OG  1 
ATOM   582  N  N   . LEU A 1 94  ? -3.264  -5.965  -0.994  1.00 15.05 ? 104  LEU A N   1 
ATOM   583  C  CA  . LEU A 1 94  ? -3.089  -5.422  0.351   1.00 14.46 ? 104  LEU A CA  1 
ATOM   584  C  C   . LEU A 1 94  ? -3.564  -6.435  1.399   1.00 14.80 ? 104  LEU A C   1 
ATOM   585  O  O   . LEU A 1 94  ? -4.607  -7.066  1.226   1.00 15.16 ? 104  LEU A O   1 
ATOM   586  C  CB  . LEU A 1 94  ? -3.884  -4.118  0.497   1.00 13.78 ? 104  LEU A CB  1 
ATOM   587  C  CG  . LEU A 1 94  ? -3.561  -2.968  -0.453  1.00 12.67 ? 104  LEU A CG  1 
ATOM   588  C  CD1 . LEU A 1 94  ? -4.391  -1.753  -0.071  1.00 10.02 ? 104  LEU A CD1 1 
ATOM   589  C  CD2 . LEU A 1 94  ? -2.046  -2.623  -0.414  1.00 8.71  ? 104  LEU A CD2 1 
ATOM   590  N  N   . GLN A 1 95  ? -2.802  -6.584  2.477   1.00 15.48 ? 105  GLN A N   1 
ATOM   591  C  CA  . GLN A 1 95  ? -3.150  -7.531  3.540   1.00 16.29 ? 105  GLN A CA  1 
ATOM   592  C  C   . GLN A 1 95  ? -4.589  -7.311  3.964   1.00 16.31 ? 105  GLN A C   1 
ATOM   593  O  O   . GLN A 1 95  ? -5.000  -6.170  4.227   1.00 16.49 ? 105  GLN A O   1 
ATOM   594  C  CB  . GLN A 1 95  ? -2.208  -7.388  4.741   1.00 16.27 ? 105  GLN A CB  1 
ATOM   595  C  CG  . GLN A 1 95  ? -2.343  -8.545  5.743   1.00 17.70 ? 105  GLN A CG  1 
ATOM   596  C  CD  . GLN A 1 95  ? -1.462  -8.381  6.974   1.00 19.14 ? 105  GLN A CD  1 
ATOM   597  O  OE1 . GLN A 1 95  ? -0.608  -7.487  7.044   1.00 19.88 ? 105  GLN A OE1 1 
ATOM   598  N  NE2 . GLN A 1 95  ? -1.670  -9.259  7.967   1.00 22.77 ? 105  GLN A NE2 1 
ATOM   599  N  N   . SER A 1 96  ? -5.348  -8.403  4.013   1.00 16.14 ? 106  SER A N   1 
ATOM   600  C  CA  . SER A 1 96  ? -6.798  -8.335  4.167   1.00 16.81 ? 106  SER A CA  1 
ATOM   601  C  C   . SER A 1 96  ? -7.260  -8.908  5.507   1.00 16.66 ? 106  SER A C   1 
ATOM   602  O  O   . SER A 1 96  ? -6.752  -9.927  5.953   1.00 15.58 ? 106  SER A O   1 
ATOM   603  C  CB  . SER A 1 96  ? -7.451  -9.092  3.011   1.00 16.32 ? 106  SER A CB  1 
ATOM   604  O  OG  . SER A 1 96  ? -8.863  -8.995  3.052   1.00 18.52 ? 106  SER A OG  1 
ATOM   605  N  N   . ASP A 1 97  ? -8.207  -8.218  6.136   1.00 16.94 ? 107  ASP A N   1 
ATOM   606  C  CA  . ASP A 1 97  ? -8.799  -8.647  7.392   1.00 17.65 ? 107  ASP A CA  1 
ATOM   607  C  C   . ASP A 1 97  ? -9.625  -9.895  7.099   1.00 17.42 ? 107  ASP A C   1 
ATOM   608  O  O   . ASP A 1 97  ? -10.405 -9.911  6.149   1.00 17.65 ? 107  ASP A O   1 
ATOM   609  C  CB  . ASP A 1 97  ? -9.688  -7.521  7.963   1.00 17.90 ? 107  ASP A CB  1 
ATOM   610  C  CG  . ASP A 1 97  ? -10.088 -7.753  9.406   1.00 18.93 ? 107  ASP A CG  1 
ATOM   611  O  OD1 . ASP A 1 97  ? -10.830 -8.717  9.685   1.00 19.87 ? 107  ASP A OD1 1 
ATOM   612  O  OD2 . ASP A 1 97  ? -9.665  -6.955  10.258  1.00 19.73 ? 107  ASP A OD2 1 
ATOM   613  N  N   . PRO A 1 98  ? -9.447  -10.957 7.900   1.00 18.07 ? 108  PRO A N   1 
ATOM   614  C  CA  . PRO A 1 98  ? -10.245 -12.167 7.666   1.00 18.98 ? 108  PRO A CA  1 
ATOM   615  C  C   . PRO A 1 98  ? -11.745 -11.965 7.805   1.00 19.43 ? 108  PRO A C   1 
ATOM   616  O  O   . PRO A 1 98  ? -12.510 -12.796 7.327   1.00 19.98 ? 108  PRO A O   1 
ATOM   617  C  CB  . PRO A 1 98  ? -9.717  -13.158 8.719   1.00 19.38 ? 108  PRO A CB  1 
ATOM   618  C  CG  . PRO A 1 98  ? -9.077  -12.337 9.733   1.00 18.54 ? 108  PRO A CG  1 
ATOM   619  C  CD  . PRO A 1 98  ? -8.529  -11.120 9.036   1.00 18.04 ? 108  PRO A CD  1 
ATOM   620  N  N   . ARG A 1 99  ? -12.171 -10.872 8.431   1.00 19.80 ? 109  ARG A N   1 
ATOM   621  C  CA  . ARG A 1 99  ? -13.603 -10.568 8.504   1.00 20.68 ? 109  ARG A CA  1 
ATOM   622  C  C   . ARG A 1 99  ? -14.192 -10.035 7.190   1.00 20.74 ? 109  ARG A C   1 
ATOM   623  O  O   . ARG A 1 99  ? -15.400 -9.816  7.096   1.00 21.11 ? 109  ARG A O   1 
ATOM   624  C  CB  . ARG A 1 99  ? -13.895 -9.600  9.650   1.00 21.10 ? 109  ARG A CB  1 
ATOM   625  C  CG  . ARG A 1 99  ? -13.764 -10.209 11.029  1.00 21.03 ? 109  ARG A CG  1 
ATOM   626  C  CD  . ARG A 1 99  ? -13.710 -9.101  12.091  1.00 21.96 ? 109  ARG A CD  1 
ATOM   627  N  NE  . ARG A 1 99  ? -12.470 -8.331  12.003  1.00 21.94 ? 109  ARG A NE  1 
ATOM   628  C  CZ  . ARG A 1 99  ? -12.097 -7.433  12.900  1.00 22.22 ? 109  ARG A CZ  1 
ATOM   629  N  NH1 . ARG A 1 99  ? -12.871 -7.180  13.949  1.00 24.99 ? 109  ARG A NH1 1 
ATOM   630  N  NH2 . ARG A 1 99  ? -10.956 -6.788  12.760  1.00 23.73 ? 109  ARG A NH2 1 
ATOM   631  N  N   . SER A 1 100 ? -13.345 -9.852  6.175   1.00 20.33 ? 110  SER A N   1 
ATOM   632  C  CA  . SER A 1 100 ? -13.802 -9.497  4.834   1.00 20.06 ? 110  SER A CA  1 
ATOM   633  C  C   . SER A 1 100 ? -14.892 -10.454 4.350   1.00 20.21 ? 110  SER A C   1 
ATOM   634  O  O   . SER A 1 100 ? -14.770 -11.662 4.510   1.00 19.87 ? 110  SER A O   1 
ATOM   635  C  CB  . SER A 1 100 ? -12.625 -9.544  3.844   1.00 19.82 ? 110  SER A CB  1 
ATOM   636  O  OG  . SER A 1 100 ? -11.617 -8.610  4.187   1.00 19.63 ? 110  SER A OG  1 
ATOM   637  N  N   . THR A 1 101 ? -15.942 -9.904  3.750   1.00 20.77 ? 111  THR A N   1 
ATOM   638  C  CA  . THR A 1 101 ? -17.025 -10.714 3.208   1.00 22.43 ? 111  THR A CA  1 
ATOM   639  C  C   . THR A 1 101 ? -16.735 -11.048 1.752   1.00 22.18 ? 111  THR A C   1 
ATOM   640  O  O   . THR A 1 101 ? -17.369 -11.931 1.187   1.00 22.17 ? 111  THR A O   1 
ATOM   641  C  CB  . THR A 1 101 ? -18.418 -10.025 3.326   1.00 22.36 ? 111  THR A CB  1 
ATOM   642  O  OG1 . THR A 1 101 ? -18.420 -8.800  2.593   1.00 24.64 ? 111  THR A OG1 1 
ATOM   643  C  CG2 . THR A 1 101 ? -18.768 -9.728  4.774   1.00 24.46 ? 111  THR A CG2 1 
ATOM   644  N  N   . GLN A 1 102 ? -15.766 -10.345 1.154   1.00 21.89 ? 112  GLN A N   1 
ATOM   645  C  CA  . GLN A 1 102 ? -15.349 -10.615 -0.230  1.00 22.69 ? 112  GLN A CA  1 
ATOM   646  C  C   . GLN A 1 102 ? -13.948 -11.218 -0.264  1.00 21.81 ? 112  GLN A C   1 
ATOM   647  O  O   . GLN A 1 102 ? -13.165 -10.982 0.661   1.00 21.80 ? 112  GLN A O   1 
ATOM   648  C  CB  . GLN A 1 102 ? -15.339 -9.320  -1.056  1.00 22.47 ? 112  GLN A CB  1 
ATOM   649  C  CG  . GLN A 1 102 ? -16.664 -8.577  -1.096  1.00 26.50 ? 112  GLN A CG  1 
ATOM   650  C  CD  . GLN A 1 102 ? -17.800 -9.455  -1.568  1.00 29.34 ? 112  GLN A CD  1 
ATOM   651  O  OE1 . GLN A 1 102 ? -17.703 -10.107 -2.607  1.00 32.97 ? 112  GLN A OE1 1 
ATOM   652  N  NE2 . GLN A 1 102 ? -18.885 -9.489  -0.798  1.00 32.20 ? 112  GLN A NE2 1 
ATOM   653  N  N   . PRO A 1 103 ? -13.620 -11.989 -1.328  1.00 21.34 ? 113  PRO A N   1 
ATOM   654  C  CA  . PRO A 1 103 ? -12.221 -12.403 -1.512  1.00 20.93 ? 113  PRO A CA  1 
ATOM   655  C  C   . PRO A 1 103 ? -11.321 -11.191 -1.750  1.00 20.69 ? 113  PRO A C   1 
ATOM   656  O  O   . PRO A 1 103 ? -11.829 -10.121 -2.123  1.00 19.98 ? 113  PRO A O   1 
ATOM   657  C  CB  . PRO A 1 103 ? -12.255 -13.261 -2.781  1.00 21.12 ? 113  PRO A CB  1 
ATOM   658  C  CG  . PRO A 1 103 ? -13.538 -13.026 -3.413  1.00 21.44 ? 113  PRO A CG  1 
ATOM   659  C  CD  . PRO A 1 103 ? -14.496 -12.520 -2.389  1.00 21.64 ? 113  PRO A CD  1 
ATOM   660  N  N   . VAL A 1 104 ? -10.015 -11.361 -1.543  1.00 19.77 ? 114  VAL A N   1 
ATOM   661  C  CA  . VAL A 1 104 ? -9.062  -10.278 -1.746  1.00 19.93 ? 114  VAL A CA  1 
ATOM   662  C  C   . VAL A 1 104 ? -8.919  -9.954  -3.237  1.00 19.92 ? 114  VAL A C   1 
ATOM   663  O  O   . VAL A 1 104 ? -8.559  -10.830 -4.027  1.00 19.54 ? 114  VAL A O   1 
ATOM   664  C  CB  . VAL A 1 104 ? -7.635  -10.616 -1.221  1.00 19.96 ? 114  VAL A CB  1 
ATOM   665  C  CG1 . VAL A 1 104 ? -6.819  -9.357  -1.209  1.00 19.03 ? 114  VAL A CG1 1 
ATOM   666  C  CG2 . VAL A 1 104 ? -7.675  -11.242 0.170   1.00 20.50 ? 114  VAL A CG2 1 
ATOM   667  N  N   . PRO A 1 105 ? -9.183  -8.696  -3.632  1.00 20.54 ? 115  PRO A N   1 
ATOM   668  C  CA  . PRO A 1 105 ? -8.875  -8.382  -5.033  1.00 20.28 ? 115  PRO A CA  1 
ATOM   669  C  C   . PRO A 1 105 ? -7.358  -8.391  -5.245  1.00 20.58 ? 115  PRO A C   1 
ATOM   670  O  O   . PRO A 1 105 ? -6.605  -7.965  -4.366  1.00 20.68 ? 115  PRO A O   1 
ATOM   671  C  CB  . PRO A 1 105 ? -9.467  -6.978  -5.227  1.00 20.75 ? 115  PRO A CB  1 
ATOM   672  C  CG  . PRO A 1 105 ? -9.605  -6.403  -3.848  1.00 19.83 ? 115  PRO A CG  1 
ATOM   673  C  CD  . PRO A 1 105 ? -9.763  -7.548  -2.902  1.00 20.66 ? 115  PRO A CD  1 
ATOM   674  N  N   . ARG A 1 106 ? -6.909  -8.924  -6.379  1.00 20.92 ? 116  ARG A N   1 
ATOM   675  C  CA  . ARG A 1 106 ? -5.482  -8.987  -6.673  1.00 21.33 ? 116  ARG A CA  1 
ATOM   676  C  C   . ARG A 1 106 ? -5.193  -8.380  -8.051  1.00 21.81 ? 116  ARG A C   1 
ATOM   677  O  O   . ARG A 1 106 ? -6.094  -8.304  -8.888  1.00 21.86 ? 116  ARG A O   1 
ATOM   678  C  CB  . ARG A 1 106 ? -4.969  -10.424 -6.578  1.00 21.85 ? 116  ARG A CB  1 
ATOM   679  C  CG  . ARG A 1 106 ? -5.424  -11.169 -5.327  1.00 22.19 ? 116  ARG A CG  1 
ATOM   680  C  CD  . ARG A 1 106 ? -4.456  -12.259 -4.935  1.00 22.66 ? 116  ARG A CD  1 
ATOM   681  N  NE  . ARG A 1 106 ? -3.356  -11.696 -4.153  1.00 24.26 ? 116  ARG A NE  1 
ATOM   682  C  CZ  . ARG A 1 106 ? -2.077  -11.806 -4.483  1.00 25.63 ? 116  ARG A CZ  1 
ATOM   683  N  NH1 . ARG A 1 106 ? -1.742  -12.492 -5.577  1.00 27.48 ? 116  ARG A NH1 1 
ATOM   684  N  NH2 . ARG A 1 106 ? -1.142  -11.256 -3.710  1.00 22.95 ? 116  ARG A NH2 1 
ATOM   685  N  N   . PHE A 1 107 ? -3.948  -7.957  -8.268  1.00 21.55 ? 117  PHE A N   1 
ATOM   686  C  CA  . PHE A 1 107 ? -3.586  -7.100  -9.417  1.00 22.24 ? 117  PHE A CA  1 
ATOM   687  C  C   . PHE A 1 107 ? -2.232  -7.464  -9.995  1.00 22.74 ? 117  PHE A C   1 
ATOM   688  O  O   . PHE A 1 107 ? -1.307  -7.740  -9.261  1.00 22.30 ? 117  PHE A O   1 
ATOM   689  C  CB  . PHE A 1 107 ? -3.594  -5.620  -9.000  1.00 21.57 ? 117  PHE A CB  1 
ATOM   690  C  CG  . PHE A 1 107 ? -4.852  -5.221  -8.290  1.00 20.08 ? 117  PHE A CG  1 
ATOM   691  C  CD1 . PHE A 1 107 ? -5.979  -4.843  -9.011  1.00 19.08 ? 117  PHE A CD1 1 
ATOM   692  C  CD2 . PHE A 1 107 ? -4.929  -5.279  -6.908  1.00 19.30 ? 117  PHE A CD2 1 
ATOM   693  C  CE1 . PHE A 1 107 ? -7.155  -4.523  -8.370  1.00 19.63 ? 117  PHE A CE1 1 
ATOM   694  C  CE2 . PHE A 1 107 ? -6.104  -4.948  -6.254  1.00 19.28 ? 117  PHE A CE2 1 
ATOM   695  C  CZ  . PHE A 1 107 ? -7.211  -4.571  -6.985  1.00 20.07 ? 117  PHE A CZ  1 
ATOM   696  N  N   . ASP A 1 108 ? -2.135  -7.477  -11.322 1.00 24.45 ? 118  ASP A N   1 
ATOM   697  C  CA  . ASP A 1 108 ? -0.878  -7.786  -11.995 1.00 25.77 ? 118  ASP A CA  1 
ATOM   698  C  C   . ASP A 1 108 ? 0.012   -6.561  -12.135 1.00 25.68 ? 118  ASP A C   1 
ATOM   699  O  O   . ASP A 1 108 ? 1.128   -6.650  -12.654 1.00 26.46 ? 118  ASP A O   1 
ATOM   700  C  CB  . ASP A 1 108 ? -1.118  -8.455  -13.366 1.00 26.49 ? 118  ASP A CB  1 
ATOM   701  C  CG  . ASP A 1 108 ? -2.035  -7.653  -14.280 1.00 29.03 ? 118  ASP A CG  1 
ATOM   702  O  OD1 . ASP A 1 108 ? -2.195  -6.422  -14.096 1.00 31.21 ? 118  ASP A OD1 1 
ATOM   703  O  OD2 . ASP A 1 108 ? -2.593  -8.268  -15.220 1.00 33.39 ? 118  ASP A OD2 1 
HETATM 704  N  N   . CAS A 1 109 ? -0.483  -5.416  -11.670 1.00 24.88 ? 119  CAS A N   1 
HETATM 705  C  CA  . CAS A 1 109 ? 0.323   -4.204  -11.640 1.00 24.13 ? 119  CAS A CA  1 
HETATM 706  C  CB  . CAS A 1 109 ? 0.460   -3.604  -13.027 1.00 25.42 ? 119  CAS A CB  1 
HETATM 707  C  C   . CAS A 1 109 ? -0.159  -3.204  -10.652 1.00 23.04 ? 119  CAS A C   1 
HETATM 708  O  O   . CAS A 1 109 ? -1.361  -3.150  -10.338 1.00 22.06 ? 119  CAS A O   1 
HETATM 709  S  SG  . CAS A 1 109 ? -0.584  -2.291  -13.594 1.00 29.77 ? 119  CAS A SG  1 
HETATM 710  AS AS  . CAS A 1 109 ? 0.463   -2.207  -15.584 0.50 35.63 ? 119  CAS A AS  1 
HETATM 711  C  CE1 . CAS A 1 109 ? 2.389   -2.691  -15.614 0.50 33.75 ? 119  CAS A CE1 1 
HETATM 712  C  CE2 . CAS A 1 109 ? -0.902  -3.486  -16.253 0.50 31.72 ? 119  CAS A CE2 1 
ATOM   713  N  N   . VAL A 1 110 ? 0.790   -2.409  -10.164 1.00 21.42 ? 120  VAL A N   1 
ATOM   714  C  CA  . VAL A 1 110 ? 0.576   -1.550  -9.013  1.00 21.22 ? 120  VAL A CA  1 
ATOM   715  C  C   . VAL A 1 110 ? -0.346  -0.361  -9.318  1.00 20.09 ? 120  VAL A C   1 
ATOM   716  O  O   . VAL A 1 110 ? -1.043  0.129   -8.447  1.00 18.90 ? 120  VAL A O   1 
ATOM   717  C  CB  . VAL A 1 110 ? 1.918   -1.164  -8.317  1.00 21.55 ? 120  VAL A CB  1 
ATOM   718  C  CG1 . VAL A 1 110 ? 2.540   0.068   -8.943  1.00 22.88 ? 120  VAL A CG1 1 
ATOM   719  C  CG2 . VAL A 1 110 ? 1.682   -0.924  -6.848  1.00 23.67 ? 120  VAL A CG2 1 
ATOM   720  N  N   . LEU A 1 111 ? -0.383  0.044   -10.585 1.00 19.16 ? 121  LEU A N   1 
ATOM   721  C  CA  . LEU A 1 111 ? -1.239  1.125   -11.032 1.00 19.19 ? 121  LEU A CA  1 
ATOM   722  C  C   . LEU A 1 111 ? -2.723  0.736   -10.887 1.00 17.51 ? 121  LEU A C   1 
ATOM   723  O  O   . LEU A 1 111 ? -3.552  1.548   -10.487 1.00 18.20 ? 121  LEU A O   1 
ATOM   724  C  CB  . LEU A 1 111 ? -0.874  1.468   -12.490 1.00 19.03 ? 121  LEU A CB  1 
ATOM   725  C  CG  . LEU A 1 111 ? -0.882  2.885   -13.067 1.00 21.64 ? 121  LEU A CG  1 
ATOM   726  C  CD1 . LEU A 1 111 ? -0.516  3.994   -12.076 1.00 20.20 ? 121  LEU A CD1 1 
ATOM   727  C  CD2 . LEU A 1 111 ? 0.046   2.897   -14.290 1.00 20.54 ? 121  LEU A CD2 1 
ATOM   728  N  N   . LYS A 1 112 ? -3.033  -0.513  -11.209 1.00 16.80 ? 122  LYS A N   1 
ATOM   729  C  CA  . LYS A 1 112 ? -4.364  -1.074  -11.050 1.00 16.61 ? 122  LYS A CA  1 
ATOM   730  C  C   . LYS A 1 112 ? -4.712  -1.239  -9.565  1.00 16.34 ? 122  LYS A C   1 
ATOM   731  O  O   . LYS A 1 112 ? -5.824  -0.908  -9.157  1.00 15.31 ? 122  LYS A O   1 
ATOM   732  C  CB  . LYS A 1 112 ? -4.479  -2.404  -11.808 1.00 16.30 ? 122  LYS A CB  1 
ATOM   733  C  CG  . LYS A 1 112 ? -4.505  -2.246  -13.336 1.00 16.82 ? 122  LYS A CG  1 
ATOM   734  C  CD  . LYS A 1 112 ? -4.339  -3.606  -14.019 1.00 18.32 ? 122  LYS A CD  1 
ATOM   735  C  CE  . LYS A 1 112 ? -4.403  -3.454  -15.551 1.00 21.80 ? 122  LYS A CE  1 
ATOM   736  N  NZ  . LYS A 1 112 ? -4.201  -4.774  -16.241 1.00 21.31 ? 122  LYS A NZ  1 
ATOM   737  N  N   . LEU A 1 113 ? -3.764  -1.748  -8.766  1.00 16.33 ? 123  LEU A N   1 
ATOM   738  C  CA  . LEU A 1 113 ? -3.939  -1.853  -7.306  1.00 16.80 ? 123  LEU A CA  1 
ATOM   739  C  C   . LEU A 1 113 ? -4.359  -0.497  -6.754  1.00 16.83 ? 123  LEU A C   1 
ATOM   740  O  O   . LEU A 1 113 ? -5.406  -0.357  -6.135  1.00 17.28 ? 123  LEU A O   1 
ATOM   741  C  CB  . LEU A 1 113 ? -2.636  -2.325  -6.619  1.00 17.03 ? 123  LEU A CB  1 
ATOM   742  C  CG  . LEU A 1 113 ? -2.614  -2.584  -5.092  1.00 17.12 ? 123  LEU A CG  1 
ATOM   743  C  CD1 . LEU A 1 113 ? -1.291  -3.212  -4.721  1.00 19.33 ? 123  LEU A CD1 1 
ATOM   744  C  CD2 . LEU A 1 113 ? -2.793  -1.298  -4.289  1.00 18.11 ? 123  LEU A CD2 1 
ATOM   745  N  N   . VAL A 1 114 ? -3.540  0.512   -7.018  1.00 17.30 ? 124  VAL A N   1 
ATOM   746  C  CA  . VAL A 1 114 ? -3.777  1.853   -6.547  1.00 17.44 ? 124  VAL A CA  1 
ATOM   747  C  C   . VAL A 1 114 ? -5.148  2.413   -7.000  1.00 17.78 ? 124  VAL A C   1 
ATOM   748  O  O   . VAL A 1 114 ? -5.903  2.937   -6.170  1.00 17.09 ? 124  VAL A O   1 
ATOM   749  C  CB  . VAL A 1 114 ? -2.569  2.764   -6.933  1.00 18.46 ? 124  VAL A CB  1 
ATOM   750  C  CG1 . VAL A 1 114 ? -2.949  4.210   -6.954  1.00 18.21 ? 124  VAL A CG1 1 
ATOM   751  C  CG2 . VAL A 1 114 ? -1.397  2.496   -5.964  1.00 19.97 ? 124  VAL A CG2 1 
ATOM   752  N  N   . HIS A 1 115 ? -5.480  2.269   -8.289  1.00 17.39 ? 125  HIS A N   1 
ATOM   753  C  CA  . HIS A 1 115 ? -6.792  2.688   -8.825  1.00 17.57 ? 125  HIS A CA  1 
ATOM   754  C  C   . HIS A 1 115 ? -7.956  2.067   -8.046  1.00 17.62 ? 125  HIS A C   1 
ATOM   755  O  O   . HIS A 1 115 ? -8.972  2.715   -7.794  1.00 16.72 ? 125  HIS A O   1 
ATOM   756  C  CB  . HIS A 1 115 ? -6.896  2.331   -10.328 1.00 18.33 ? 125  HIS A CB  1 
ATOM   757  C  CG  . HIS A 1 115 ? -8.251  2.569   -10.944 1.00 20.24 ? 125  HIS A CG  1 
ATOM   758  N  ND1 . HIS A 1 115 ? -9.147  1.548   -11.198 1.00 22.55 ? 125  HIS A ND1 1 
ATOM   759  C  CD2 . HIS A 1 115 ? -8.847  3.704   -11.388 1.00 22.55 ? 125  HIS A CD2 1 
ATOM   760  C  CE1 . HIS A 1 115 ? -10.242 2.044   -11.747 1.00 21.82 ? 125  HIS A CE1 1 
ATOM   761  N  NE2 . HIS A 1 115 ? -10.088 3.350   -11.873 1.00 24.35 ? 125  HIS A NE2 1 
ATOM   762  N  N   . HIS A 1 116 ? -7.785  0.816   -7.628  1.00 17.71 ? 126  HIS A N   1 
ATOM   763  C  CA  . HIS A 1 116 ? -8.865  0.082   -6.992  1.00 18.15 ? 126  HIS A CA  1 
ATOM   764  C  C   . HIS A 1 116 ? -9.235  0.691   -5.634  1.00 18.36 ? 126  HIS A C   1 
ATOM   765  O  O   . HIS A 1 116 ? -10.391 0.624   -5.203  1.00 18.10 ? 126  HIS A O   1 
ATOM   766  C  CB  . HIS A 1 116 ? -8.467  -1.387  -6.840  1.00 17.63 ? 126  HIS A CB  1 
ATOM   767  C  CG  . HIS A 1 116 ? -9.590  -2.265  -6.396  1.00 18.26 ? 126  HIS A CG  1 
ATOM   768  N  ND1 . HIS A 1 116 ? -10.492 -2.818  -7.280  1.00 16.97 ? 126  HIS A ND1 1 
ATOM   769  C  CD2 . HIS A 1 116 ? -9.960  -2.684  -5.162  1.00 17.18 ? 126  HIS A CD2 1 
ATOM   770  C  CE1 . HIS A 1 116 ? -11.377 -3.531  -6.606  1.00 19.46 ? 126  HIS A CE1 1 
ATOM   771  N  NE2 . HIS A 1 116 ? -11.072 -3.469  -5.321  1.00 17.77 ? 126  HIS A NE2 1 
ATOM   772  N  N   . TYR A 1 117 ? -8.240  1.255   -4.954  1.00 18.53 ? 127  TYR A N   1 
ATOM   773  C  CA  . TYR A 1 117 ? -8.442  1.867   -3.645  1.00 19.21 ? 127  TYR A CA  1 
ATOM   774  C  C   . TYR A 1 117 ? -8.522  3.391   -3.731  1.00 21.17 ? 127  TYR A C   1 
ATOM   775  O  O   . TYR A 1 117 ? -8.239  4.082   -2.750  1.00 20.57 ? 127  TYR A O   1 
ATOM   776  C  CB  . TYR A 1 117 ? -7.351  1.415   -2.659  1.00 18.41 ? 127  TYR A CB  1 
ATOM   777  C  CG  . TYR A 1 117 ? -7.374  -0.089  -2.451  1.00 17.00 ? 127  TYR A CG  1 
ATOM   778  C  CD1 . TYR A 1 117 ? -8.273  -0.671  -1.548  1.00 15.73 ? 127  TYR A CD1 1 
ATOM   779  C  CD2 . TYR A 1 117 ? -6.518  -0.931  -3.170  1.00 14.87 ? 127  TYR A CD2 1 
ATOM   780  C  CE1 . TYR A 1 117 ? -8.311  -2.063  -1.366  1.00 14.82 ? 127  TYR A CE1 1 
ATOM   781  C  CE2 . TYR A 1 117 ? -6.556  -2.325  -2.998  1.00 14.40 ? 127  TYR A CE2 1 
ATOM   782  C  CZ  . TYR A 1 117 ? -7.450  -2.875  -2.096  1.00 15.26 ? 127  TYR A CZ  1 
ATOM   783  O  OH  . TYR A 1 117 ? -7.491  -4.245  -1.922  1.00 17.13 ? 127  TYR A OH  1 
ATOM   784  N  N   . MET A 1 118 ? -8.927  3.899   -4.899  1.00 22.98 ? 128  MET A N   1 
ATOM   785  C  CA  . MET A 1 118 ? -9.198  5.335   -5.107  1.00 26.13 ? 128  MET A CA  1 
ATOM   786  C  C   . MET A 1 118 ? -10.694 5.562   -5.351  1.00 27.70 ? 128  MET A C   1 
ATOM   787  O  O   . MET A 1 118 ? -11.113 5.759   -6.504  1.00 28.20 ? 128  MET A O   1 
ATOM   788  C  CB  . MET A 1 118 ? -8.420  5.870   -6.321  1.00 25.75 ? 128  MET A CB  1 
ATOM   789  C  CG  . MET A 1 118 ? -6.937  6.109   -6.109  1.00 25.70 ? 128  MET A CG  1 
ATOM   790  S  SD  . MET A 1 118 ? -6.181  6.577   -7.685  1.00 28.93 ? 128  MET A SD  1 
ATOM   791  C  CE  . MET A 1 118 ? -4.738  7.430   -7.104  1.00 27.32 ? 128  MET A CE  1 
ATOM   792  N  N   . PRO A 1 119 ? -11.520 5.520   -4.286  1.00 29.44 ? 129  PRO A N   1 
ATOM   793  C  CA  . PRO A 1 119 ? -12.926 5.830   -4.543  1.00 30.54 ? 129  PRO A CA  1 
ATOM   794  C  C   . PRO A 1 119 ? -13.129 7.341   -4.675  1.00 32.10 ? 129  PRO A C   1 
ATOM   795  O  O   . PRO A 1 119 ? -12.346 8.109   -4.107  1.00 32.16 ? 129  PRO A O   1 
ATOM   796  C  CB  . PRO A 1 119 ? -13.636 5.290   -3.295  1.00 30.38 ? 129  PRO A CB  1 
ATOM   797  C  CG  . PRO A 1 119 ? -12.616 5.437   -2.191  1.00 29.83 ? 129  PRO A CG  1 
ATOM   798  C  CD  . PRO A 1 119 ? -11.271 5.200   -2.863  1.00 29.35 ? 129  PRO A CD  1 
ATOM   799  N  N   . PRO A 1 120 ? -14.182 7.765   -5.411  1.00 33.83 ? 130  PRO A N   1 
ATOM   800  C  CA  . PRO A 1 120 ? -14.608 9.167   -5.406  1.00 34.83 ? 130  PRO A CA  1 
ATOM   801  C  C   . PRO A 1 120 ? -15.214 9.506   -4.034  1.00 36.03 ? 130  PRO A C   1 
ATOM   802  O  O   . PRO A 1 120 ? -15.598 8.595   -3.292  1.00 35.99 ? 130  PRO A O   1 
ATOM   803  C  CB  . PRO A 1 120 ? -15.707 9.193   -6.473  1.00 34.93 ? 130  PRO A CB  1 
ATOM   804  C  CG  . PRO A 1 120 ? -16.273 7.794   -6.461  1.00 34.32 ? 130  PRO A CG  1 
ATOM   805  C  CD  . PRO A 1 120 ? -15.061 6.929   -6.260  1.00 33.99 ? 130  PRO A CD  1 
ATOM   806  N  N   . GLN A 1 121 ? -15.297 10.792  -3.696  1.00 37.20 ? 131  GLN A N   1 
ATOM   807  C  CA  . GLN A 1 121 ? -15.981 11.185  -2.462  1.00 38.37 ? 131  GLN A CA  1 
ATOM   808  C  C   . GLN A 1 121 ? -17.444 11.533  -2.735  1.00 38.40 ? 131  GLN A C   1 
ATOM   809  O  O   . GLN A 1 121 ? -17.747 12.436  -3.523  1.00 38.68 ? 131  GLN A O   1 
ATOM   810  C  CB  . GLN A 1 121 ? -15.280 12.346  -1.763  1.00 38.88 ? 131  GLN A CB  1 
ATOM   811  C  CG  . GLN A 1 121 ? -15.480 12.329  -0.245  1.00 41.41 ? 131  GLN A CG  1 
ATOM   812  C  CD  . GLN A 1 121 ? -15.615 13.715  0.357   1.00 45.14 ? 131  GLN A CD  1 
ATOM   813  O  OE1 . GLN A 1 121 ? -16.018 14.668  -0.319  1.00 48.02 ? 131  GLN A OE1 1 
ATOM   814  N  NE2 . GLN A 1 121 ? -15.283 13.837  1.641   1.00 45.91 ? 131  GLN A NE2 1 
ATOM   815  N  N   . ALA A 1 131 ? -15.480 1.758   -2.178  1.00 35.14 ? 141  ALA A N   1 
ATOM   816  C  CA  . ALA A 1 131 ? -14.815 2.182   -0.935  1.00 34.98 ? 141  ALA A CA  1 
ATOM   817  C  C   . ALA A 1 131 ? -14.694 1.071   0.128   1.00 34.69 ? 141  ALA A C   1 
ATOM   818  O  O   . ALA A 1 131 ? -15.695 0.445   0.487   1.00 35.08 ? 141  ALA A O   1 
ATOM   819  C  CB  . ALA A 1 131 ? -15.508 3.397   -0.361  1.00 34.86 ? 141  ALA A CB  1 
ATOM   820  N  N   . TYR A 1 132 ? -13.467 0.850   0.615   1.00 34.07 ? 142  TYR A N   1 
ATOM   821  C  CA  . TYR A 1 132 ? -13.153 -0.143  1.663   1.00 33.55 ? 142  TYR A CA  1 
ATOM   822  C  C   . TYR A 1 132 ? -12.663 0.516   2.955   1.00 33.73 ? 142  TYR A C   1 
ATOM   823  O  O   . TYR A 1 132 ? -12.372 1.712   2.969   1.00 33.60 ? 142  TYR A O   1 
ATOM   824  C  CB  . TYR A 1 132 ? -12.057 -1.087  1.183   1.00 33.31 ? 142  TYR A CB  1 
ATOM   825  C  CG  . TYR A 1 132 ? -12.370 -1.815  -0.091  1.00 32.55 ? 142  TYR A CG  1 
ATOM   826  C  CD1 . TYR A 1 132 ? -11.775 -1.438  -1.288  1.00 31.75 ? 142  TYR A CD1 1 
ATOM   827  C  CD2 . TYR A 1 132 ? -13.267 -2.874  -0.103  1.00 31.75 ? 142  TYR A CD2 1 
ATOM   828  C  CE1 . TYR A 1 132 ? -12.050 -2.111  -2.460  1.00 31.55 ? 142  TYR A CE1 1 
ATOM   829  C  CE2 . TYR A 1 132 ? -13.558 -3.549  -1.272  1.00 32.48 ? 142  TYR A CE2 1 
ATOM   830  C  CZ  . TYR A 1 132 ? -12.936 -3.169  -2.443  1.00 32.59 ? 142  TYR A CZ  1 
ATOM   831  O  OH  . TYR A 1 132 ? -13.215 -3.844  -3.605  1.00 33.83 ? 142  TYR A OH  1 
ATOM   832  N  N   . TYR A 1 133 ? -12.543 -0.260  4.032   1.00 33.75 ? 143  TYR A N   1 
ATOM   833  C  CA  . TYR A 1 133 ? -12.237 0.322   5.349   1.00 34.46 ? 143  TYR A CA  1 
ATOM   834  C  C   . TYR A 1 133 ? -11.172 -0.452  6.146   1.00 34.58 ? 143  TYR A C   1 
ATOM   835  O  O   . TYR A 1 133 ? -10.920 -1.623  5.867   1.00 34.35 ? 143  TYR A O   1 
ATOM   836  C  CB  . TYR A 1 133 ? -13.551 0.522   6.133   1.00 35.06 ? 143  TYR A CB  1 
ATOM   837  C  CG  . TYR A 1 133 ? -14.557 1.384   5.364   1.00 36.17 ? 143  TYR A CG  1 
ATOM   838  C  CD1 . TYR A 1 133 ? -15.429 0.832   4.418   1.00 35.86 ? 143  TYR A CD1 1 
ATOM   839  C  CD2 . TYR A 1 133 ? -14.611 2.754   5.564   1.00 36.33 ? 143  TYR A CD2 1 
ATOM   840  C  CE1 . TYR A 1 133 ? -16.326 1.637   3.702   1.00 36.47 ? 143  TYR A CE1 1 
ATOM   841  C  CE2 . TYR A 1 133 ? -15.502 3.561   4.857   1.00 37.09 ? 143  TYR A CE2 1 
ATOM   842  C  CZ  . TYR A 1 133 ? -16.353 3.003   3.931   1.00 37.06 ? 143  TYR A CZ  1 
ATOM   843  O  OH  . TYR A 1 133 ? -17.220 3.836   3.248   1.00 37.42 ? 143  TYR A OH  1 
ATOM   844  N  N   . ILE A 1 134 ? -10.518 0.221   7.098   1.00 34.95 ? 144  ILE A N   1 
ATOM   845  C  CA  . ILE A 1 134 ? -9.545  -0.404  8.008   1.00 35.64 ? 144  ILE A CA  1 
ATOM   846  C  C   . ILE A 1 134 ? -10.032 -0.339  9.474   1.00 36.43 ? 144  ILE A C   1 
ATOM   847  O  O   . ILE A 1 134 ? -10.693 0.627   9.861   1.00 35.36 ? 144  ILE A O   1 
ATOM   848  C  CB  . ILE A 1 134 ? -8.116  0.235   7.873   1.00 35.71 ? 144  ILE A CB  1 
ATOM   849  C  CG1 . ILE A 1 134 ? -8.170  1.764   7.999   1.00 36.15 ? 144  ILE A CG1 1 
ATOM   850  C  CG2 . ILE A 1 134 ? -7.473  -0.135  6.538   1.00 35.14 ? 144  ILE A CG2 1 
ATOM   851  C  CD1 . ILE A 1 134 ? -6.902  2.493   7.512   1.00 36.41 ? 144  ILE A CD1 1 
ATOM   852  N  N   . TYR A 1 135 ? -9.720  -1.358  10.282  1.00 37.37 ? 145  TYR A N   1 
ATOM   853  C  CA  . TYR A 1 135 ? -10.058 -1.304  11.723  1.00 38.95 ? 145  TYR A CA  1 
ATOM   854  C  C   . TYR A 1 135 ? -9.009  -0.562  12.541  1.00 39.15 ? 145  TYR A C   1 
ATOM   855  O  O   . TYR A 1 135 ? -7.825  -0.895  12.473  1.00 40.18 ? 145  TYR A O   1 
ATOM   856  C  CB  . TYR A 1 135 ? -10.303 -2.698  12.329  1.00 39.57 ? 145  TYR A CB  1 
ATOM   857  C  CG  . TYR A 1 135 ? -11.754 -3.145  12.282  1.00 40.63 ? 145  TYR A CG  1 
ATOM   858  C  CD1 . TYR A 1 135 ? -12.207 -3.970  11.265  1.00 41.24 ? 145  TYR A CD1 1 
ATOM   859  C  CD2 . TYR A 1 135 ? -12.673 -2.734  13.257  1.00 41.83 ? 145  TYR A CD2 1 
ATOM   860  C  CE1 . TYR A 1 135 ? -13.540 -4.388  11.208  1.00 41.80 ? 145  TYR A CE1 1 
ATOM   861  C  CE2 . TYR A 1 135 ? -14.015 -3.146  13.209  1.00 41.37 ? 145  TYR A CE2 1 
ATOM   862  C  CZ  . TYR A 1 135 ? -14.436 -3.973  12.177  1.00 41.68 ? 145  TYR A CZ  1 
ATOM   863  O  OH  . TYR A 1 135 ? -15.744 -4.406  12.097  1.00 41.51 ? 145  TYR A OH  1 
ATOM   864  N  N   . LYS A 1 140 ? -13.701 1.768   12.479  1.00 45.36 ? 150  LYS A N   1 
ATOM   865  C  CA  . LYS A 1 140 ? -13.808 1.424   11.063  1.00 45.46 ? 150  LYS A CA  1 
ATOM   866  C  C   . LYS A 1 140 ? -13.649 2.695   10.222  1.00 45.17 ? 150  LYS A C   1 
ATOM   867  O  O   . LYS A 1 140 ? -14.620 3.415   9.977   1.00 45.69 ? 150  LYS A O   1 
ATOM   868  C  CB  . LYS A 1 140 ? -15.142 0.699   10.790  1.00 45.45 ? 150  LYS A CB  1 
ATOM   869  C  CG  . LYS A 1 140 ? -15.352 0.112   9.376   1.00 46.53 ? 150  LYS A CG  1 
ATOM   870  C  CD  . LYS A 1 140 ? -14.605 -1.222  9.135   1.00 47.74 ? 150  LYS A CD  1 
ATOM   871  C  CE  . LYS A 1 140 ? -15.444 -2.215  8.297   1.00 48.37 ? 150  LYS A CE  1 
ATOM   872  N  NZ  . LYS A 1 140 ? -15.770 -1.803  6.881   1.00 47.11 ? 150  LYS A NZ  1 
ATOM   873  N  N   . ILE A 1 141 ? -12.409 2.969   9.802   1.00 44.61 ? 151  ILE A N   1 
ATOM   874  C  CA  . ILE A 1 141 ? -12.064 4.170   9.015   1.00 43.88 ? 151  ILE A CA  1 
ATOM   875  C  C   . ILE A 1 141 ? -11.822 3.857   7.528   1.00 43.27 ? 151  ILE A C   1 
ATOM   876  O  O   . ILE A 1 141 ? -11.126 2.887   7.212   1.00 43.33 ? 151  ILE A O   1 
ATOM   877  C  CB  . ILE A 1 141 ? -10.832 4.933   9.613   1.00 44.20 ? 151  ILE A CB  1 
ATOM   878  C  CG1 . ILE A 1 141 ? -9.876  5.386   8.501   1.00 43.80 ? 151  ILE A CG1 1 
ATOM   879  C  CG2 . ILE A 1 141 ? -10.086 4.078   10.643  1.00 44.26 ? 151  ILE A CG2 1 
ATOM   880  C  CD1 . ILE A 1 141 ? -8.539  5.816   8.977   1.00 44.06 ? 151  ILE A CD1 1 
ATOM   881  N  N   . PRO A 1 142 ? -12.405 4.667   6.612   1.00 42.30 ? 152  PRO A N   1 
ATOM   882  C  CA  . PRO A 1 142 ? -12.213 4.501   5.162   1.00 41.49 ? 152  PRO A CA  1 
ATOM   883  C  C   . PRO A 1 142 ? -10.769 4.458   4.724   1.00 40.51 ? 152  PRO A C   1 
ATOM   884  O  O   . PRO A 1 142 ? -9.968  5.278   5.171   1.00 40.80 ? 152  PRO A O   1 
ATOM   885  C  CB  . PRO A 1 142 ? -12.894 5.747   4.553   1.00 41.69 ? 152  PRO A CB  1 
ATOM   886  C  CG  . PRO A 1 142 ? -13.188 6.650   5.698   1.00 42.05 ? 152  PRO A CG  1 
ATOM   887  C  CD  . PRO A 1 142 ? -13.331 5.775   6.904   1.00 42.37 ? 152  PRO A CD  1 
ATOM   888  N  N   . LEU A 1 143 ? -10.443 3.498   3.863   1.00 38.93 ? 153  LEU A N   1 
ATOM   889  C  CA  . LEU A 1 143 ? -9.174  3.511   3.171   1.00 37.69 ? 153  LEU A CA  1 
ATOM   890  C  C   . LEU A 1 143 ? -9.428  4.191   1.853   1.00 37.21 ? 153  LEU A C   1 
ATOM   891  O  O   . LEU A 1 143 ? -10.193 3.696   1.027   1.00 37.45 ? 153  LEU A O   1 
ATOM   892  C  CB  . LEU A 1 143 ? -8.625  2.101   2.920   1.00 37.73 ? 153  LEU A CB  1 
ATOM   893  C  CG  . LEU A 1 143 ? -7.306  2.098   2.129   1.00 37.45 ? 153  LEU A CG  1 
ATOM   894  C  CD1 . LEU A 1 143 ? -6.176  2.665   2.981   1.00 36.71 ? 153  LEU A CD1 1 
ATOM   895  C  CD2 . LEU A 1 143 ? -6.943  0.714   1.598   1.00 36.90 ? 153  LEU A CD2 1 
ATOM   896  N  N   . VAL A 1 144 ? -8.790  5.337   1.667   1.00 36.30 ? 154  VAL A N   1 
ATOM   897  C  CA  . VAL A 1 144 ? -8.946  6.113   0.452   1.00 35.63 ? 154  VAL A CA  1 
ATOM   898  C  C   . VAL A 1 144 ? -7.580  6.599   0.025   1.00 34.69 ? 154  VAL A C   1 
ATOM   899  O  O   . VAL A 1 144 ? -6.938  7.365   0.730   1.00 35.52 ? 154  VAL A O   1 
ATOM   900  C  CB  . VAL A 1 144 ? -9.893  7.334   0.659   1.00 35.68 ? 154  VAL A CB  1 
ATOM   901  C  CG1 . VAL A 1 144 ? -10.029 8.139   -0.624  1.00 35.76 ? 154  VAL A CG1 1 
ATOM   902  C  CG2 . VAL A 1 144 ? -11.260 6.878   1.133   1.00 35.56 ? 154  VAL A CG2 1 
ATOM   903  N  N   . LEU A 1 145 ? -7.118  6.139   -1.122  1.00 33.31 ? 155  LEU A N   1 
ATOM   904  C  CA  . LEU A 1 145 ? -5.932  6.726   -1.705  1.00 32.15 ? 155  LEU A CA  1 
ATOM   905  C  C   . LEU A 1 145 ? -6.398  7.860   -2.616  1.00 32.27 ? 155  LEU A C   1 
ATOM   906  O  O   . LEU A 1 145 ? -7.488  7.792   -3.204  1.00 31.63 ? 155  LEU A O   1 
ATOM   907  C  CB  . LEU A 1 145 ? -5.135  5.686   -2.485  1.00 31.74 ? 155  LEU A CB  1 
ATOM   908  C  CG  . LEU A 1 145 ? -4.848  4.352   -1.779  1.00 30.26 ? 155  LEU A CG  1 
ATOM   909  C  CD1 . LEU A 1 145 ? -3.992  3.470   -2.678  1.00 29.78 ? 155  LEU A CD1 1 
ATOM   910  C  CD2 . LEU A 1 145 ? -4.160  4.555   -0.439  1.00 27.98 ? 155  LEU A CD2 1 
ATOM   911  N  N   . SER A 1 146 ? -5.599  8.915   -2.720  1.00 31.60 ? 156  SER A N   1 
ATOM   912  C  CA  . SER A 1 146 ? -5.953  9.989   -3.643  1.00 31.43 ? 156  SER A CA  1 
ATOM   913  C  C   . SER A 1 146 ? -4.776  10.410  -4.484  1.00 31.15 ? 156  SER A C   1 
ATOM   914  O  O   . SER A 1 146 ? -4.902  10.538  -5.701  1.00 31.94 ? 156  SER A O   1 
ATOM   915  C  CB  . SER A 1 146 ? -6.606  11.177  -2.925  1.00 31.15 ? 156  SER A CB  1 
ATOM   916  O  OG  . SER A 1 146 ? -5.826  11.628  -1.833  1.00 32.73 ? 156  SER A OG  1 
ATOM   917  N  N   . ARG A 1 147 ? -3.622  10.621  -3.860  1.00 30.03 ? 157  ARG A N   1 
ATOM   918  C  CA  . ARG A 1 147 ? -2.470  11.063  -4.624  1.00 29.60 ? 157  ARG A CA  1 
ATOM   919  C  C   . ARG A 1 147 ? -1.164  10.477  -4.097  1.00 28.44 ? 157  ARG A C   1 
ATOM   920  O  O   . ARG A 1 147 ? -0.923  10.478  -2.897  1.00 28.17 ? 157  ARG A O   1 
ATOM   921  C  CB  . ARG A 1 147 ? -2.407  12.601  -4.702  1.00 30.14 ? 157  ARG A CB  1 
ATOM   922  C  CG  . ARG A 1 147 ? -1.859  13.302  -3.431  1.00 32.24 ? 157  ARG A CG  1 
ATOM   923  C  CD  . ARG A 1 147 ? -2.915  13.469  -2.343  1.00 36.45 ? 157  ARG A CD  1 
ATOM   924  N  NE  . ARG A 1 147 ? -3.593  14.762  -2.420  1.00 39.60 ? 157  ARG A NE  1 
ATOM   925  C  CZ  . ARG A 1 147 ? -4.736  15.052  -1.805  1.00 42.04 ? 157  ARG A CZ  1 
ATOM   926  N  NH1 . ARG A 1 147 ? -5.349  14.143  -1.050  1.00 42.00 ? 157  ARG A NH1 1 
ATOM   927  N  NH2 . ARG A 1 147 ? -5.266  16.263  -1.935  1.00 43.63 ? 157  ARG A NH2 1 
ATOM   928  N  N   . PRO A 1 148 ? -0.324  9.976   -5.009  1.00 28.13 ? 158  PRO A N   1 
ATOM   929  C  CA  . PRO A 1 148 ? 1.019   9.514   -4.663  1.00 27.78 ? 158  PRO A CA  1 
ATOM   930  C  C   . PRO A 1 148 ? 1.876   10.693  -4.204  1.00 27.94 ? 158  PRO A C   1 
ATOM   931  O  O   . PRO A 1 148 ? 1.707   11.812  -4.711  1.00 27.30 ? 158  PRO A O   1 
ATOM   932  C  CB  . PRO A 1 148 ? 1.557   8.972   -5.990  1.00 27.72 ? 158  PRO A CB  1 
ATOM   933  C  CG  . PRO A 1 148 ? 0.748   9.615   -7.039  1.00 27.77 ? 158  PRO A CG  1 
ATOM   934  C  CD  . PRO A 1 148 ? -0.605  9.839   -6.453  1.00 28.10 ? 158  PRO A CD  1 
ATOM   935  N  N   . LEU A 1 149 ? 2.783   10.454  -3.260  1.00 27.60 ? 159  LEU A N   1 
ATOM   936  C  CA  . LEU A 1 149 ? 3.649   11.522  -2.780  1.00 27.94 ? 159  LEU A CA  1 
ATOM   937  C  C   . LEU A 1 149 ? 4.618   11.953  -3.886  1.00 29.42 ? 159  LEU A C   1 
ATOM   938  O  O   . LEU A 1 149 ? 5.200   11.113  -4.565  1.00 28.38 ? 159  LEU A O   1 
ATOM   939  C  CB  . LEU A 1 149 ? 4.407   11.102  -1.518  1.00 27.49 ? 159  LEU A CB  1 
ATOM   940  C  CG  . LEU A 1 149 ? 5.405   12.108  -0.917  1.00 27.37 ? 159  LEU A CG  1 
ATOM   941  C  CD1 . LEU A 1 149 ? 4.715   13.363  -0.427  1.00 25.97 ? 159  LEU A CD1 1 
ATOM   942  C  CD2 . LEU A 1 149 ? 6.195   11.473  0.195   1.00 26.13 ? 159  LEU A CD2 1 
ATOM   943  N  N   . SER A 1 150 ? 4.756   13.265  -4.073  1.00 31.38 ? 160  SER A N   1 
ATOM   944  C  CA  . SER A 1 150 ? 5.705   13.800  -5.049  1.00 33.41 ? 160  SER A CA  1 
ATOM   945  C  C   . SER A 1 150 ? 6.972   14.317  -4.370  1.00 34.13 ? 160  SER A C   1 
ATOM   946  O  O   . SER A 1 150 ? 6.948   14.731  -3.208  1.00 33.86 ? 160  SER A O   1 
ATOM   947  C  CB  . SER A 1 150 ? 5.050   14.890  -5.907  1.00 33.46 ? 160  SER A CB  1 
ATOM   948  O  OG  . SER A 1 150 ? 4.256   15.763  -5.115  1.00 35.30 ? 160  SER A OG  1 
ATOM   949  N  N   . SER A 1 151 ? 8.082   14.272  -5.109  1.00 35.70 ? 161  SER A N   1 
ATOM   950  C  CA  . SER A 1 151 ? 9.350   14.848  -4.670  1.00 36.85 ? 161  SER A CA  1 
ATOM   951  C  C   . SER A 1 151 ? 9.214   16.367  -4.773  1.00 37.78 ? 161  SER A C   1 
ATOM   952  O  O   . SER A 1 151 ? 8.380   16.855  -5.541  1.00 38.65 ? 161  SER A O   1 
ATOM   953  C  CB  . SER A 1 151 ? 10.482  14.331  -5.567  1.00 37.00 ? 161  SER A CB  1 
ATOM   954  O  OG  . SER A 1 151 ? 11.618  13.963  -4.808  1.00 36.91 ? 161  SER A OG  1 
ATOM   955  N  N   . ASN A 1 152 ? 10.004  17.109  -4.000  1.00 38.66 ? 162  ASN A N   1 
ATOM   956  C  CA  . ASN A 1 152 ? 9.992   18.596  -4.017  1.00 39.42 ? 162  ASN A CA  1 
ATOM   957  C  C   . ASN A 1 152 ? 9.465   19.205  -2.711  1.00 39.16 ? 162  ASN A C   1 
ATOM   958  O  O   . ASN A 1 152 ? 10.201  19.392  -1.742  1.00 38.72 ? 162  ASN A O   1 
ATOM   959  C  CB  . ASN A 1 152 ? 9.197   19.153  -5.217  1.00 39.56 ? 162  ASN A CB  1 
ATOM   960  C  CG  . ASN A 1 152 ? 10.088  19.688  -6.343  1.00 41.29 ? 162  ASN A CG  1 
ATOM   961  O  OD1 . ASN A 1 152 ? 10.748  18.934  -7.066  1.00 42.72 ? 162  ASN A OD1 1 
ATOM   962  N  ND2 . ASN A 1 152 ? 10.077  21.008  -6.511  1.00 42.79 ? 162  ASN A ND2 1 
ATOM   963  N  N   . SER B 2 1   ? 8.978   7.747   15.487  1.00 42.01 ? 753  SER B N   1 
ATOM   964  C  CA  . SER B 2 1   ? 7.589   7.654   15.039  1.00 41.61 ? 753  SER B CA  1 
ATOM   965  C  C   . SER B 2 1   ? 7.055   6.246   15.276  1.00 41.16 ? 753  SER B C   1 
ATOM   966  O  O   . SER B 2 1   ? 7.699   5.259   14.906  1.00 41.33 ? 753  SER B O   1 
ATOM   967  C  CB  . SER B 2 1   ? 7.465   7.984   13.545  1.00 41.57 ? 753  SER B CB  1 
ATOM   968  O  OG  . SER B 2 1   ? 8.145   9.174   13.183  1.00 43.02 ? 753  SER B OG  1 
ATOM   969  N  N   . THR B 2 2   ? 5.885   6.153   15.904  1.00 40.19 ? 754  THR B N   1 
ATOM   970  C  CA  . THR B 2 2   ? 5.196   4.881   16.027  1.00 39.18 ? 754  THR B CA  1 
ATOM   971  C  C   . THR B 2 2   ? 4.674   4.502   14.639  1.00 38.15 ? 754  THR B C   1 
ATOM   972  O  O   . THR B 2 2   ? 4.016   5.309   13.973  1.00 38.38 ? 754  THR B O   1 
ATOM   973  C  CB  . THR B 2 2   ? 4.072   4.930   17.100  1.00 39.28 ? 754  THR B CB  1 
ATOM   974  O  OG1 . THR B 2 2   ? 4.656   4.740   18.395  1.00 39.66 ? 754  THR B OG1 1 
ATOM   975  C  CG2 . THR B 2 2   ? 3.032   3.839   16.881  1.00 39.42 ? 754  THR B CG2 1 
ATOM   976  N  N   . VAL B 2 3   ? 5.019   3.291   14.209  1.00 36.59 ? 755  VAL B N   1 
ATOM   977  C  CA  . VAL B 2 3   ? 4.654   2.769   12.893  1.00 34.97 ? 755  VAL B CA  1 
ATOM   978  C  C   . VAL B 2 3   ? 3.529   1.725   13.029  1.00 33.94 ? 755  VAL B C   1 
ATOM   979  O  O   . VAL B 2 3   ? 3.768   0.567   13.374  1.00 33.38 ? 755  VAL B O   1 
ATOM   980  C  CB  . VAL B 2 3   ? 5.899   2.179   12.158  1.00 34.80 ? 755  VAL B CB  1 
ATOM   981  C  CG1 . VAL B 2 3   ? 5.531   1.696   10.768  1.00 34.54 ? 755  VAL B CG1 1 
ATOM   982  C  CG2 . VAL B 2 3   ? 7.009   3.222   12.066  1.00 34.38 ? 755  VAL B CG2 1 
ATOM   983  N  N   . GLU B 2 4   ? 2.308   2.155   12.741  1.00 32.68 ? 756  GLU B N   1 
ATOM   984  C  CA  . GLU B 2 4   ? 1.116   1.330   12.954  1.00 32.23 ? 756  GLU B CA  1 
ATOM   985  C  C   . GLU B 2 4   ? 0.689   0.566   11.703  1.00 30.09 ? 756  GLU B C   1 
ATOM   986  O  O   . GLU B 2 4   ? 0.549   1.149   10.628  1.00 29.65 ? 756  GLU B O   1 
ATOM   987  C  CB  . GLU B 2 4   ? -0.043  2.196   13.457  1.00 32.00 ? 756  GLU B CB  1 
ATOM   988  C  CG  . GLU B 2 4   ? 0.167   2.725   14.879  1.00 34.35 ? 756  GLU B CG  1 
ATOM   989  C  CD  . GLU B 2 4   ? -0.869  3.761   15.278  1.00 34.47 ? 756  GLU B CD  1 
ATOM   990  O  OE1 . GLU B 2 4   ? -2.051  3.381   15.436  1.00 36.58 ? 756  GLU B OE1 1 
ATOM   991  O  OE2 . GLU B 2 4   ? -0.498  4.951   15.427  1.00 38.07 ? 756  GLU B OE2 1 
HETATM 992  N  N   . PTR B 2 5   ? 0.473   -0.736  11.862  1.00 28.64 ? 757  PTR B N   1 
HETATM 993  C  CA  . PTR B 2 5   ? 0.005   -1.576  10.760  1.00 26.74 ? 757  PTR B CA  1 
HETATM 994  C  C   . PTR B 2 5   ? -1.496  -1.808  10.815  1.00 26.77 ? 757  PTR B C   1 
HETATM 995  O  O   . PTR B 2 5   ? -2.102  -1.783  11.889  1.00 26.99 ? 757  PTR B O   1 
HETATM 996  C  CB  . PTR B 2 5   ? 0.840   -2.847  10.577  1.00 25.72 ? 757  PTR B CB  1 
HETATM 997  C  CG  . PTR B 2 5   ? 2.203   -2.537  9.994   1.00 24.74 ? 757  PTR B CG  1 
HETATM 998  C  CD1 . PTR B 2 5   ? 3.241   -2.078  10.808  1.00 23.94 ? 757  PTR B CD1 1 
HETATM 999  C  CD2 . PTR B 2 5   ? 2.445   -2.655  8.625   1.00 22.82 ? 757  PTR B CD2 1 
HETATM 1000 C  CE1 . PTR B 2 5   ? 4.483   -1.770  10.287  1.00 23.40 ? 757  PTR B CE1 1 
HETATM 1001 C  CE2 . PTR B 2 5   ? 3.687   -2.330  8.089   1.00 21.29 ? 757  PTR B CE2 1 
HETATM 1002 C  CZ  . PTR B 2 5   ? 4.709   -1.896  8.926   1.00 22.81 ? 757  PTR B CZ  1 
HETATM 1003 O  OH  . PTR B 2 5   ? 5.831   -1.585  8.485   1.00 22.19 ? 757  PTR B OH  1 
HETATM 1004 P  P   . PTR B 2 5   ? 6.867   -2.668  7.937   1.00 20.34 ? 757  PTR B P   1 
HETATM 1005 O  O1P . PTR B 2 5   ? 8.077   -1.999  7.428   1.00 21.04 ? 757  PTR B O1P 1 
HETATM 1006 O  O2P . PTR B 2 5   ? 6.225   -3.502  6.805   1.00 18.56 ? 757  PTR B O2P 1 
HETATM 1007 O  O3P . PTR B 2 5   ? 7.255   -3.595  9.104   1.00 21.81 ? 757  PTR B O3P 1 
ATOM   1008 N  N   . SER B 2 6   ? -2.091  -2.007  9.638   1.00 25.59 ? 758  SER B N   1 
ATOM   1009 C  CA  . SER B 2 6   ? -3.510  -2.271  9.518   1.00 24.42 ? 758  SER B CA  1 
ATOM   1010 C  C   . SER B 2 6   ? -3.736  -3.276  8.395   1.00 23.29 ? 758  SER B C   1 
ATOM   1011 O  O   . SER B 2 6   ? -2.843  -3.543  7.592   1.00 22.66 ? 758  SER B O   1 
ATOM   1012 C  CB  . SER B 2 6   ? -4.284  -0.974  9.240   1.00 24.52 ? 758  SER B CB  1 
ATOM   1013 O  OG  . SER B 2 6   ? -3.986  0.019   10.205  1.00 25.00 ? 758  SER B OG  1 
ATOM   1014 N  N   . THR B 2 7   ? -4.928  -3.855  8.368   1.00 21.86 ? 759  THR B N   1 
ATOM   1015 C  CA  . THR B 2 7   ? -5.338  -4.689  7.258   1.00 21.31 ? 759  THR B CA  1 
ATOM   1016 C  C   . THR B 2 7   ? -6.641  -4.108  6.722   1.00 21.03 ? 759  THR B C   1 
ATOM   1017 O  O   . THR B 2 7   ? -7.318  -3.335  7.426   1.00 21.04 ? 759  THR B O   1 
ATOM   1018 C  CB  . THR B 2 7   ? -5.487  -6.195  7.652   1.00 21.82 ? 759  THR B CB  1 
ATOM   1019 O  OG1 . THR B 2 7   ? -6.605  -6.358  8.514   1.00 21.74 ? 759  THR B OG1 1 
ATOM   1020 C  CG2 . THR B 2 7   ? -4.270  -6.709  8.373   1.00 20.18 ? 759  THR B CG2 1 
ATOM   1021 N  N   . VAL B 2 8   ? -6.977  -4.454  5.476   1.00 20.23 ? 760  VAL B N   1 
ATOM   1022 C  CA  . VAL B 2 8   ? -8.147  -3.910  4.808   1.00 20.53 ? 760  VAL B CA  1 
ATOM   1023 C  C   . VAL B 2 8   ? -9.339  -4.855  4.975   1.00 20.09 ? 760  VAL B C   1 
ATOM   1024 O  O   . VAL B 2 8   ? -9.207  -6.051  4.773   1.00 18.94 ? 760  VAL B O   1 
ATOM   1025 C  CB  . VAL B 2 8   ? -7.884  -3.688  3.276   1.00 20.87 ? 760  VAL B CB  1 
ATOM   1026 C  CG1 . VAL B 2 8   ? -9.039  -2.963  2.636   1.00 21.77 ? 760  VAL B CG1 1 
ATOM   1027 C  CG2 . VAL B 2 8   ? -6.614  -2.892  3.055   1.00 22.27 ? 760  VAL B CG2 1 
ATOM   1028 N  N   . VAL B 2 9   ? -10.499 -4.314  5.349   1.00 20.10 ? 761  VAL B N   1 
ATOM   1029 C  CA  . VAL B 2 9   ? -11.740 -5.091  5.284   1.00 20.21 ? 761  VAL B CA  1 
ATOM   1030 C  C   . VAL B 2 9   ? -12.333 -4.917  3.908   1.00 19.88 ? 761  VAL B C   1 
ATOM   1031 O  O   . VAL B 2 9   ? -12.748 -3.822  3.535   1.00 19.99 ? 761  VAL B O   1 
ATOM   1032 C  CB  . VAL B 2 9   ? -12.776 -4.707  6.381   1.00 20.34 ? 761  VAL B CB  1 
ATOM   1033 C  CG1 . VAL B 2 9   ? -13.947 -5.703  6.385   1.00 20.18 ? 761  VAL B CG1 1 
ATOM   1034 C  CG2 . VAL B 2 9   ? -12.124 -4.636  7.736   1.00 20.62 ? 761  VAL B CG2 1 
ATOM   1035 N  N   . HIS B 2 10  ? -12.326 -6.000  3.137   1.00 20.32 ? 762  HIS B N   1 
ATOM   1036 C  CA  . HIS B 2 10  ? -12.947 -6.028  1.820   1.00 21.35 ? 762  HIS B CA  1 
ATOM   1037 C  C   . HIS B 2 10  ? -14.387 -6.516  1.955   1.00 22.76 ? 762  HIS B C   1 
ATOM   1038 O  O   . HIS B 2 10  ? -14.638 -7.713  2.050   1.00 22.42 ? 762  HIS B O   1 
ATOM   1039 C  CB  . HIS B 2 10  ? -12.144 -6.920  0.856   1.00 20.76 ? 762  HIS B CB  1 
ATOM   1040 C  CG  . HIS B 2 10  ? -10.747 -6.429  0.595   1.00 18.95 ? 762  HIS B CG  1 
ATOM   1041 N  ND1 . HIS B 2 10  ? -9.647  -6.909  1.276   1.00 18.33 ? 762  HIS B ND1 1 
ATOM   1042 C  CD2 . HIS B 2 10  ? -10.272 -5.515  -0.286  1.00 19.46 ? 762  HIS B CD2 1 
ATOM   1043 C  CE1 . HIS B 2 10  ? -8.554  -6.316  0.821   1.00 20.16 ? 762  HIS B CE1 1 
ATOM   1044 N  NE2 . HIS B 2 10  ? -8.906  -5.454  -0.117  1.00 17.95 ? 762  HIS B NE2 1 
ATOM   1045 N  N   . SER B 2 11  ? -15.327 -5.576  2.004   1.00 24.85 ? 763  SER B N   1 
ATOM   1046 C  CA  . SER B 2 11  ? -16.748 -5.903  2.114   1.00 26.97 ? 763  SER B CA  1 
ATOM   1047 C  C   . SER B 2 11  ? -17.611 -4.906  1.345   1.00 28.23 ? 763  SER B C   1 
ATOM   1048 O  O   . SER B 2 11  ? -17.090 -3.993  0.681   1.00 28.79 ? 763  SER B O   1 
ATOM   1049 C  CB  . SER B 2 11  ? -17.174 -5.943  3.585   1.00 27.47 ? 763  SER B CB  1 
ATOM   1050 O  OG  . SER B 2 11  ? -16.415 -6.889  4.323   1.00 28.51 ? 763  SER B OG  1 
ATOM   1051 O  OXT . SER B 2 11  ? -18.857 -4.972  1.391   1.00 29.18 ? 763  SER B OXT 1 
HETATM 1052 O  O   . HOH C 3 .   ? -3.722  -9.756  0.484   1.00 14.42 ? 1001 HOH A O   1 
HETATM 1053 O  O   . HOH C 3 .   ? -5.718  -5.871  -2.727  1.00 15.25 ? 1002 HOH A O   1 
HETATM 1054 O  O   . HOH C 3 .   ? 4.283   -16.898 -4.469  1.00 34.19 ? 1003 HOH A O   1 
HETATM 1055 O  O   . HOH C 3 .   ? 13.295  7.213   -2.201  1.00 22.04 ? 1004 HOH A O   1 
HETATM 1056 O  O   . HOH C 3 .   ? -0.444  -4.935  7.171   1.00 18.66 ? 1005 HOH A O   1 
HETATM 1057 O  O   . HOH C 3 .   ? -4.335  -11.219 3.257   1.00 22.41 ? 1006 HOH A O   1 
HETATM 1058 O  O   . HOH C 3 .   ? -12.718 -13.125 4.588   1.00 19.72 ? 1007 HOH A O   1 
HETATM 1059 O  O   . HOH C 3 .   ? -8.743  -13.494 -4.897  1.00 30.55 ? 1008 HOH A O   1 
HETATM 1060 O  O   . HOH C 3 .   ? -8.876  -4.171  9.784   1.00 30.73 ? 1009 HOH A O   1 
HETATM 1061 O  O   . HOH C 3 .   ? 11.901  1.630   0.958   1.00 32.73 ? 1010 HOH A O   1 
HETATM 1062 O  O   . HOH C 3 .   ? -4.898  -10.497 7.705   1.00 29.86 ? 1011 HOH A O   1 
HETATM 1063 O  O   . HOH C 3 .   ? 6.118   15.705  2.582   1.00 27.75 ? 1012 HOH A O   1 
HETATM 1064 O  O   . HOH C 3 .   ? -7.512  -12.619 5.416   1.00 19.69 ? 1013 HOH A O   1 
HETATM 1065 O  O   . HOH C 3 .   ? 5.373   -7.100  -0.757  1.00 24.94 ? 1014 HOH A O   1 
HETATM 1066 O  O   . HOH C 3 .   ? 0.966   13.417  -6.676  1.00 37.93 ? 1016 HOH A O   1 
HETATM 1067 O  O   . HOH C 3 .   ? -11.445 -12.439 2.074   1.00 26.50 ? 1017 HOH A O   1 
HETATM 1068 O  O   . HOH C 3 .   ? -9.476  -11.561 3.568   1.00 28.17 ? 1018 HOH A O   1 
HETATM 1069 O  O   . HOH C 3 .   ? -3.074  -14.085 -7.559  1.00 34.15 ? 1021 HOH A O   1 
HETATM 1070 O  O   . HOH C 3 .   ? 13.091  5.348   -4.973  1.00 26.40 ? 1022 HOH A O   1 
HETATM 1071 O  O   . HOH C 3 .   ? 2.724   10.909  8.940   1.00 42.57 ? 1023 HOH A O   1 
HETATM 1072 O  O   . HOH C 3 .   ? -11.073 1.918   -0.693  1.00 26.02 ? 1024 HOH A O   1 
HETATM 1073 O  O   . HOH C 3 .   ? -11.933 1.904   -3.311  1.00 24.51 ? 1025 HOH A O   1 
HETATM 1074 O  O   . HOH C 3 .   ? -13.760 -6.437  -3.133  1.00 44.53 ? 1026 HOH A O   1 
HETATM 1075 O  O   . HOH C 3 .   ? 11.923  -7.238  3.740   1.00 42.13 ? 1027 HOH A O   1 
HETATM 1076 O  O   . HOH C 3 .   ? -5.510  12.761  10.932  1.00 42.91 ? 1028 HOH A O   1 
HETATM 1077 O  O   . HOH C 3 .   ? -9.851  8.531   -4.548  1.00 35.33 ? 1030 HOH A O   1 
HETATM 1078 O  O   . HOH C 3 .   ? 5.623   16.343  5.236   1.00 36.76 ? 1031 HOH A O   1 
HETATM 1079 O  O   . HOH C 3 .   ? -2.398  -12.450 5.148   1.00 54.80 ? 1033 HOH A O   1 
HETATM 1080 O  O   . HOH C 3 .   ? -16.204 -1.699  2.043   1.00 45.57 ? 1034 HOH A O   1 
HETATM 1081 O  O   . HOH C 3 .   ? 16.130  3.693   4.713   1.00 55.24 ? 1035 HOH A O   1 
HETATM 1082 O  O   . HOH C 3 .   ? 4.263   5.081   9.117   1.00 45.23 ? 1036 HOH A O   1 
HETATM 1083 O  O   . HOH C 3 .   ? 3.523   -3.354  -11.028 1.00 39.07 ? 1037 HOH A O   1 
HETATM 1084 O  O   . HOH C 3 .   ? -6.829  -14.412 -7.066  1.00 33.70 ? 1039 HOH A O   1 
HETATM 1085 O  O   . HOH C 3 .   ? -15.619 9.272   6.670   1.00 51.55 ? 1040 HOH A O   1 
HETATM 1086 O  O   . HOH C 3 .   ? 12.099  -4.691  -0.131  1.00 34.48 ? 1041 HOH A O   1 
HETATM 1087 O  O   . HOH C 3 .   ? -16.656 1.867   -5.200  1.00 44.04 ? 1042 HOH A O   1 
HETATM 1088 O  O   . HOH C 3 .   ? 11.216  2.874   11.270  1.00 39.07 ? 1043 HOH A O   1 
HETATM 1089 O  O   . HOH C 3 .   ? 10.186  5.534   -14.108 1.00 38.58 ? 1044 HOH A O   1 
HETATM 1090 O  O   . HOH C 3 .   ? 18.041  6.985   5.931   1.00 47.55 ? 1045 HOH A O   1 
HETATM 1091 O  O   . HOH C 3 .   ? 4.247   -11.515 0.144   1.00 35.52 ? 1046 HOH A O   1 
HETATM 1092 O  O   . HOH C 3 .   ? 1.263   8.457   11.995  1.00 42.54 ? 1047 HOH A O   1 
HETATM 1093 O  O   . HOH C 3 .   ? -13.157 -8.918  -4.104  1.00 39.45 ? 1048 HOH A O   1 
HETATM 1094 O  O   . HOH C 3 .   ? -7.589  6.932   3.903   1.00 54.61 ? 1049 HOH A O   1 
HETATM 1095 O  O   . HOH C 3 .   ? 0.147   15.257  -1.712  1.00 54.22 ? 1050 HOH A O   1 
HETATM 1096 O  O   . HOH C 3 .   ? 4.682   -11.623 9.113   1.00 43.75 ? 1051 HOH A O   1 
HETATM 1097 O  O   . HOH C 3 .   ? -3.950  4.237   -10.970 1.00 27.26 ? 1052 HOH A O   1 
HETATM 1098 O  O   . HOH C 3 .   ? 6.889   10.970  -7.360  1.00 46.52 ? 1053 HOH A O   1 
HETATM 1099 O  O   . HOH C 3 .   ? -4.019  -10.778 -11.363 1.00 38.28 ? 1054 HOH A O   1 
HETATM 1100 O  O   . HOH C 3 .   ? 9.921   4.705   -8.125  1.00 35.41 ? 1055 HOH A O   1 
HETATM 1101 O  O   . HOH C 3 .   ? 8.623   15.646  -8.378  1.00 40.85 ? 1056 HOH A O   1 
HETATM 1102 O  O   . HOH C 3 .   ? -6.859  5.241   14.363  1.00 46.34 ? 1057 HOH A O   1 
HETATM 1103 O  O   . HOH C 3 .   ? 5.258   8.913   -4.519  1.00 35.82 ? 1058 HOH A O   1 
HETATM 1104 O  O   . HOH D 3 .   ? 9.276   0.180   9.314   1.00 28.63 ? 1015 HOH B O   1 
HETATM 1105 O  O   . HOH D 3 .   ? -6.439  -3.605  10.987  1.00 25.21 ? 1019 HOH B O   1 
HETATM 1106 O  O   . HOH D 3 .   ? 0.785   -1.938  14.361  1.00 31.69 ? 1020 HOH B O   1 
HETATM 1107 O  O   . HOH D 3 .   ? -17.196 -6.807  6.935   1.00 37.33 ? 1029 HOH B O   1 
HETATM 1108 O  O   . HOH D 3 .   ? -4.588  -4.361  13.750  1.00 50.80 ? 1032 HOH B O   1 
HETATM 1109 O  O   . HOH D 3 .   ? -6.897  -7.292  11.023  1.00 46.94 ? 1038 HOH B O   1 
# 
